data_4X17
#
_entry.id   4X17
#
_cell.length_a   149.740
_cell.length_b   95.390
_cell.length_c   128.880
_cell.angle_alpha   90.00
_cell.angle_beta   110.40
_cell.angle_gamma   90.00
#
_symmetry.space_group_name_H-M   'C 1 2 1'
#
loop_
_entity.id
_entity.type
_entity.pdbx_description
1 polymer 'Major capsid protein VP1'
2 branched 'N-acetyl-alpha-neuraminic acid-(2-8)-N-acetyl-alpha-neuraminic acid'
3 non-polymer GLYCEROL
4 non-polymer 1,2-ETHANEDIOL
5 non-polymer 'POTASSIUM ION'
6 non-polymer 'N-acetyl-alpha-neuraminic acid'
7 water water
#
_entity_poly.entity_id   1
_entity_poly.type   'polypeptide(L)'
_entity_poly.pdbx_seq_one_letter_code
;GSHMGGVEVLEVKTGVDSITEVECFLTPEMGDPDEHLRGFSKSISISDTFESDSPNRDMLPCYSVARIPLPNLNEDLTCG
NILMWEAVTLKTEVIGVTSLMNVHSNGQATHDNGAGKPVQGTSFHFFSVGGEALELQGVLFNYRTKYPDGTIFPKNATVQ
SQVMNTEHKAYLDKNKAYPVECWVPDPTRNENTRYFGTLTGGENVPPVLHITNTATTVLLDEFGVGPLCKGDNLYLSAVD
VCGMFTNRSGSQQWRGLSRYFKVQLRKRRVKN
;
_entity_poly.pdbx_strand_id   A,B,C,D,E
#
loop_
_chem_comp.id
_chem_comp.type
_chem_comp.name
_chem_comp.formula
EDO non-polymer 1,2-ETHANEDIOL 'C2 H6 O2'
GOL non-polymer GLYCEROL 'C3 H8 O3'
K non-polymer 'POTASSIUM ION' 'K 1'
SIA D-saccharide, alpha linking 'N-acetyl-alpha-neuraminic acid' 'C11 H19 N O9'
#
# COMPACT_ATOMS: atom_id res chain seq x y z
N VAL A 7 7.23 -29.84 28.86
CA VAL A 7 7.98 -29.39 30.08
C VAL A 7 7.27 -28.21 30.73
N GLU A 8 7.34 -28.15 32.06
CA GLU A 8 6.84 -26.99 32.79
C GLU A 8 7.90 -25.89 32.69
N VAL A 9 7.49 -24.72 32.20
CA VAL A 9 8.37 -23.56 32.17
C VAL A 9 8.25 -22.83 33.49
N LEU A 10 9.38 -22.59 34.16
CA LEU A 10 9.38 -21.91 35.44
C LEU A 10 9.99 -20.51 35.32
N GLU A 11 10.75 -20.06 36.33
CA GLU A 11 11.19 -18.67 36.39
C GLU A 11 12.42 -18.38 35.51
N VAL A 12 12.53 -17.12 35.13
CA VAL A 12 13.68 -16.57 34.44
C VAL A 12 14.79 -16.33 35.47
N LYS A 13 16.02 -16.67 35.12
CA LYS A 13 17.17 -16.34 35.97
C LYS A 13 17.52 -14.88 35.77
N THR A 14 18.00 -14.23 36.82
CA THR A 14 18.45 -12.85 36.71
C THR A 14 19.91 -12.74 37.08
N GLY A 15 20.45 -11.53 36.96
CA GLY A 15 21.84 -11.28 37.28
C GLY A 15 22.64 -11.12 36.01
N VAL A 16 23.83 -10.56 36.16
CA VAL A 16 24.76 -10.31 35.06
C VAL A 16 24.94 -11.51 34.11
N ASP A 17 25.07 -12.71 34.68
CA ASP A 17 25.39 -13.92 33.93
C ASP A 17 24.20 -14.55 33.16
N SER A 18 23.01 -13.98 33.29
CA SER A 18 21.78 -14.65 32.90
C SER A 18 21.33 -14.34 31.47
N ILE A 19 22.06 -13.46 30.80
CA ILE A 19 21.70 -13.06 29.44
C ILE A 19 22.86 -13.32 28.49
N THR A 20 22.56 -13.64 27.24
CA THR A 20 23.58 -13.72 26.21
C THR A 20 23.00 -13.25 24.89
N GLU A 21 23.88 -12.98 23.94
CA GLU A 21 23.47 -12.40 22.69
C GLU A 21 24.13 -13.16 21.55
N VAL A 22 23.40 -13.37 20.48
CA VAL A 22 23.93 -13.97 19.27
C VAL A 22 23.83 -12.92 18.18
N GLU A 23 24.92 -12.74 17.45
CA GLU A 23 24.92 -11.82 16.32
C GLU A 23 25.65 -12.49 15.16
N CYS A 24 25.00 -12.52 14.00
CA CYS A 24 25.61 -13.14 12.81
C CYS A 24 24.89 -12.76 11.52
N PHE A 25 25.44 -13.21 10.41
CA PHE A 25 24.73 -13.10 9.15
C PHE A 25 24.58 -14.46 8.50
N LEU A 26 23.51 -14.61 7.74
CA LEU A 26 23.27 -15.79 6.97
C LEU A 26 23.38 -15.36 5.51
N THR A 27 24.29 -15.98 4.78
CA THR A 27 24.41 -15.69 3.36
C THR A 27 23.31 -16.39 2.58
N PRO A 28 22.90 -15.80 1.45
CA PRO A 28 21.89 -16.44 0.59
C PRO A 28 22.47 -17.61 -0.19
N GLU A 29 21.61 -18.56 -0.57
CA GLU A 29 22.03 -19.72 -1.35
C GLU A 29 21.11 -19.82 -2.57
N MET A 30 21.46 -19.02 -3.57
CA MET A 30 20.65 -18.84 -4.77
C MET A 30 20.98 -19.83 -5.88
N GLY A 31 22.12 -20.53 -5.76
CA GLY A 31 22.51 -21.50 -6.78
C GLY A 31 23.98 -21.42 -7.16
N ASP A 32 24.51 -20.20 -7.21
CA ASP A 32 25.94 -19.94 -7.40
C ASP A 32 26.47 -20.74 -8.59
N PRO A 33 26.01 -20.39 -9.80
CA PRO A 33 26.26 -21.18 -11.00
C PRO A 33 27.72 -21.21 -11.49
N ASP A 34 28.50 -20.21 -11.11
CA ASP A 34 29.93 -20.23 -11.38
C ASP A 34 30.70 -19.43 -10.33
N GLU A 35 32.01 -19.36 -10.49
CA GLU A 35 32.86 -18.76 -9.46
C GLU A 35 32.79 -17.24 -9.40
N HIS A 36 32.00 -16.63 -10.28
CA HIS A 36 31.80 -15.17 -10.24
C HIS A 36 30.40 -14.76 -9.84
N LEU A 37 29.54 -15.73 -9.53
CA LEU A 37 28.10 -15.44 -9.45
C LEU A 37 27.48 -15.86 -8.12
N ARG A 38 28.28 -15.80 -7.06
CA ARG A 38 27.78 -15.94 -5.70
C ARG A 38 26.66 -14.94 -5.45
N GLY A 39 25.52 -15.42 -4.96
CA GLY A 39 24.36 -14.57 -4.70
C GLY A 39 23.36 -14.57 -5.84
N PHE A 40 23.73 -15.16 -6.97
CA PHE A 40 22.82 -15.32 -8.11
C PHE A 40 22.53 -16.82 -8.35
N SER A 41 21.40 -17.08 -9.01
CA SER A 41 21.14 -18.39 -9.55
C SER A 41 21.63 -18.48 -11.00
N LYS A 42 21.64 -19.70 -11.52
CA LYS A 42 21.75 -19.94 -12.94
C LYS A 42 20.59 -19.25 -13.67
N SER A 43 20.79 -18.84 -14.91
CA SER A 43 19.71 -18.31 -15.73
CA SER A 43 19.70 -18.29 -15.69
C SER A 43 18.55 -19.30 -15.70
N ILE A 44 17.33 -18.78 -15.71
CA ILE A 44 16.16 -19.64 -15.65
C ILE A 44 15.78 -20.15 -17.06
N SER A 45 15.64 -21.47 -17.19
CA SER A 45 15.10 -22.07 -18.40
CA SER A 45 15.12 -22.11 -18.39
C SER A 45 13.75 -22.67 -18.08
N ILE A 46 12.91 -22.78 -19.10
CA ILE A 46 11.54 -23.27 -18.95
C ILE A 46 11.35 -24.61 -19.65
N SER A 47 10.80 -25.59 -18.94
CA SER A 47 10.49 -26.88 -19.54
C SER A 47 9.35 -26.73 -20.55
N ASP A 48 9.33 -27.62 -21.54
CA ASP A 48 8.28 -27.67 -22.56
C ASP A 48 6.93 -28.12 -22.03
N THR A 49 6.95 -29.00 -21.02
CA THR A 49 5.75 -29.58 -20.41
C THR A 49 5.95 -29.70 -18.92
N PHE A 50 4.87 -29.92 -18.17
CA PHE A 50 4.98 -30.25 -16.74
C PHE A 50 5.80 -31.51 -16.52
N GLU A 51 5.58 -32.52 -17.35
CA GLU A 51 6.27 -33.79 -17.14
C GLU A 51 7.78 -33.69 -17.37
N SER A 52 8.23 -32.72 -18.18
CA SER A 52 9.66 -32.57 -18.47
C SER A 52 10.39 -31.55 -17.56
N ASP A 53 9.71 -31.00 -16.56
CA ASP A 53 10.33 -30.04 -15.64
C ASP A 53 11.46 -30.73 -14.89
N SER A 54 12.67 -30.22 -15.07
CA SER A 54 13.87 -30.89 -14.57
CA SER A 54 13.88 -30.89 -14.56
C SER A 54 14.93 -29.85 -14.23
N PRO A 55 14.66 -29.00 -13.22
CA PRO A 55 15.56 -27.89 -12.90
C PRO A 55 16.91 -28.35 -12.37
N ASN A 56 17.98 -27.73 -12.85
CA ASN A 56 19.29 -28.05 -12.33
C ASN A 56 19.49 -27.42 -10.98
N ARG A 57 20.38 -28.02 -10.21
CA ARG A 57 20.60 -27.59 -8.84
C ARG A 57 20.97 -26.10 -8.74
N ASP A 58 21.82 -25.63 -9.66
CA ASP A 58 22.27 -24.25 -9.56
C ASP A 58 21.21 -23.23 -10.00
N MET A 59 20.05 -23.71 -10.45
CA MET A 59 18.91 -22.85 -10.78
C MET A 59 17.88 -22.73 -9.64
N LEU A 60 18.10 -23.44 -8.52
CA LEU A 60 17.13 -23.49 -7.41
C LEU A 60 17.63 -22.82 -6.13
N PRO A 61 17.11 -21.64 -5.81
CA PRO A 61 17.38 -21.09 -4.48
C PRO A 61 16.96 -22.07 -3.38
N CYS A 62 17.72 -22.06 -2.28
CA CYS A 62 17.47 -22.92 -1.15
C CYS A 62 17.37 -22.09 0.12
N TYR A 63 16.74 -22.68 1.13
CA TYR A 63 16.72 -22.07 2.46
C TYR A 63 18.12 -22.02 3.04
N SER A 64 18.42 -20.92 3.74
CA SER A 64 19.66 -20.79 4.52
C SER A 64 19.34 -21.15 5.96
N VAL A 65 20.31 -21.76 6.62
CA VAL A 65 20.17 -22.13 8.04
C VAL A 65 21.52 -22.06 8.74
N ALA A 66 21.52 -21.61 9.98
CA ALA A 66 22.68 -21.69 10.83
C ALA A 66 22.22 -22.25 12.17
N ARG A 67 22.95 -23.25 12.65
CA ARG A 67 22.79 -23.77 14.01
C ARG A 67 23.92 -23.14 14.84
N ILE A 68 23.54 -22.32 15.81
CA ILE A 68 24.49 -21.55 16.59
C ILE A 68 24.57 -22.15 17.99
N PRO A 69 25.73 -22.75 18.36
CA PRO A 69 25.84 -23.24 19.72
C PRO A 69 25.87 -22.09 20.74
N LEU A 70 25.20 -22.30 21.86
CA LEU A 70 25.10 -21.31 22.91
C LEU A 70 25.91 -21.80 24.10
N PRO A 71 26.19 -20.91 25.08
CA PRO A 71 26.94 -21.38 26.23
C PRO A 71 26.29 -22.57 26.94
N ASN A 72 27.10 -23.56 27.29
CA ASN A 72 26.59 -24.78 27.87
C ASN A 72 25.88 -24.52 29.20
N LEU A 73 24.69 -25.09 29.41
CA LEU A 73 23.97 -24.92 30.68
C LEU A 73 23.97 -26.17 31.58
N ILE A 82 17.10 -28.06 35.50
CA ILE A 82 17.39 -27.85 34.08
C ILE A 82 17.13 -26.39 33.64
N LEU A 83 18.16 -25.79 33.05
CA LEU A 83 18.07 -24.45 32.49
C LEU A 83 18.13 -24.55 30.96
N MET A 84 17.42 -23.65 30.30
CA MET A 84 17.47 -23.52 28.83
C MET A 84 17.58 -22.07 28.47
N TRP A 85 18.31 -21.77 27.41
CA TRP A 85 18.30 -20.45 26.82
C TRP A 85 16.99 -20.19 26.14
N GLU A 86 16.42 -19.02 26.42
CA GLU A 86 15.15 -18.58 25.86
C GLU A 86 15.39 -17.37 24.97
N ALA A 87 14.98 -17.46 23.72
CA ALA A 87 15.17 -16.38 22.76
C ALA A 87 14.04 -15.36 22.97
N VAL A 88 14.41 -14.10 23.23
CA VAL A 88 13.45 -13.07 23.66
C VAL A 88 13.21 -12.01 22.60
N THR A 89 14.28 -11.50 21.99
CA THR A 89 14.16 -10.46 20.96
C THR A 89 15.04 -10.72 19.77
N LEU A 90 14.62 -10.14 18.65
CA LEU A 90 15.32 -10.23 17.36
C LEU A 90 15.40 -8.85 16.72
N LYS A 91 16.60 -8.49 16.24
CA LYS A 91 16.76 -7.42 15.28
C LYS A 91 17.28 -8.08 14.02
N THR A 92 16.72 -7.70 12.88
CA THR A 92 17.13 -8.32 11.65
C THR A 92 16.98 -7.31 10.51
N GLU A 93 17.86 -7.44 9.52
CA GLU A 93 17.67 -6.74 8.27
C GLU A 93 18.47 -7.35 7.13
N VAL A 94 18.05 -6.99 5.93
CA VAL A 94 18.72 -7.43 4.74
C VAL A 94 19.96 -6.55 4.53
N ILE A 95 21.10 -7.19 4.25
CA ILE A 95 22.38 -6.51 4.14
C ILE A 95 22.77 -6.33 2.69
N GLY A 96 22.99 -5.07 2.30
CA GLY A 96 23.44 -4.72 0.95
C GLY A 96 22.32 -4.28 0.03
N VAL A 97 21.28 -3.67 0.61
CA VAL A 97 20.12 -3.28 -0.22
C VAL A 97 20.50 -2.32 -1.35
N THR A 98 21.46 -1.43 -1.11
CA THR A 98 21.86 -0.45 -2.10
C THR A 98 22.60 -1.07 -3.33
N SER A 99 23.07 -2.31 -3.21
CA SER A 99 23.70 -3.02 -4.33
C SER A 99 22.76 -3.11 -5.53
N LEU A 100 21.45 -3.13 -5.25
CA LEU A 100 20.47 -3.20 -6.32
C LEU A 100 20.40 -1.90 -7.14
N MET A 101 21.16 -0.88 -6.76
CA MET A 101 21.25 0.32 -7.58
C MET A 101 22.31 0.22 -8.68
N ASN A 102 23.01 -0.91 -8.79
CA ASN A 102 23.89 -1.11 -9.93
C ASN A 102 23.06 -1.50 -11.15
N VAL A 103 22.71 -0.49 -11.94
CA VAL A 103 21.93 -0.64 -13.16
C VAL A 103 22.82 -0.33 -14.36
N HIS A 104 24.12 -0.59 -14.22
CA HIS A 104 25.08 -0.30 -15.28
C HIS A 104 25.98 -1.47 -15.62
N SER A 105 25.63 -2.66 -15.14
CA SER A 105 26.46 -3.86 -15.26
C SER A 105 25.74 -4.96 -16.03
N ASN A 106 25.93 -4.96 -17.36
CA ASN A 106 25.38 -5.97 -18.26
C ASN A 106 23.88 -6.27 -18.06
N GLY A 107 23.08 -5.24 -17.84
CA GLY A 107 21.65 -5.41 -17.69
C GLY A 107 20.92 -4.98 -18.96
N GLN A 108 19.75 -5.55 -19.17
CA GLN A 108 18.93 -5.19 -20.30
C GLN A 108 18.40 -3.77 -20.09
N ALA A 109 18.56 -2.93 -21.11
CA ALA A 109 18.12 -1.55 -21.03
C ALA A 109 16.60 -1.47 -20.91
N THR A 110 16.13 -0.51 -20.13
CA THR A 110 14.69 -0.25 -19.97
C THR A 110 14.02 0.13 -21.29
N HIS A 111 14.76 0.84 -22.12
CA HIS A 111 14.33 1.26 -23.44
C HIS A 111 15.56 1.73 -24.16
N ASP A 112 15.44 2.11 -25.42
CA ASP A 112 16.60 2.57 -26.20
C ASP A 112 17.34 3.73 -25.53
N ASN A 113 18.61 3.52 -25.25
CA ASN A 113 19.49 4.52 -24.60
C ASN A 113 19.30 4.65 -23.10
N GLY A 114 18.43 3.81 -22.56
CA GLY A 114 18.06 3.88 -21.15
C GLY A 114 19.02 3.13 -20.24
N ALA A 115 18.81 3.27 -18.94
CA ALA A 115 19.58 2.53 -17.94
C ALA A 115 19.21 1.05 -17.95
N GLY A 116 20.04 0.25 -17.29
CA GLY A 116 19.74 -1.16 -17.11
C GLY A 116 18.57 -1.36 -16.18
N LYS A 117 17.80 -2.41 -16.43
CA LYS A 117 16.73 -2.79 -15.52
C LYS A 117 17.27 -3.22 -14.16
N PRO A 118 16.61 -2.78 -13.08
CA PRO A 118 17.01 -3.28 -11.78
C PRO A 118 16.42 -4.65 -11.51
N VAL A 119 16.91 -5.25 -10.43
CA VAL A 119 16.36 -6.49 -9.93
C VAL A 119 14.91 -6.23 -9.54
N GLN A 120 14.04 -7.11 -9.98
CA GLN A 120 12.62 -6.98 -9.72
C GLN A 120 11.92 -8.29 -10.01
N GLY A 121 10.64 -8.35 -9.69
CA GLY A 121 9.88 -9.55 -9.89
C GLY A 121 9.75 -10.35 -8.61
N THR A 122 9.35 -11.61 -8.74
CA THR A 122 9.01 -12.42 -7.60
C THR A 122 10.07 -12.44 -6.51
N SER A 123 9.64 -12.23 -5.26
CA SER A 123 10.53 -12.19 -4.12
C SER A 123 9.96 -13.04 -2.99
N PHE A 124 10.86 -13.58 -2.18
CA PHE A 124 10.46 -14.26 -0.96
C PHE A 124 11.44 -13.82 0.12
N HIS A 125 10.90 -13.19 1.16
CA HIS A 125 11.67 -12.74 2.31
C HIS A 125 11.11 -13.42 3.52
N PHE A 126 11.98 -14.15 4.20
CA PHE A 126 11.60 -15.06 5.26
C PHE A 126 12.70 -15.10 6.31
N PHE A 127 12.30 -15.13 7.58
CA PHE A 127 13.26 -15.45 8.61
C PHE A 127 12.57 -16.15 9.79
N SER A 128 13.34 -16.96 10.49
CA SER A 128 12.83 -17.64 11.67
C SER A 128 13.90 -17.79 12.71
N VAL A 129 13.45 -17.82 13.97
CA VAL A 129 14.32 -18.04 15.12
C VAL A 129 13.70 -19.17 15.94
N GLY A 130 14.46 -20.23 16.20
CA GLY A 130 13.90 -21.36 16.94
C GLY A 130 14.86 -22.06 17.85
N GLY A 131 14.31 -22.85 18.77
CA GLY A 131 15.12 -23.63 19.70
C GLY A 131 15.41 -25.03 19.20
N GLU A 132 15.13 -25.25 17.91
CA GLU A 132 15.35 -26.52 17.23
C GLU A 132 15.18 -26.22 15.74
N ALA A 133 15.49 -27.17 14.87
CA ALA A 133 15.39 -26.93 13.43
C ALA A 133 13.98 -26.54 13.03
N LEU A 134 13.89 -25.65 12.05
CA LEU A 134 12.62 -25.30 11.44
C LEU A 134 12.01 -26.56 10.84
N GLU A 135 10.75 -26.79 11.12
CA GLU A 135 10.01 -27.93 10.57
C GLU A 135 9.34 -27.54 9.26
N LEU A 136 9.54 -28.36 8.24
CA LEU A 136 9.08 -28.06 6.89
C LEU A 136 7.99 -29.01 6.44
N GLN A 137 7.08 -28.48 5.62
CA GLN A 137 6.07 -29.23 4.91
C GLN A 137 6.29 -28.99 3.42
N GLY A 138 6.29 -30.06 2.64
CA GLY A 138 6.47 -29.95 1.19
C GLY A 138 5.17 -29.68 0.47
N VAL A 139 5.22 -28.74 -0.48
CA VAL A 139 4.12 -28.47 -1.40
C VAL A 139 4.80 -28.19 -2.75
N LEU A 140 4.33 -28.86 -3.78
CA LEU A 140 4.94 -28.78 -5.11
C LEU A 140 4.02 -28.06 -6.08
N PHE A 141 4.60 -27.15 -6.86
CA PHE A 141 3.83 -26.53 -7.92
C PHE A 141 3.31 -27.57 -8.91
N ASN A 142 4.20 -28.51 -9.25
CA ASN A 142 4.03 -29.54 -10.25
C ASN A 142 4.67 -30.81 -9.70
N TYR A 143 3.84 -31.81 -9.38
CA TYR A 143 4.35 -32.99 -8.68
C TYR A 143 5.29 -33.80 -9.54
N ARG A 144 5.26 -33.58 -10.85
CA ARG A 144 6.12 -34.31 -11.79
C ARG A 144 7.48 -33.64 -12.01
N THR A 145 7.74 -32.53 -11.33
CA THR A 145 9.07 -31.92 -11.37
C THR A 145 10.12 -32.90 -10.87
N LYS A 146 11.18 -33.11 -11.65
CA LYS A 146 12.28 -33.96 -11.22
C LYS A 146 13.32 -33.07 -10.57
N TYR A 147 13.43 -33.15 -9.24
CA TYR A 147 14.39 -32.34 -8.52
C TYR A 147 15.80 -32.97 -8.59
N PRO A 148 16.84 -32.12 -8.58
CA PRO A 148 18.17 -32.61 -8.89
C PRO A 148 18.91 -33.26 -7.73
N ASP A 149 19.86 -34.11 -8.08
CA ASP A 149 20.79 -34.67 -7.12
C ASP A 149 21.47 -33.57 -6.35
N GLY A 150 21.66 -33.80 -5.06
CA GLY A 150 22.27 -32.79 -4.19
C GLY A 150 21.26 -31.87 -3.49
N THR A 151 19.98 -31.98 -3.85
CA THR A 151 18.92 -31.29 -3.11
C THR A 151 18.09 -32.31 -2.34
N ILE A 152 17.41 -31.82 -1.31
CA ILE A 152 16.53 -32.61 -0.47
C ILE A 152 15.11 -32.10 -0.74
N PHE A 153 14.28 -32.99 -1.29
CA PHE A 153 12.99 -32.60 -1.85
C PHE A 153 11.93 -33.62 -1.47
N PRO A 154 10.65 -33.23 -1.60
CA PRO A 154 9.58 -34.18 -1.28
C PRO A 154 9.67 -35.47 -2.10
N LYS A 155 9.67 -36.60 -1.40
CA LYS A 155 9.80 -37.94 -2.00
C LYS A 155 8.43 -38.60 -2.12
N ASN A 156 8.33 -39.54 -3.04
CA ASN A 156 7.08 -40.23 -3.34
C ASN A 156 5.96 -39.23 -3.64
N ALA A 157 6.29 -38.20 -4.42
CA ALA A 157 5.32 -37.17 -4.77
C ALA A 157 4.18 -37.79 -5.57
N THR A 158 2.96 -37.30 -5.31
CA THR A 158 1.76 -37.68 -6.04
C THR A 158 1.04 -36.41 -6.43
N VAL A 159 -0.05 -36.53 -7.17
CA VAL A 159 -0.76 -35.31 -7.57
C VAL A 159 -1.25 -34.56 -6.32
N GLN A 160 -1.54 -35.28 -5.25
CA GLN A 160 -1.97 -34.61 -4.02
C GLN A 160 -0.86 -33.72 -3.44
N SER A 161 0.40 -33.98 -3.78
CA SER A 161 1.51 -33.15 -3.36
C SER A 161 1.39 -31.70 -3.87
N GLN A 162 0.59 -31.50 -4.90
CA GLN A 162 0.32 -30.15 -5.42
C GLN A 162 -0.55 -29.29 -4.51
N VAL A 163 -1.22 -29.91 -3.52
CA VAL A 163 -2.05 -29.16 -2.54
C VAL A 163 -1.73 -29.48 -1.06
N MET A 164 -1.66 -30.74 -0.71
CA MET A 164 -1.24 -31.14 0.65
C MET A 164 -1.09 -32.65 0.75
N ASN A 165 0.14 -33.09 0.91
CA ASN A 165 0.46 -34.49 1.10
C ASN A 165 1.26 -34.53 2.39
N THR A 166 0.67 -35.12 3.42
CA THR A 166 1.28 -35.03 4.75
C THR A 166 2.53 -35.90 4.91
N GLU A 167 2.88 -36.69 3.90
CA GLU A 167 4.12 -37.45 3.94
C GLU A 167 5.34 -36.54 3.90
N HIS A 168 5.20 -35.37 3.26
CA HIS A 168 6.37 -34.50 3.00
C HIS A 168 6.72 -33.64 4.18
N LYS A 169 7.28 -34.29 5.20
CA LYS A 169 7.79 -33.64 6.40
C LYS A 169 9.31 -33.69 6.41
N ALA A 170 9.93 -32.58 6.82
CA ALA A 170 11.37 -32.49 6.94
C ALA A 170 11.80 -31.47 7.97
N TYR A 171 13.09 -31.51 8.29
CA TYR A 171 13.74 -30.52 9.14
C TYR A 171 14.71 -29.72 8.29
N LEU A 172 14.72 -28.41 8.47
CA LEU A 172 15.69 -27.57 7.80
C LEU A 172 17.02 -27.72 8.53
N ASP A 173 17.78 -28.74 8.15
CA ASP A 173 18.95 -29.20 8.92
C ASP A 173 20.23 -29.23 8.10
N LYS A 174 20.20 -28.63 6.92
CA LYS A 174 21.37 -28.59 6.07
C LYS A 174 21.28 -27.36 5.17
N ASN A 175 22.42 -26.71 4.94
CA ASN A 175 22.49 -25.57 4.02
CA ASN A 175 22.48 -25.55 4.05
C ASN A 175 22.63 -26.02 2.59
N LYS A 176 22.24 -25.16 1.65
CA LYS A 176 22.36 -25.44 0.21
C LYS A 176 21.64 -26.70 -0.23
N ALA A 177 20.56 -27.06 0.46
CA ALA A 177 19.95 -28.36 0.22
C ALA A 177 18.45 -28.35 -0.02
N TYR A 178 17.72 -27.53 0.74
CA TYR A 178 16.26 -27.56 0.71
C TYR A 178 15.75 -26.44 -0.21
N PRO A 179 15.25 -26.80 -1.42
CA PRO A 179 14.84 -25.73 -2.33
C PRO A 179 13.65 -24.95 -1.82
N VAL A 180 13.69 -23.65 -2.01
CA VAL A 180 12.67 -22.74 -1.51
C VAL A 180 11.32 -23.13 -2.10
N GLU A 181 11.28 -23.45 -3.39
CA GLU A 181 10.01 -23.70 -4.08
C GLU A 181 9.28 -24.98 -3.66
N CYS A 182 9.99 -25.89 -2.98
CA CYS A 182 9.46 -27.19 -2.55
C CYS A 182 8.89 -27.21 -1.15
N TRP A 183 9.29 -26.26 -0.31
CA TRP A 183 9.11 -26.38 1.14
C TRP A 183 8.66 -25.10 1.74
N VAL A 184 7.78 -25.20 2.74
CA VAL A 184 7.37 -24.08 3.58
C VAL A 184 7.46 -24.50 5.04
N PRO A 185 7.52 -23.53 5.96
CA PRO A 185 7.34 -23.87 7.38
C PRO A 185 6.03 -24.65 7.59
N ASP A 186 6.10 -25.72 8.36
CA ASP A 186 4.95 -26.56 8.66
C ASP A 186 4.13 -25.89 9.75
N PRO A 187 2.94 -25.33 9.41
CA PRO A 187 2.17 -24.66 10.45
C PRO A 187 1.59 -25.61 11.49
N THR A 188 1.57 -26.91 11.20
CA THR A 188 1.07 -27.90 12.12
C THR A 188 2.09 -28.24 13.22
N ARG A 189 3.33 -27.80 13.05
CA ARG A 189 4.37 -28.04 14.03
C ARG A 189 4.98 -26.67 14.39
N ASN A 190 6.30 -26.62 14.60
CA ASN A 190 6.99 -25.35 14.87
C ASN A 190 6.55 -24.58 16.11
N GLU A 191 6.07 -25.30 17.13
CA GLU A 191 5.69 -24.71 18.42
C GLU A 191 6.86 -23.94 19.07
N ASN A 192 8.07 -24.40 18.79
CA ASN A 192 9.29 -23.89 19.42
C ASN A 192 10.14 -23.00 18.52
N THR A 193 9.50 -22.45 17.50
CA THR A 193 10.10 -21.53 16.55
C THR A 193 9.15 -20.35 16.31
N ARG A 194 9.71 -19.19 15.97
CA ARG A 194 8.90 -18.07 15.50
C ARG A 194 9.33 -17.80 14.07
N TYR A 195 8.40 -17.89 13.13
CA TYR A 195 8.73 -17.67 11.70
C TYR A 195 7.88 -16.57 11.08
N PHE A 196 8.45 -15.91 10.08
CA PHE A 196 7.82 -14.77 9.42
C PHE A 196 8.28 -14.75 7.96
N GLY A 197 7.33 -14.66 7.03
CA GLY A 197 7.69 -14.62 5.61
C GLY A 197 6.65 -13.97 4.74
N THR A 198 7.10 -13.42 3.62
CA THR A 198 6.21 -12.84 2.63
C THR A 198 6.68 -13.23 1.24
N LEU A 199 5.78 -13.81 0.49
CA LEU A 199 5.95 -14.03 -0.94
C LEU A 199 5.24 -12.88 -1.66
N THR A 200 5.98 -12.18 -2.51
CA THR A 200 5.36 -11.19 -3.39
C THR A 200 5.62 -11.63 -4.83
N GLY A 201 4.59 -12.10 -5.53
CA GLY A 201 4.77 -12.69 -6.86
C GLY A 201 4.47 -11.76 -8.02
N GLY A 202 5.10 -11.94 -9.14
CA GLY A 202 4.76 -11.11 -10.31
C GLY A 202 6.03 -10.62 -10.89
N GLU A 203 6.10 -10.58 -12.22
CA GLU A 203 7.37 -10.29 -12.88
CA GLU A 203 7.31 -10.25 -12.99
C GLU A 203 7.81 -8.85 -12.73
N ASN A 204 6.89 -7.94 -12.38
CA ASN A 204 7.27 -6.54 -12.30
C ASN A 204 7.23 -5.95 -10.88
N VAL A 205 7.08 -6.81 -9.86
CA VAL A 205 7.01 -6.26 -8.52
CA VAL A 205 7.06 -6.38 -8.47
C VAL A 205 8.34 -5.62 -8.13
N PRO A 206 8.23 -4.42 -7.53
CA PRO A 206 9.43 -3.72 -7.08
C PRO A 206 9.92 -4.20 -5.72
N PRO A 207 11.24 -4.42 -5.59
CA PRO A 207 11.73 -4.62 -4.22
C PRO A 207 11.46 -3.38 -3.35
N VAL A 208 10.97 -3.61 -2.13
CA VAL A 208 10.82 -2.55 -1.15
C VAL A 208 11.52 -3.05 0.09
N LEU A 209 12.70 -2.52 0.36
CA LEU A 209 13.58 -3.07 1.38
C LEU A 209 13.90 -1.97 2.36
N HIS A 210 13.52 -2.18 3.62
CA HIS A 210 13.71 -1.19 4.66
C HIS A 210 14.84 -1.59 5.54
N ILE A 211 15.63 -0.62 6.00
CA ILE A 211 16.73 -0.87 6.94
C ILE A 211 16.63 0.14 8.09
N THR A 212 16.91 -0.34 9.30
CA THR A 212 17.00 0.52 10.46
C THR A 212 17.55 -0.30 11.61
N ASN A 213 18.30 0.36 12.49
CA ASN A 213 18.80 -0.32 13.70
C ASN A 213 17.93 -0.02 14.92
N THR A 214 16.70 0.48 14.69
CA THR A 214 15.82 0.90 15.77
C THR A 214 14.60 -0.01 15.95
N ALA A 215 14.51 -1.09 15.17
CA ALA A 215 13.34 -1.98 15.17
C ALA A 215 13.67 -3.32 15.82
N THR A 216 12.83 -3.75 16.77
CA THR A 216 13.01 -5.03 17.45
C THR A 216 11.72 -5.84 17.33
N THR A 217 11.86 -7.14 17.11
CA THR A 217 10.74 -8.08 17.16
C THR A 217 10.83 -8.88 18.46
N VAL A 218 9.73 -8.89 19.21
CA VAL A 218 9.67 -9.66 20.44
C VAL A 218 9.25 -11.09 20.07
N LEU A 219 9.94 -12.08 20.63
CA LEU A 219 9.77 -13.48 20.23
C LEU A 219 8.93 -14.30 21.22
N LEU A 220 8.45 -13.63 22.25
CA LEU A 220 7.63 -14.30 23.30
C LEU A 220 6.25 -14.62 22.72
N ASP A 221 5.74 -15.80 23.08
CA ASP A 221 4.37 -16.15 22.73
C ASP A 221 3.37 -15.46 23.68
N GLU A 222 2.11 -15.87 23.61
CA GLU A 222 1.05 -15.24 24.39
C GLU A 222 1.16 -15.56 25.90
N PHE A 223 1.96 -16.57 26.25
CA PHE A 223 2.23 -16.89 27.66
C PHE A 223 3.51 -16.24 28.19
N GLY A 224 4.17 -15.44 27.37
CA GLY A 224 5.42 -14.79 27.75
C GLY A 224 6.66 -15.67 27.58
N VAL A 225 6.57 -16.70 26.74
CA VAL A 225 7.66 -17.69 26.58
C VAL A 225 8.21 -17.67 25.14
N GLY A 226 9.51 -17.46 25.03
CA GLY A 226 10.19 -17.52 23.75
C GLY A 226 10.67 -18.91 23.39
N PRO A 227 11.23 -19.06 22.19
CA PRO A 227 11.83 -20.34 21.81
C PRO A 227 12.85 -20.79 22.86
N LEU A 228 12.80 -22.07 23.22
CA LEU A 228 13.68 -22.65 24.23
C LEU A 228 14.67 -23.57 23.53
N CYS A 229 15.96 -23.33 23.74
CA CYS A 229 17.01 -23.91 22.89
C CYS A 229 17.45 -25.28 23.37
N LYS A 230 16.91 -26.31 22.73
CA LYS A 230 17.22 -27.70 23.04
C LYS A 230 18.68 -27.99 22.75
N GLY A 231 19.34 -28.59 23.72
CA GLY A 231 20.77 -28.88 23.60
C GLY A 231 21.63 -27.64 23.45
N ASP A 232 21.15 -26.48 23.91
CA ASP A 232 21.92 -25.23 23.82
C ASP A 232 22.28 -24.85 22.39
N ASN A 233 21.35 -25.08 21.45
CA ASN A 233 21.51 -24.66 20.07
C ASN A 233 20.40 -23.71 19.69
N LEU A 234 20.75 -22.62 19.04
CA LEU A 234 19.80 -21.69 18.46
C LEU A 234 19.79 -21.86 16.95
N TYR A 235 18.60 -21.95 16.37
CA TYR A 235 18.47 -22.14 14.93
C TYR A 235 17.92 -20.88 14.27
N LEU A 236 18.69 -20.35 13.33
CA LEU A 236 18.31 -19.21 12.51
C LEU A 236 18.15 -19.68 11.08
N SER A 237 17.05 -19.28 10.45
CA SER A 237 16.79 -19.64 9.06
C SER A 237 16.37 -18.39 8.31
N ALA A 238 16.67 -18.35 7.01
CA ALA A 238 16.31 -17.19 6.19
C ALA A 238 16.20 -17.56 4.71
N VAL A 239 15.40 -16.80 4.03
CA VAL A 239 15.44 -16.70 2.57
C VAL A 239 15.24 -15.22 2.23
N ASP A 240 16.07 -14.67 1.34
CA ASP A 240 15.88 -13.33 0.83
C ASP A 240 16.15 -13.30 -0.67
N VAL A 241 15.23 -13.92 -1.39
CA VAL A 241 15.22 -13.85 -2.85
C VAL A 241 14.62 -12.50 -3.17
N CYS A 242 15.43 -11.57 -3.68
CA CYS A 242 15.00 -10.19 -3.86
C CYS A 242 14.22 -9.93 -5.13
N GLY A 243 14.36 -10.84 -6.08
CA GLY A 243 13.78 -10.69 -7.40
C GLY A 243 14.74 -11.33 -8.40
N MET A 244 14.58 -10.95 -9.66
CA MET A 244 15.43 -11.44 -10.74
CA MET A 244 15.46 -11.44 -10.69
C MET A 244 16.21 -10.32 -11.39
N PHE A 245 17.46 -10.63 -11.74
CA PHE A 245 18.30 -9.78 -12.56
C PHE A 245 18.15 -10.23 -13.99
N THR A 246 17.97 -9.26 -14.89
CA THR A 246 17.81 -9.52 -16.31
C THR A 246 19.06 -9.02 -17.02
N ASN A 247 19.81 -9.93 -17.64
CA ASN A 247 20.98 -9.46 -18.39
C ASN A 247 20.61 -9.01 -19.81
N ARG A 248 21.61 -8.53 -20.55
CA ARG A 248 21.35 -7.92 -21.86
C ARG A 248 20.66 -8.86 -22.85
N SER A 249 20.86 -10.16 -22.71
CA SER A 249 20.22 -11.13 -23.61
C SER A 249 18.73 -11.34 -23.27
N GLY A 250 18.30 -10.87 -22.10
CA GLY A 250 16.92 -11.13 -21.64
C GLY A 250 16.83 -12.27 -20.64
N SER A 251 17.89 -13.08 -20.52
CA SER A 251 17.87 -14.16 -19.53
CA SER A 251 17.94 -14.16 -19.52
C SER A 251 17.79 -13.58 -18.13
N GLN A 252 17.17 -14.34 -17.24
CA GLN A 252 16.93 -13.87 -15.90
C GLN A 252 17.47 -14.83 -14.89
N GLN A 253 18.02 -14.27 -13.81
CA GLN A 253 18.58 -15.03 -12.69
CA GLN A 253 18.46 -15.10 -12.71
C GLN A 253 18.06 -14.48 -11.38
N TRP A 254 17.80 -15.36 -10.41
CA TRP A 254 17.44 -14.91 -9.09
C TRP A 254 18.62 -14.20 -8.47
N ARG A 255 18.37 -13.16 -7.69
CA ARG A 255 19.40 -12.48 -6.90
C ARG A 255 18.96 -12.43 -5.44
N GLY A 256 19.84 -12.90 -4.55
CA GLY A 256 19.59 -12.88 -3.12
C GLY A 256 20.59 -12.02 -2.37
N LEU A 257 20.28 -11.72 -1.11
CA LEU A 257 21.15 -10.95 -0.25
C LEU A 257 21.18 -11.60 1.12
N SER A 258 22.24 -11.31 1.87
CA SER A 258 22.43 -11.80 3.23
C SER A 258 21.47 -11.13 4.21
N ARG A 259 21.24 -11.82 5.32
CA ARG A 259 20.40 -11.32 6.38
C ARG A 259 21.16 -11.30 7.70
N TYR A 260 21.08 -10.15 8.36
CA TYR A 260 21.66 -9.94 9.68
C TYR A 260 20.67 -10.42 10.74
N PHE A 261 21.18 -11.07 11.79
CA PHE A 261 20.37 -11.45 12.97
C PHE A 261 21.10 -11.03 14.22
N LYS A 262 20.39 -10.43 15.16
CA LYS A 262 20.87 -10.23 16.54
C LYS A 262 19.75 -10.67 17.45
N VAL A 263 20.05 -11.71 18.24
CA VAL A 263 19.07 -12.30 19.14
C VAL A 263 19.54 -12.17 20.58
N GLN A 264 18.66 -11.66 21.44
CA GLN A 264 18.92 -11.61 22.87
CA GLN A 264 18.91 -11.61 22.88
C GLN A 264 18.24 -12.81 23.54
N LEU A 265 18.99 -13.49 24.40
CA LEU A 265 18.51 -14.67 25.08
C LEU A 265 18.69 -14.56 26.58
N ARG A 266 17.84 -15.25 27.32
CA ARG A 266 17.94 -15.27 28.78
C ARG A 266 17.81 -16.70 29.27
N LYS A 267 18.31 -16.96 30.46
CA LYS A 267 18.22 -18.29 31.03
C LYS A 267 16.88 -18.50 31.71
N ARG A 268 16.24 -19.63 31.38
CA ARG A 268 14.93 -19.99 31.93
C ARG A 268 15.01 -21.37 32.59
N ARG A 269 14.47 -21.53 33.79
CA ARG A 269 14.38 -22.86 34.40
C ARG A 269 13.16 -23.60 33.86
N VAL A 270 13.33 -24.90 33.59
CA VAL A 270 12.23 -25.76 33.17
C VAL A 270 12.26 -27.07 33.95
N LYS A 271 11.11 -27.76 33.99
CA LYS A 271 11.03 -29.10 34.58
C LYS A 271 10.57 -30.09 33.52
N VAL B 7 31.71 3.69 28.88
CA VAL B 7 30.98 4.93 29.30
C VAL B 7 29.71 4.62 30.09
N GLU B 8 29.75 4.88 31.39
CA GLU B 8 28.55 4.86 32.23
C GLU B 8 27.76 6.14 31.94
N VAL B 9 26.50 5.99 31.54
CA VAL B 9 25.65 7.13 31.25
C VAL B 9 24.92 7.54 32.52
N LEU B 10 25.10 8.78 32.95
CA LEU B 10 24.50 9.25 34.19
C LEU B 10 23.38 10.25 33.89
N GLU B 11 23.20 11.28 34.72
CA GLU B 11 22.02 12.12 34.61
C GLU B 11 22.09 13.14 33.48
N VAL B 12 20.90 13.54 33.04
CA VAL B 12 20.71 14.64 32.12
C VAL B 12 20.85 15.93 32.88
N LYS B 13 21.61 16.89 32.35
CA LYS B 13 21.69 18.22 32.94
C LYS B 13 20.42 18.99 32.56
N THR B 14 19.90 19.79 33.48
CA THR B 14 18.76 20.68 33.20
C THR B 14 19.19 22.14 33.38
N GLY B 15 18.27 23.06 33.16
CA GLY B 15 18.56 24.49 33.21
C GLY B 15 18.57 25.06 31.81
N VAL B 16 18.39 26.38 31.70
CA VAL B 16 18.33 27.04 30.40
C VAL B 16 19.52 26.68 29.50
N ASP B 17 20.69 26.53 30.13
CA ASP B 17 21.94 26.25 29.46
C ASP B 17 22.07 24.82 28.84
N SER B 18 21.12 23.94 29.12
CA SER B 18 21.34 22.51 28.96
C SER B 18 20.87 21.93 27.62
N ILE B 19 20.29 22.74 26.76
CA ILE B 19 19.74 22.26 25.50
C ILE B 19 20.27 23.08 24.33
N THR B 20 20.35 22.47 23.17
CA THR B 20 20.71 23.17 21.94
C THR B 20 20.07 22.47 20.75
N GLU B 21 19.98 23.19 19.65
CA GLU B 21 19.34 22.73 18.41
C GLU B 21 20.36 22.79 17.30
N VAL B 22 20.35 21.80 16.41
CA VAL B 22 21.08 21.90 15.14
C VAL B 22 20.06 21.88 14.01
N GLU B 23 20.24 22.76 13.05
CA GLU B 23 19.33 22.83 11.92
C GLU B 23 20.15 23.08 10.68
N CYS B 24 19.94 22.24 9.66
CA CYS B 24 20.69 22.37 8.42
C CYS B 24 20.08 21.55 7.29
N PHE B 25 20.63 21.78 6.09
CA PHE B 25 20.27 20.95 4.96
CA PHE B 25 20.27 21.05 4.88
C PHE B 25 21.52 20.26 4.44
N LEU B 26 21.37 19.00 4.05
CA LEU B 26 22.43 18.24 3.40
C LEU B 26 22.05 18.16 1.92
N THR B 27 22.93 18.65 1.06
CA THR B 27 22.70 18.59 -0.37
C THR B 27 23.03 17.19 -0.88
N PRO B 28 22.35 16.75 -1.97
CA PRO B 28 22.63 15.43 -2.53
C PRO B 28 23.92 15.46 -3.34
N GLU B 29 24.54 14.28 -3.49
CA GLU B 29 25.77 14.14 -4.28
C GLU B 29 25.58 13.04 -5.30
N MET B 30 24.95 13.41 -6.41
CA MET B 30 24.53 12.47 -7.44
C MET B 30 25.56 12.26 -8.55
N GLY B 31 26.57 13.11 -8.63
CA GLY B 31 27.62 12.98 -9.63
C GLY B 31 28.01 14.31 -10.26
N ASP B 32 27.01 15.13 -10.55
CA ASP B 32 27.21 16.52 -11.00
C ASP B 32 28.14 16.58 -12.23
N PRO B 33 27.68 16.00 -13.35
CA PRO B 33 28.55 15.76 -14.51
C PRO B 33 29.04 17.03 -15.23
N ASP B 34 28.37 18.16 -15.04
CA ASP B 34 28.87 19.44 -15.56
C ASP B 34 28.36 20.58 -14.69
N GLU B 35 28.73 21.80 -15.05
CA GLU B 35 28.43 22.97 -14.22
C GLU B 35 26.95 23.37 -14.23
N HIS B 36 26.13 22.69 -15.02
CA HIS B 36 24.68 22.94 -15.05
C HIS B 36 23.86 21.86 -14.42
N LEU B 37 24.49 20.78 -13.92
CA LEU B 37 23.75 19.58 -13.58
C LEU B 37 23.90 19.13 -12.13
N ARG B 38 24.09 20.10 -11.24
CA ARG B 38 24.03 19.85 -9.81
C ARG B 38 22.71 19.15 -9.46
N GLY B 39 22.80 18.03 -8.75
CA GLY B 39 21.61 17.25 -8.38
C GLY B 39 21.28 16.10 -9.31
N PHE B 40 22.00 16.01 -10.43
CA PHE B 40 21.84 14.94 -11.40
C PHE B 40 23.15 14.15 -11.48
N SER B 41 23.04 12.89 -11.90
CA SER B 41 24.20 12.12 -12.30
C SER B 41 24.42 12.29 -13.82
N LYS B 42 25.59 11.83 -14.26
CA LYS B 42 25.81 11.57 -15.69
C LYS B 42 24.76 10.56 -16.18
N SER B 43 24.43 10.59 -17.47
CA SER B 43 23.53 9.57 -18.00
CA SER B 43 23.54 9.57 -18.01
C SER B 43 24.14 8.19 -17.79
N ILE B 44 23.27 7.21 -17.57
CA ILE B 44 23.70 5.87 -17.27
C ILE B 44 24.06 5.08 -18.55
N SER B 45 25.25 4.47 -18.56
CA SER B 45 25.65 3.55 -19.62
CA SER B 45 25.69 3.56 -19.61
C SER B 45 25.78 2.17 -19.00
N ILE B 46 25.68 1.15 -19.84
CA ILE B 46 25.64 -0.24 -19.39
C ILE B 46 26.83 -1.00 -19.96
N SER B 47 27.60 -1.65 -19.09
CA SER B 47 28.73 -2.45 -19.52
C SER B 47 28.24 -3.67 -20.26
N ASP B 48 29.07 -4.17 -21.17
CA ASP B 48 28.74 -5.35 -21.95
C ASP B 48 28.93 -6.67 -21.21
N THR B 49 29.75 -6.67 -20.15
CA THR B 49 29.96 -7.84 -19.32
C THR B 49 30.09 -7.39 -17.88
N PHE B 50 29.95 -8.31 -16.93
CA PHE B 50 30.22 -7.98 -15.53
C PHE B 50 31.65 -7.48 -15.33
N GLU B 51 32.62 -8.15 -15.93
CA GLU B 51 34.00 -7.77 -15.61
C GLU B 51 34.44 -6.43 -16.21
N SER B 52 33.72 -5.95 -17.23
CA SER B 52 34.00 -4.65 -17.85
C SER B 52 33.20 -3.46 -17.26
N ASP B 53 32.45 -3.73 -16.19
CA ASP B 53 31.69 -2.70 -15.49
C ASP B 53 32.70 -1.72 -14.88
N SER B 54 32.69 -0.49 -15.39
CA SER B 54 33.66 0.52 -15.01
CA SER B 54 33.67 0.53 -15.03
C SER B 54 32.98 1.89 -14.96
N PRO B 55 32.14 2.10 -13.94
CA PRO B 55 31.35 3.34 -13.89
C PRO B 55 32.22 4.58 -13.65
N ASN B 56 31.98 5.64 -14.40
CA ASN B 56 32.65 6.91 -14.14
C ASN B 56 32.16 7.53 -12.85
N ARG B 57 33.05 8.30 -12.23
CA ARG B 57 32.73 8.87 -10.93
C ARG B 57 31.44 9.68 -10.99
N ASP B 58 31.26 10.46 -12.05
CA ASP B 58 30.10 11.35 -12.08
C ASP B 58 28.80 10.62 -12.44
N MET B 59 28.86 9.29 -12.60
CA MET B 59 27.69 8.44 -12.82
C MET B 59 27.26 7.77 -11.51
N LEU B 60 28.01 7.97 -10.44
CA LEU B 60 27.73 7.29 -9.17
C LEU B 60 27.24 8.21 -8.04
N PRO B 61 25.96 8.07 -7.66
CA PRO B 61 25.53 8.75 -6.44
C PRO B 61 26.34 8.30 -5.23
N CYS B 62 26.62 9.23 -4.33
CA CYS B 62 27.36 8.98 -3.11
C CYS B 62 26.56 9.38 -1.88
N TYR B 63 26.94 8.82 -0.74
CA TYR B 63 26.36 9.24 0.52
C TYR B 63 26.75 10.69 0.83
N SER B 64 25.81 11.44 1.39
CA SER B 64 26.10 12.77 1.92
C SER B 64 26.34 12.68 3.41
N VAL B 65 27.23 13.52 3.90
CA VAL B 65 27.55 13.57 5.32
C VAL B 65 27.92 15.00 5.73
N ALA B 66 27.45 15.38 6.91
CA ALA B 66 27.88 16.61 7.55
C ALA B 66 28.28 16.31 9.00
N ARG B 67 29.47 16.78 9.36
CA ARG B 67 29.93 16.80 10.73
C ARG B 67 29.68 18.20 11.27
N ILE B 68 28.82 18.31 12.27
CA ILE B 68 28.42 19.61 12.81
C ILE B 68 29.03 19.80 14.19
N PRO B 69 29.91 20.81 14.34
CA PRO B 69 30.46 21.09 15.68
C PRO B 69 29.40 21.69 16.59
N LEU B 70 29.37 21.23 17.84
CA LEU B 70 28.44 21.70 18.86
C LEU B 70 29.15 22.62 19.85
N PRO B 71 28.38 23.35 20.68
CA PRO B 71 29.04 24.14 21.71
C PRO B 71 29.99 23.28 22.55
N ASN B 72 31.21 23.79 22.78
CA ASN B 72 32.23 22.99 23.46
C ASN B 72 31.83 22.72 24.91
N LEU B 73 32.00 21.48 25.33
CA LEU B 73 31.75 21.09 26.72
C LEU B 73 33.11 20.78 27.34
N ASN B 74 33.15 20.59 28.66
CA ASN B 74 34.36 20.10 29.36
C ASN B 74 35.58 21.03 29.36
N ILE B 82 32.66 14.80 32.83
CA ILE B 82 32.52 14.75 31.37
C ILE B 82 31.06 14.88 30.94
N LEU B 83 30.74 15.96 30.24
CA LEU B 83 29.42 16.13 29.63
C LEU B 83 29.52 15.85 28.13
N MET B 84 28.46 15.28 27.59
CA MET B 84 28.33 15.06 26.17
C MET B 84 26.95 15.51 25.74
N TRP B 85 26.87 16.06 24.54
CA TRP B 85 25.60 16.35 23.92
C TRP B 85 24.96 15.06 23.49
N GLU B 86 23.67 14.94 23.79
CA GLU B 86 22.88 13.75 23.49
C GLU B 86 21.77 14.12 22.52
N ALA B 87 21.73 13.47 21.36
CA ALA B 87 20.69 13.76 20.36
C ALA B 87 19.40 13.05 20.79
N VAL B 88 18.30 13.80 20.90
CA VAL B 88 17.05 13.30 21.49
C VAL B 88 15.95 13.20 20.43
N THR B 89 15.78 14.21 19.61
CA THR B 89 14.77 14.18 18.56
C THR B 89 15.28 14.69 17.21
N LEU B 90 14.57 14.27 16.17
CA LEU B 90 14.85 14.64 14.78
C LEU B 90 13.55 15.02 14.07
N LYS B 91 13.58 16.14 13.36
CA LYS B 91 12.60 16.39 12.30
C LYS B 91 13.40 16.41 11.03
N THR B 92 12.87 15.77 9.99
CA THR B 92 13.56 15.69 8.70
C THR B 92 12.55 15.65 7.56
N GLU B 93 12.96 16.17 6.40
CA GLU B 93 12.20 15.96 5.18
C GLU B 93 13.00 16.32 3.96
N VAL B 94 12.51 15.82 2.83
CA VAL B 94 13.15 16.05 1.55
C VAL B 94 12.70 17.43 1.07
N ILE B 95 13.66 18.24 0.60
CA ILE B 95 13.40 19.62 0.22
C ILE B 95 13.34 19.76 -1.30
N GLY B 96 12.23 20.28 -1.79
CA GLY B 96 12.06 20.52 -3.21
C GLY B 96 11.26 19.45 -3.94
N VAL B 97 10.37 18.77 -3.22
CA VAL B 97 9.64 17.65 -3.81
C VAL B 97 8.86 18.07 -5.05
N THR B 98 8.36 19.31 -5.08
CA THR B 98 7.53 19.78 -6.18
C THR B 98 8.32 20.03 -7.46
N SER B 99 9.64 20.15 -7.37
CA SER B 99 10.47 20.31 -8.57
C SER B 99 10.26 19.16 -9.58
N LEU B 100 9.88 17.99 -9.06
CA LEU B 100 9.60 16.81 -9.88
C LEU B 100 8.33 16.98 -10.75
N MET B 101 7.61 18.09 -10.59
CA MET B 101 6.48 18.42 -11.46
C MET B 101 6.92 19.13 -12.74
N ASN B 102 8.21 19.39 -12.88
CA ASN B 102 8.67 19.92 -14.17
C ASN B 102 8.75 18.80 -15.18
N VAL B 103 7.69 18.69 -15.99
CA VAL B 103 7.58 17.68 -17.02
C VAL B 103 7.60 18.34 -18.40
N HIS B 104 8.23 19.52 -18.48
CA HIS B 104 8.31 20.28 -19.73
C HIS B 104 9.73 20.60 -20.18
N SER B 105 10.74 20.04 -19.50
CA SER B 105 12.14 20.44 -19.70
C SER B 105 12.91 19.33 -20.42
N ASN B 106 12.72 19.28 -21.73
CA ASN B 106 13.34 18.30 -22.63
C ASN B 106 13.32 16.86 -22.16
N GLY B 107 12.17 16.45 -21.65
CA GLY B 107 11.94 15.06 -21.30
C GLY B 107 11.47 14.26 -22.50
N GLN B 108 11.31 12.96 -22.27
CA GLN B 108 10.76 12.07 -23.26
C GLN B 108 9.24 12.04 -23.08
N ALA B 109 8.50 12.37 -24.14
CA ALA B 109 7.05 12.38 -24.09
C ALA B 109 6.55 10.98 -23.77
N THR B 110 5.56 10.91 -22.90
CA THR B 110 4.97 9.63 -22.52
C THR B 110 4.29 8.94 -23.69
N HIS B 111 3.80 9.71 -24.65
CA HIS B 111 3.19 9.26 -25.91
C HIS B 111 3.12 10.46 -26.84
N ASP B 112 2.70 10.26 -28.08
CA ASP B 112 2.63 11.36 -29.06
C ASP B 112 1.79 12.54 -28.57
N ASN B 113 2.43 13.71 -28.48
CA ASN B 113 1.79 14.97 -28.07
C ASN B 113 1.65 15.11 -26.56
N GLY B 114 2.15 14.13 -25.82
CA GLY B 114 1.99 14.06 -24.38
C GLY B 114 3.02 14.88 -23.63
N ALA B 115 2.86 14.96 -22.31
CA ALA B 115 3.83 15.60 -21.43
C ALA B 115 5.08 14.75 -21.26
N GLY B 116 6.13 15.35 -20.72
CA GLY B 116 7.35 14.61 -20.43
C GLY B 116 7.17 13.62 -19.30
N LYS B 117 7.87 12.50 -19.38
CA LYS B 117 7.89 11.52 -18.30
C LYS B 117 8.51 12.12 -17.05
N PRO B 118 7.86 11.93 -15.89
CA PRO B 118 8.42 12.47 -14.66
C PRO B 118 9.53 11.58 -14.13
N VAL B 119 10.30 12.11 -13.20
CA VAL B 119 11.31 11.31 -12.49
C VAL B 119 10.61 10.12 -11.85
N GLN B 120 11.19 8.94 -12.02
CA GLN B 120 10.62 7.72 -11.50
C GLN B 120 11.65 6.62 -11.56
N GLY B 121 11.30 5.49 -10.97
CA GLY B 121 12.20 4.36 -10.90
C GLY B 121 12.95 4.26 -9.59
N THR B 122 13.99 3.43 -9.61
CA THR B 122 14.73 3.07 -8.41
C THR B 122 15.08 4.28 -7.52
N SER B 123 14.76 4.18 -6.23
CA SER B 123 15.00 5.24 -5.28
C SER B 123 15.62 4.68 -4.02
N PHE B 124 16.41 5.50 -3.37
CA PHE B 124 16.92 5.18 -2.05
C PHE B 124 16.83 6.46 -1.22
N HIS B 125 16.07 6.36 -0.12
CA HIS B 125 15.85 7.45 0.82
C HIS B 125 16.34 6.98 2.15
N PHE B 126 17.30 7.72 2.70
CA PHE B 126 18.06 7.28 3.85
C PHE B 126 18.51 8.47 4.68
N PHE B 127 18.48 8.30 6.00
CA PHE B 127 19.07 9.31 6.85
C PHE B 127 19.50 8.70 8.17
N SER B 128 20.49 9.34 8.78
CA SER B 128 20.99 8.91 10.06
C SER B 128 21.52 10.08 10.89
N VAL B 129 21.44 9.91 12.19
CA VAL B 129 21.93 10.88 13.17
C VAL B 129 22.76 10.09 14.15
N GLY B 130 24.02 10.48 14.34
CA GLY B 130 24.91 9.80 15.27
C GLY B 130 25.89 10.71 15.96
N GLY B 131 26.53 10.17 17.01
CA GLY B 131 27.55 10.87 17.76
C GLY B 131 28.95 10.59 17.27
N GLU B 132 29.05 10.04 16.07
CA GLU B 132 30.30 9.70 15.41
C GLU B 132 29.91 9.29 13.99
N ALA B 133 30.91 9.09 13.13
CA ALA B 133 30.66 8.75 11.74
C ALA B 133 29.84 7.48 11.61
N LEU B 134 28.93 7.48 10.64
CA LEU B 134 28.18 6.29 10.28
C LEU B 134 29.18 5.19 9.89
N GLU B 135 28.96 4.00 10.42
CA GLU B 135 29.81 2.85 10.11
C GLU B 135 29.20 2.05 8.97
N LEU B 136 30.04 1.74 7.98
CA LEU B 136 29.60 1.11 6.74
C LEU B 136 30.15 -0.28 6.56
N GLN B 137 29.34 -1.10 5.87
CA GLN B 137 29.69 -2.43 5.42
C GLN B 137 29.51 -2.42 3.91
N GLY B 138 30.51 -2.89 3.21
CA GLY B 138 30.47 -2.96 1.75
C GLY B 138 29.77 -4.23 1.28
N VAL B 139 28.89 -4.07 0.30
CA VAL B 139 28.29 -5.18 -0.44
C VAL B 139 28.23 -4.76 -1.90
N LEU B 140 28.70 -5.64 -2.77
CA LEU B 140 28.81 -5.36 -4.20
C LEU B 140 27.81 -6.15 -5.03
N PHE B 141 27.12 -5.48 -5.95
CA PHE B 141 26.27 -6.20 -6.89
C PHE B 141 27.09 -7.20 -7.74
N ASN B 142 28.26 -6.72 -8.15
CA ASN B 142 29.17 -7.41 -9.05
C ASN B 142 30.57 -7.11 -8.52
N TYR B 143 31.24 -8.12 -7.99
CA TYR B 143 32.53 -7.91 -7.35
C TYR B 143 33.60 -7.46 -8.33
N ARG B 144 33.36 -7.66 -9.62
CA ARG B 144 34.34 -7.28 -10.64
C ARG B 144 34.20 -5.83 -11.12
N THR B 145 33.22 -5.09 -10.58
CA THR B 145 33.09 -3.69 -10.91
C THR B 145 34.37 -2.94 -10.56
N LYS B 146 34.83 -2.12 -11.49
CA LYS B 146 36.03 -1.30 -11.30
C LYS B 146 35.52 0.07 -10.90
N TYR B 147 35.65 0.42 -9.62
CA TYR B 147 35.18 1.71 -9.13
C TYR B 147 36.24 2.79 -9.40
N PRO B 148 35.80 4.02 -9.66
CA PRO B 148 36.68 5.06 -10.20
C PRO B 148 37.52 5.79 -9.17
N ASP B 149 38.62 6.38 -9.65
CA ASP B 149 39.46 7.21 -8.81
C ASP B 149 38.65 8.35 -8.24
N GLY B 150 38.92 8.66 -6.98
CA GLY B 150 38.19 9.70 -6.27
C GLY B 150 37.05 9.17 -5.44
N THR B 151 36.70 7.89 -5.61
CA THR B 151 35.71 7.28 -4.75
C THR B 151 36.42 6.36 -3.76
N ILE B 152 35.73 6.05 -2.66
CA ILE B 152 36.23 5.14 -1.67
C ILE B 152 35.29 3.95 -1.69
N PHE B 153 35.85 2.78 -1.99
CA PHE B 153 35.05 1.59 -2.31
C PHE B 153 35.66 0.35 -1.69
N PRO B 154 34.88 -0.75 -1.62
CA PRO B 154 35.42 -1.96 -1.04
C PRO B 154 36.67 -2.45 -1.78
N LYS B 155 37.77 -2.63 -1.05
CA LYS B 155 39.05 -3.06 -1.60
C LYS B 155 39.24 -4.56 -1.39
N ASN B 156 40.11 -5.16 -2.21
CA ASN B 156 40.32 -6.61 -2.21
C ASN B 156 39.00 -7.38 -2.37
N ALA B 157 38.14 -6.91 -3.25
CA ALA B 157 36.83 -7.56 -3.46
C ALA B 157 37.06 -8.99 -3.98
N THR B 158 36.21 -9.91 -3.55
CA THR B 158 36.20 -11.29 -4.01
C THR B 158 34.76 -11.60 -4.35
N VAL B 159 34.51 -12.78 -4.89
CA VAL B 159 33.14 -13.15 -5.24
C VAL B 159 32.25 -13.17 -3.99
N GLN B 160 32.83 -13.46 -2.82
CA GLN B 160 32.07 -13.41 -1.57
C GLN B 160 31.58 -11.99 -1.21
N SER B 161 32.25 -10.98 -1.74
CA SER B 161 31.82 -9.61 -1.57
C SER B 161 30.43 -9.33 -2.17
N GLN B 162 29.94 -10.21 -3.04
CA GLN B 162 28.58 -10.11 -3.60
C GLN B 162 27.49 -10.48 -2.60
N VAL B 163 27.87 -11.12 -1.50
CA VAL B 163 26.90 -11.46 -0.44
C VAL B 163 27.32 -10.97 0.95
N MET B 164 28.57 -11.19 1.36
CA MET B 164 29.09 -10.64 2.62
CA MET B 164 29.08 -10.65 2.62
C MET B 164 30.57 -10.94 2.74
N ASN B 165 31.37 -9.90 2.80
CA ASN B 165 32.80 -10.04 3.03
C ASN B 165 33.10 -9.04 4.13
N THR B 166 33.40 -9.55 5.32
CA THR B 166 33.58 -8.72 6.51
C THR B 166 34.84 -7.84 6.49
N GLU B 167 35.69 -8.00 5.47
CA GLU B 167 36.81 -7.08 5.30
C GLU B 167 36.33 -5.67 4.99
N HIS B 168 35.18 -5.54 4.32
CA HIS B 168 34.73 -4.24 3.82
C HIS B 168 34.05 -3.39 4.87
N LYS B 169 34.84 -2.84 5.79
CA LYS B 169 34.36 -1.91 6.80
C LYS B 169 34.90 -0.53 6.51
N ALA B 170 34.07 0.48 6.70
CA ALA B 170 34.50 1.87 6.53
C ALA B 170 33.70 2.83 7.40
N TYR B 171 34.18 4.07 7.47
CA TYR B 171 33.46 5.17 8.09
C TYR B 171 33.02 6.15 7.02
N LEU B 172 31.77 6.60 7.10
CA LEU B 172 31.30 7.65 6.23
C LEU B 172 31.87 8.96 6.76
N ASP B 173 33.11 9.24 6.37
CA ASP B 173 33.89 10.34 6.92
C ASP B 173 34.30 11.35 5.85
N LYS B 174 33.70 11.28 4.67
CA LYS B 174 34.03 12.20 3.60
C LYS B 174 32.85 12.33 2.64
N ASN B 175 32.60 13.55 2.16
CA ASN B 175 31.54 13.82 1.19
CA ASN B 175 31.50 13.80 1.23
C ASN B 175 31.98 13.52 -0.21
N LYS B 176 31.03 13.24 -1.09
CA LYS B 176 31.33 12.97 -2.52
C LYS B 176 32.28 11.81 -2.72
N ALA B 177 32.25 10.81 -1.85
CA ALA B 177 33.30 9.81 -1.88
C ALA B 177 32.80 8.38 -1.86
N TYR B 178 31.79 8.10 -1.02
CA TYR B 178 31.34 6.74 -0.76
C TYR B 178 30.14 6.44 -1.63
N PRO B 179 30.32 5.61 -2.69
CA PRO B 179 29.18 5.42 -3.58
C PRO B 179 28.04 4.69 -2.90
N VAL B 180 26.82 5.11 -3.20
CA VAL B 180 25.66 4.52 -2.54
C VAL B 180 25.63 3.00 -2.81
N GLU B 181 25.89 2.58 -4.05
CA GLU B 181 25.66 1.22 -4.45
C GLU B 181 26.61 0.18 -3.83
N CYS B 182 27.74 0.59 -3.27
CA CYS B 182 28.61 -0.41 -2.67
C CYS B 182 28.65 -0.42 -1.14
N TRP B 183 27.91 0.45 -0.50
CA TRP B 183 27.94 0.57 0.96
C TRP B 183 26.58 0.66 1.57
N VAL B 184 26.43 0.03 2.73
CA VAL B 184 25.23 0.16 3.56
C VAL B 184 25.65 0.37 5.02
N PRO B 185 24.75 0.88 5.85
CA PRO B 185 25.03 0.92 7.29
C PRO B 185 25.37 -0.48 7.79
N ASP B 186 26.40 -0.58 8.61
CA ASP B 186 26.85 -1.86 9.16
C ASP B 186 25.99 -2.23 10.36
N PRO B 187 25.12 -3.23 10.23
CA PRO B 187 24.25 -3.53 11.37
C PRO B 187 24.96 -4.13 12.59
N THR B 188 26.21 -4.58 12.43
CA THR B 188 27.00 -5.13 13.52
C THR B 188 27.64 -4.02 14.35
N ARG B 189 27.58 -2.78 13.87
CA ARG B 189 28.16 -1.67 14.59
C ARG B 189 27.08 -0.57 14.76
N ASN B 190 27.45 0.70 14.68
CA ASN B 190 26.47 1.80 14.77
C ASN B 190 25.65 1.81 16.05
N GLU B 191 26.25 1.41 17.17
CA GLU B 191 25.56 1.51 18.46
C GLU B 191 25.24 2.97 18.81
N ASN B 192 26.07 3.89 18.32
CA ASN B 192 25.95 5.31 18.66
C ASN B 192 25.34 6.18 17.56
N THR B 193 24.58 5.53 16.68
CA THR B 193 23.90 6.17 15.56
C THR B 193 22.50 5.56 15.44
N ARG B 194 21.54 6.35 14.97
CA ARG B 194 20.24 5.82 14.57
C ARG B 194 20.10 6.06 13.08
N TYR B 195 19.85 4.98 12.34
CA TYR B 195 19.72 5.06 10.87
C TYR B 195 18.43 4.46 10.36
N PHE B 196 17.99 4.97 9.22
CA PHE B 196 16.70 4.64 8.64
C PHE B 196 16.82 4.75 7.13
N GLY B 197 16.42 3.71 6.41
CA GLY B 197 16.47 3.78 4.94
C GLY B 197 15.47 2.88 4.25
N THR B 198 15.09 3.28 3.04
CA THR B 198 14.23 2.46 2.20
C THR B 198 14.72 2.48 0.75
N LEU B 199 14.98 1.28 0.22
CA LEU B 199 15.21 1.09 -1.20
C LEU B 199 13.89 0.66 -1.83
N THR B 200 13.45 1.39 -2.85
CA THR B 200 12.32 0.97 -3.65
C THR B 200 12.85 0.81 -5.09
N GLY B 201 12.96 -0.42 -5.55
CA GLY B 201 13.55 -0.72 -6.87
C GLY B 201 12.56 -1.05 -7.97
N GLY B 202 12.88 -0.72 -9.20
CA GLY B 202 11.94 -1.01 -10.28
C GLY B 202 11.96 0.18 -11.17
N GLU B 203 11.97 -0.05 -12.48
CA GLU B 203 12.20 1.07 -13.38
CA GLU B 203 12.12 0.98 -13.50
C GLU B 203 11.04 2.03 -13.39
N ASN B 204 9.86 1.61 -12.96
CA ASN B 204 8.69 2.49 -13.05
C ASN B 204 8.07 2.89 -11.73
N VAL B 205 8.78 2.67 -10.64
CA VAL B 205 8.20 3.00 -9.35
CA VAL B 205 8.26 3.01 -9.32
C VAL B 205 7.99 4.52 -9.21
N PRO B 206 6.82 4.91 -8.69
CA PRO B 206 6.53 6.33 -8.50
C PRO B 206 7.18 6.89 -7.25
N PRO B 207 7.83 8.06 -7.35
CA PRO B 207 8.20 8.73 -6.11
C PRO B 207 6.94 9.03 -5.27
N VAL B 208 7.02 8.73 -3.98
CA VAL B 208 5.96 9.07 -3.04
C VAL B 208 6.65 9.82 -1.91
N LEU B 209 6.52 11.14 -1.93
CA LEU B 209 7.31 11.99 -1.05
C LEU B 209 6.40 12.85 -0.20
N HIS B 210 6.47 12.62 1.09
CA HIS B 210 5.64 13.31 2.08
C HIS B 210 6.42 14.40 2.74
N ILE B 211 5.75 15.54 2.96
CA ILE B 211 6.29 16.66 3.71
C ILE B 211 5.33 17.11 4.82
N THR B 212 5.88 17.45 5.97
CA THR B 212 5.11 18.04 7.05
C THR B 212 6.06 18.53 8.14
N ASN B 213 5.68 19.61 8.81
CA ASN B 213 6.47 20.08 9.94
C ASN B 213 5.93 19.59 11.28
N THR B 214 5.07 18.57 11.27
CA THR B 214 4.42 18.10 12.47
C THR B 214 4.90 16.72 12.95
N ALA B 215 5.88 16.14 12.28
CA ALA B 215 6.38 14.79 12.57
C ALA B 215 7.76 14.85 13.20
N THR B 216 7.90 14.12 14.31
CA THR B 216 9.17 14.05 15.04
C THR B 216 9.58 12.58 15.23
N THR B 217 10.87 12.28 15.05
CA THR B 217 11.40 10.96 15.37
C THR B 217 12.21 11.07 16.66
N VAL B 218 11.93 10.19 17.62
CA VAL B 218 12.67 10.20 18.87
C VAL B 218 13.88 9.30 18.66
N LEU B 219 15.05 9.76 19.11
CA LEU B 219 16.32 9.10 18.85
C LEU B 219 16.82 8.25 20.03
N LEU B 220 16.06 8.24 21.12
CA LEU B 220 16.44 7.49 22.30
C LEU B 220 16.32 6.00 22.04
N ASP B 221 17.26 5.22 22.56
CA ASP B 221 17.12 3.78 22.50
C ASP B 221 16.17 3.28 23.60
N GLU B 222 16.08 1.96 23.75
CA GLU B 222 15.19 1.34 24.71
C GLU B 222 15.56 1.66 26.16
N PHE B 223 16.80 2.09 26.40
CA PHE B 223 17.21 2.52 27.73
C PHE B 223 17.08 4.02 27.95
N GLY B 224 16.54 4.74 26.98
CA GLY B 224 16.30 6.17 27.12
C GLY B 224 17.52 7.02 26.76
N VAL B 225 18.44 6.45 25.98
CA VAL B 225 19.70 7.13 25.66
C VAL B 225 19.82 7.35 24.17
N GLY B 226 20.08 8.60 23.79
CA GLY B 226 20.26 8.93 22.38
C GLY B 226 21.73 8.90 22.02
N PRO B 227 22.04 9.13 20.73
CA PRO B 227 23.44 9.24 20.33
C PRO B 227 24.21 10.27 21.18
N LEU B 228 25.43 9.92 21.56
CA LEU B 228 26.27 10.78 22.41
C LEU B 228 27.42 11.30 21.55
N CYS B 229 27.56 12.63 21.50
CA CYS B 229 28.42 13.26 20.48
C CYS B 229 29.87 13.35 20.94
N LYS B 230 30.68 12.42 20.44
CA LYS B 230 32.09 12.36 20.80
C LYS B 230 32.81 13.58 20.24
N GLY B 231 33.60 14.25 21.08
CA GLY B 231 34.30 15.46 20.66
C GLY B 231 33.40 16.63 20.32
N ASP B 232 32.15 16.58 20.79
CA ASP B 232 31.16 17.63 20.53
C ASP B 232 30.91 17.81 19.03
N ASN B 233 30.80 16.70 18.32
CA ASN B 233 30.44 16.67 16.91
C ASN B 233 29.22 15.79 16.69
N LEU B 234 28.27 16.32 15.95
CA LEU B 234 27.09 15.61 15.52
C LEU B 234 27.25 15.21 14.06
N TYR B 235 26.99 13.93 13.75
CA TYR B 235 27.06 13.45 12.36
C TYR B 235 25.70 13.20 11.77
N LEU B 236 25.44 13.87 10.64
CA LEU B 236 24.21 13.70 9.88
C LEU B 236 24.60 13.13 8.53
N SER B 237 23.87 12.11 8.10
CA SER B 237 24.10 11.46 6.82
C SER B 237 22.80 11.24 6.10
N ALA B 238 22.83 11.27 4.77
CA ALA B 238 21.63 11.14 3.96
C ALA B 238 21.94 10.64 2.57
N VAL B 239 20.94 9.98 2.00
CA VAL B 239 20.84 9.74 0.56
C VAL B 239 19.39 9.94 0.19
N ASP B 240 19.15 10.73 -0.85
CA ASP B 240 17.81 10.88 -1.39
C ASP B 240 17.86 10.85 -2.92
N VAL B 241 18.16 9.66 -3.44
CA VAL B 241 18.04 9.38 -4.87
C VAL B 241 16.56 9.18 -5.14
N CYS B 242 15.94 10.11 -5.84
CA CYS B 242 14.50 10.10 -6.02
C CYS B 242 14.02 9.21 -7.14
N GLY B 243 14.91 8.85 -8.05
CA GLY B 243 14.57 8.12 -9.26
C GLY B 243 15.47 8.61 -10.37
N MET B 244 15.04 8.33 -11.60
CA MET B 244 15.79 8.77 -12.79
C MET B 244 14.95 9.70 -13.64
N PHE B 245 15.62 10.71 -14.17
CA PHE B 245 15.06 11.57 -15.19
C PHE B 245 15.43 11.01 -16.55
N THR B 246 14.43 10.93 -17.44
CA THR B 246 14.62 10.45 -18.80
C THR B 246 14.59 11.65 -19.77
N ASN B 247 15.69 11.84 -20.50
CA ASN B 247 15.77 12.89 -21.53
C ASN B 247 15.03 12.48 -22.79
N ARG B 248 14.81 13.45 -23.68
CA ARG B 248 14.18 13.18 -24.98
C ARG B 248 14.79 11.99 -25.71
N SER B 249 16.12 11.85 -25.63
CA SER B 249 16.84 10.78 -26.34
C SER B 249 16.62 9.40 -25.73
N GLY B 250 16.14 9.38 -24.51
CA GLY B 250 15.90 8.12 -23.79
C GLY B 250 16.95 7.89 -22.74
N SER B 251 18.04 8.66 -22.77
CA SER B 251 19.08 8.51 -21.74
C SER B 251 18.52 8.88 -20.37
N GLN B 252 19.04 8.25 -19.35
CA GLN B 252 18.53 8.43 -18.00
C GLN B 252 19.61 8.80 -17.04
N GLN B 253 19.27 9.72 -16.13
CA GLN B 253 20.17 10.24 -15.12
C GLN B 253 19.50 10.14 -13.76
N TRP B 254 20.26 9.79 -12.74
CA TRP B 254 19.75 9.90 -11.37
C TRP B 254 19.44 11.35 -11.03
N ARG B 255 18.36 11.58 -10.26
CA ARG B 255 18.05 12.91 -9.71
C ARG B 255 17.86 12.79 -8.20
N GLY B 256 18.60 13.61 -7.46
CA GLY B 256 18.49 13.66 -6.02
C GLY B 256 18.01 15.01 -5.51
N LEU B 257 17.61 15.04 -4.25
CA LEU B 257 17.18 16.27 -3.60
C LEU B 257 17.85 16.38 -2.24
N SER B 258 17.92 17.60 -1.72
CA SER B 258 18.44 17.89 -0.38
C SER B 258 17.51 17.38 0.71
N ARG B 259 18.09 17.19 1.90
CA ARG B 259 17.35 16.78 3.09
C ARG B 259 17.60 17.75 4.23
N TYR B 260 16.51 18.18 4.84
CA TYR B 260 16.51 19.03 6.01
C TYR B 260 16.61 18.18 7.25
N PHE B 261 17.42 18.62 8.22
CA PHE B 261 17.54 17.99 9.52
C PHE B 261 17.33 19.07 10.61
N LYS B 262 16.51 18.79 11.61
CA LYS B 262 16.55 19.56 12.84
C LYS B 262 16.65 18.61 14.01
N VAL B 263 17.73 18.74 14.78
CA VAL B 263 18.02 17.83 15.87
C VAL B 263 18.05 18.62 17.18
N GLN B 264 17.34 18.11 18.19
CA GLN B 264 17.37 18.69 19.53
C GLN B 264 18.30 17.85 20.37
N LEU B 265 19.20 18.52 21.08
CA LEU B 265 20.17 17.86 21.94
C LEU B 265 20.10 18.39 23.35
N ARG B 266 20.52 17.56 24.29
CA ARG B 266 20.60 17.93 25.69
C ARG B 266 21.93 17.44 26.24
N LYS B 267 22.37 18.07 27.32
CA LYS B 267 23.63 17.70 27.95
C LYS B 267 23.46 16.52 28.88
N ARG B 268 24.33 15.53 28.71
CA ARG B 268 24.31 14.32 29.50
C ARG B 268 25.67 14.09 30.17
N ARG B 269 25.66 13.79 31.47
CA ARG B 269 26.91 13.44 32.15
C ARG B 269 27.21 11.96 31.96
N VAL B 270 28.48 11.66 31.76
CA VAL B 270 28.97 10.29 31.61
C VAL B 270 30.25 10.12 32.46
N LYS B 271 30.60 8.88 32.77
CA LYS B 271 31.81 8.57 33.55
C LYS B 271 32.59 7.41 32.92
N GLU C 8 5.25 34.85 25.08
CA GLU C 8 4.60 34.23 26.28
C GLU C 8 3.15 33.83 25.94
N VAL C 9 2.91 32.52 25.86
CA VAL C 9 1.58 31.98 25.64
C VAL C 9 0.96 31.63 27.00
N LEU C 10 -0.14 32.28 27.34
CA LEU C 10 -0.80 32.07 28.65
C LEU C 10 -2.07 31.24 28.48
N GLU C 11 -3.12 31.52 29.25
CA GLU C 11 -4.25 30.60 29.29
C GLU C 11 -5.23 30.79 28.13
N VAL C 12 -5.98 29.72 27.88
CA VAL C 12 -7.12 29.75 26.98
C VAL C 12 -8.33 30.39 27.68
N LYS C 13 -9.01 31.27 26.94
CA LYS C 13 -10.23 31.92 27.40
C LYS C 13 -11.35 30.90 27.23
N THR C 14 -12.26 30.81 28.19
CA THR C 14 -13.42 29.93 28.05
C THR C 14 -14.72 30.74 28.04
N GLY C 15 -15.85 30.04 27.93
CA GLY C 15 -17.16 30.70 27.83
C GLY C 15 -17.65 30.62 26.40
N VAL C 16 -18.94 30.90 26.22
CA VAL C 16 -19.58 30.76 24.91
C VAL C 16 -18.87 31.60 23.83
N ASP C 17 -18.53 32.84 24.21
CA ASP C 17 -17.88 33.81 23.33
C ASP C 17 -16.45 33.47 22.85
N SER C 18 -15.89 32.38 23.38
CA SER C 18 -14.47 32.12 23.31
C SER C 18 -14.02 31.26 22.13
N ILE C 19 -14.96 30.76 21.34
CA ILE C 19 -14.63 29.89 20.22
C ILE C 19 -15.28 30.41 18.94
N THR C 20 -14.66 30.14 17.81
CA THR C 20 -15.23 30.46 16.52
C THR C 20 -14.78 29.42 15.51
N GLU C 21 -15.40 29.46 14.33
CA GLU C 21 -15.15 28.46 13.31
C GLU C 21 -15.06 29.17 11.96
N VAL C 22 -14.14 28.71 11.13
CA VAL C 22 -13.94 29.22 9.78
C VAL C 22 -14.22 28.06 8.85
N GLU C 23 -15.06 28.30 7.85
CA GLU C 23 -15.35 27.27 6.87
C GLU C 23 -15.22 27.91 5.50
N CYS C 24 -14.53 27.24 4.59
CA CYS C 24 -14.42 27.75 3.23
C CYS C 24 -13.84 26.74 2.24
N PHE C 25 -13.91 27.10 0.96
CA PHE C 25 -13.31 26.30 -0.07
CA PHE C 25 -13.40 26.32 -0.15
C PHE C 25 -12.26 27.15 -0.76
N LEU C 26 -11.11 26.54 -1.05
CA LEU C 26 -10.04 27.17 -1.79
C LEU C 26 -10.09 26.58 -3.16
N THR C 27 -10.27 27.42 -4.18
CA THR C 27 -10.27 26.92 -5.54
C THR C 27 -8.83 26.69 -6.04
N PRO C 28 -8.65 25.73 -6.98
CA PRO C 28 -7.33 25.47 -7.53
C PRO C 28 -6.92 26.52 -8.56
N GLU C 29 -5.61 26.67 -8.76
CA GLU C 29 -5.10 27.59 -9.76
C GLU C 29 -4.12 26.86 -10.67
N MET C 30 -4.70 26.20 -11.67
CA MET C 30 -3.96 25.28 -12.54
C MET C 30 -3.42 25.96 -13.82
N GLY C 31 -3.88 27.18 -14.09
CA GLY C 31 -3.37 27.97 -15.22
C GLY C 31 -4.49 28.63 -16.03
N ASP C 32 -5.63 27.95 -16.13
CA ASP C 32 -6.87 28.51 -16.73
C ASP C 32 -6.63 29.14 -18.10
N PRO C 33 -6.25 28.30 -19.08
CA PRO C 33 -5.78 28.83 -20.36
C PRO C 33 -6.82 29.52 -21.24
N ASP C 34 -8.10 29.29 -20.99
CA ASP C 34 -9.14 30.10 -21.61
C ASP C 34 -10.40 30.19 -20.74
N GLU C 35 -11.43 30.86 -21.26
CA GLU C 35 -12.64 31.15 -20.48
C GLU C 35 -13.49 29.92 -20.18
N HIS C 36 -13.15 28.78 -20.75
CA HIS C 36 -13.86 27.52 -20.52
C HIS C 36 -13.09 26.53 -19.69
N LEU C 37 -11.89 26.90 -19.23
CA LEU C 37 -10.96 25.87 -18.74
C LEU C 37 -10.49 26.07 -17.31
N ARG C 38 -11.32 26.70 -16.51
CA ARG C 38 -11.09 26.81 -15.09
C ARG C 38 -10.86 25.42 -14.50
N GLY C 39 -9.76 25.25 -13.77
CA GLY C 39 -9.40 23.95 -13.15
C GLY C 39 -8.42 23.12 -13.95
N PHE C 40 -8.13 23.55 -15.18
CA PHE C 40 -7.18 22.92 -16.08
C PHE C 40 -6.00 23.88 -16.37
N SER C 41 -4.86 23.30 -16.71
CA SER C 41 -3.74 24.04 -17.28
C SER C 41 -3.86 24.05 -18.81
N LYS C 42 -3.06 24.92 -19.42
CA LYS C 42 -2.70 24.77 -20.83
C LYS C 42 -2.10 23.38 -21.07
N SER C 43 -2.29 22.82 -22.27
CA SER C 43 -1.62 21.56 -22.60
CA SER C 43 -1.63 21.55 -22.56
C SER C 43 -0.12 21.72 -22.42
N ILE C 44 0.54 20.65 -22.01
CA ILE C 44 1.96 20.71 -21.71
C ILE C 44 2.78 20.57 -23.01
N SER C 45 3.75 21.45 -23.19
CA SER C 45 4.72 21.34 -24.27
CA SER C 45 4.71 21.31 -24.26
C SER C 45 6.08 21.09 -23.64
N ILE C 46 6.96 20.45 -24.40
CA ILE C 46 8.28 20.07 -23.93
C ILE C 46 9.35 20.88 -24.67
N SER C 47 10.25 21.52 -23.94
CA SER C 47 11.32 22.28 -24.57
C SER C 47 12.24 21.36 -25.39
N ASP C 48 12.84 21.92 -26.45
CA ASP C 48 13.65 21.17 -27.42
C ASP C 48 15.02 20.88 -26.86
N THR C 49 15.40 21.62 -25.81
CA THR C 49 16.63 21.42 -25.09
C THR C 49 16.40 21.77 -23.63
N PHE C 50 17.34 21.38 -22.79
CA PHE C 50 17.23 21.63 -21.37
C PHE C 50 17.37 23.12 -21.04
N GLU C 51 18.29 23.78 -21.71
CA GLU C 51 18.51 25.21 -21.50
C GLU C 51 17.40 26.12 -22.03
N SER C 52 16.57 25.65 -22.96
CA SER C 52 15.49 26.46 -23.54
C SER C 52 14.10 26.29 -22.87
N ASP C 53 14.06 25.61 -21.74
CA ASP C 53 12.82 25.45 -20.96
C ASP C 53 12.26 26.82 -20.63
N SER C 54 11.02 27.06 -21.06
CA SER C 54 10.43 28.39 -21.00
C SER C 54 8.90 28.25 -20.90
N PRO C 55 8.40 27.73 -19.76
CA PRO C 55 6.98 27.39 -19.70
C PRO C 55 6.08 28.63 -19.72
N ASN C 56 4.96 28.56 -20.44
CA ASN C 56 3.99 29.65 -20.40
C ASN C 56 3.26 29.69 -19.05
N ARG C 57 2.82 30.87 -18.67
CA ARG C 57 2.20 31.07 -17.36
C ARG C 57 1.02 30.14 -17.18
N ASP C 58 0.20 30.00 -18.23
CA ASP C 58 -1.02 29.22 -18.11
C ASP C 58 -0.78 27.70 -18.12
N MET C 59 0.48 27.30 -18.25
CA MET C 59 0.87 25.91 -18.18
C MET C 59 1.38 25.52 -16.78
N LEU C 60 1.46 26.50 -15.87
CA LEU C 60 2.02 26.29 -14.54
C LEU C 60 1.00 26.38 -13.39
N PRO C 61 0.65 25.23 -12.79
CA PRO C 61 -0.14 25.29 -11.57
C PRO C 61 0.56 26.09 -10.49
N CYS C 62 -0.22 26.84 -9.70
CA CYS C 62 0.32 27.66 -8.61
C CYS C 62 -0.30 27.30 -7.28
N TYR C 63 0.35 27.70 -6.20
CA TYR C 63 -0.22 27.53 -4.86
C TYR C 63 -1.48 28.40 -4.72
N SER C 64 -2.50 27.86 -4.05
CA SER C 64 -3.67 28.63 -3.64
C SER C 64 -3.51 29.10 -2.20
N VAL C 65 -4.03 30.28 -1.92
CA VAL C 65 -3.98 30.86 -0.59
C VAL C 65 -5.23 31.69 -0.37
N ALA C 66 -5.76 31.62 0.85
CA ALA C 66 -6.81 32.52 1.31
C ALA C 66 -6.44 33.05 2.68
N ARG C 67 -6.59 34.36 2.84
CA ARG C 67 -6.49 35.02 4.13
C ARG C 67 -7.89 35.29 4.63
N ILE C 68 -8.27 34.68 5.75
CA ILE C 68 -9.63 34.78 6.26
C ILE C 68 -9.66 35.70 7.50
N PRO C 69 -10.42 36.80 7.43
CA PRO C 69 -10.54 37.66 8.62
C PRO C 69 -11.35 36.99 9.72
N LEU C 70 -10.89 37.12 10.96
CA LEU C 70 -11.54 36.51 12.11
C LEU C 70 -12.24 37.60 12.94
N PRO C 71 -13.11 37.19 13.91
CA PRO C 71 -13.73 38.22 14.71
C PRO C 71 -12.67 39.11 15.39
N ASN C 72 -12.88 40.40 15.30
CA ASN C 72 -11.91 41.36 15.78
C ASN C 72 -11.76 41.26 17.30
N LEU C 73 -10.51 41.11 17.75
CA LEU C 73 -10.20 41.04 19.17
C LEU C 73 -9.50 42.33 19.57
N ILE C 82 -3.61 41.07 25.63
CA ILE C 82 -3.70 40.66 24.23
C ILE C 82 -4.30 39.26 24.09
N LEU C 83 -5.39 39.18 23.33
CA LEU C 83 -5.95 37.89 22.91
C LEU C 83 -5.66 37.64 21.43
N MET C 84 -5.38 36.39 21.09
CA MET C 84 -5.22 35.96 19.69
C MET C 84 -6.07 34.71 19.50
N TRP C 85 -6.64 34.57 18.31
CA TRP C 85 -7.27 33.33 17.91
C TRP C 85 -6.22 32.28 17.69
N GLU C 86 -6.46 31.11 18.27
CA GLU C 86 -5.58 29.96 18.16
C GLU C 86 -6.31 28.87 17.38
N ALA C 87 -5.72 28.41 16.27
CA ALA C 87 -6.35 27.38 15.45
C ALA C 87 -6.04 26.02 16.09
N VAL C 88 -7.10 25.27 16.38
CA VAL C 88 -6.97 24.05 17.16
C VAL C 88 -7.21 22.78 16.33
N THR C 89 -8.24 22.77 15.51
CA THR C 89 -8.52 21.62 14.67
C THR C 89 -8.84 22.00 13.24
N LEU C 90 -8.69 21.00 12.37
CA LEU C 90 -8.93 21.11 10.94
C LEU C 90 -9.69 19.87 10.45
N LYS C 91 -10.76 20.10 9.68
CA LYS C 91 -11.32 19.09 8.78
C LYS C 91 -11.08 19.60 7.37
N THR C 92 -10.66 18.69 6.51
CA THR C 92 -10.35 19.05 5.13
C THR C 92 -10.57 17.87 4.20
N GLU C 93 -10.95 18.17 2.95
CA GLU C 93 -10.97 17.18 1.90
C GLU C 93 -11.07 17.88 0.54
N VAL C 94 -10.78 17.10 -0.48
CA VAL C 94 -10.89 17.55 -1.87
C VAL C 94 -12.37 17.49 -2.29
N ILE C 95 -12.84 18.57 -2.93
CA ILE C 95 -14.23 18.70 -3.31
C ILE C 95 -14.42 18.43 -4.80
N GLY C 96 -15.26 17.46 -5.10
CA GLY C 96 -15.60 17.12 -6.48
C GLY C 96 -14.83 15.93 -7.01
N VAL C 97 -14.43 15.01 -6.12
CA VAL C 97 -13.64 13.85 -6.53
C VAL C 97 -14.31 13.02 -7.61
N THR C 98 -15.64 12.95 -7.60
CA THR C 98 -16.36 12.13 -8.54
C THR C 98 -16.37 12.68 -9.97
N SER C 99 -16.05 13.97 -10.12
CA SER C 99 -15.96 14.57 -11.46
C SER C 99 -14.93 13.84 -12.31
N LEU C 100 -13.93 13.23 -11.67
CA LEU C 100 -12.91 12.50 -12.39
C LEU C 100 -13.43 11.21 -13.01
N MET C 101 -14.70 10.87 -12.78
CA MET C 101 -15.33 9.75 -13.43
C MET C 101 -15.89 10.11 -14.82
N ASN C 102 -15.78 11.38 -15.22
CA ASN C 102 -16.18 11.72 -16.58
C ASN C 102 -15.11 11.23 -17.55
N VAL C 103 -15.38 10.07 -18.16
CA VAL C 103 -14.47 9.42 -19.09
C VAL C 103 -15.01 9.46 -20.52
N HIS C 104 -15.93 10.40 -20.78
CA HIS C 104 -16.67 10.49 -22.03
C HIS C 104 -16.51 11.83 -22.77
N SER C 105 -15.73 12.75 -22.19
CA SER C 105 -15.60 14.12 -22.72
C SER C 105 -14.33 14.31 -23.58
N ASN C 106 -14.36 13.71 -24.76
CA ASN C 106 -13.31 13.84 -25.78
C ASN C 106 -11.91 13.51 -25.31
N GLY C 107 -11.80 12.46 -24.49
CA GLY C 107 -10.52 11.95 -24.04
C GLY C 107 -9.93 10.96 -25.03
N GLN C 108 -8.80 10.40 -24.67
CA GLN C 108 -8.12 9.42 -25.48
C GLN C 108 -8.55 8.04 -25.02
N ALA C 109 -9.07 7.25 -25.94
CA ALA C 109 -9.60 5.94 -25.61
C ALA C 109 -8.46 5.08 -25.11
N THR C 110 -8.75 4.32 -24.07
CA THR C 110 -7.78 3.39 -23.50
C THR C 110 -7.32 2.34 -24.51
N HIS C 111 -8.22 1.94 -25.43
CA HIS C 111 -7.96 1.02 -26.52
C HIS C 111 -9.13 1.15 -27.47
N ASP C 112 -9.10 0.47 -28.61
CA ASP C 112 -10.19 0.61 -29.60
C ASP C 112 -11.57 0.30 -29.03
N ASN C 113 -12.49 1.26 -29.16
CA ASN C 113 -13.86 1.19 -28.68
C ASN C 113 -13.99 1.38 -27.16
N GLY C 114 -12.88 1.61 -26.50
CA GLY C 114 -12.86 1.75 -25.04
C GLY C 114 -13.32 3.11 -24.56
N ALA C 115 -13.44 3.24 -23.25
CA ALA C 115 -13.70 4.53 -22.61
C ALA C 115 -12.46 5.40 -22.64
N GLY C 116 -12.66 6.69 -22.34
CA GLY C 116 -11.57 7.63 -22.25
C GLY C 116 -10.68 7.36 -21.06
N LYS C 117 -9.40 7.67 -21.20
CA LYS C 117 -8.45 7.55 -20.07
C LYS C 117 -8.85 8.54 -18.98
N PRO C 118 -8.91 8.11 -17.71
CA PRO C 118 -9.26 9.05 -16.67
C PRO C 118 -8.04 9.90 -16.30
N VAL C 119 -8.29 10.97 -15.56
CA VAL C 119 -7.23 11.80 -15.00
C VAL C 119 -6.32 10.89 -14.16
N GLN C 120 -5.02 11.03 -14.36
CA GLN C 120 -4.05 10.20 -13.67
C GLN C 120 -2.68 10.81 -13.86
N GLY C 121 -1.68 10.22 -13.23
CA GLY C 121 -0.34 10.72 -13.33
C GLY C 121 0.05 11.58 -12.15
N THR C 122 1.16 12.27 -12.29
CA THR C 122 1.74 13.05 -11.21
C THR C 122 0.72 13.91 -10.46
N SER C 123 0.73 13.81 -9.14
CA SER C 123 -0.14 14.62 -8.31
C SER C 123 0.61 15.24 -7.15
N PHE C 124 0.09 16.36 -6.69
CA PHE C 124 0.54 17.01 -5.46
C PHE C 124 -0.68 17.50 -4.69
N HIS C 125 -0.82 16.99 -3.46
CA HIS C 125 -1.92 17.29 -2.57
C HIS C 125 -1.31 17.84 -1.32
N PHE C 126 -1.65 19.08 -1.01
CA PHE C 126 -0.97 19.88 0.00
C PHE C 126 -1.98 20.81 0.68
N PHE C 127 -1.88 20.95 1.99
CA PHE C 127 -2.63 21.98 2.67
C PHE C 127 -1.89 22.47 3.91
N SER C 128 -2.18 23.70 4.28
CA SER C 128 -1.61 24.28 5.46
C SER C 128 -2.56 25.25 6.13
N VAL C 129 -2.38 25.37 7.44
CA VAL C 129 -3.16 26.28 8.23
C VAL C 129 -2.17 27.03 9.12
N GLY C 130 -2.23 28.35 9.09
CA GLY C 130 -1.27 29.14 9.86
C GLY C 130 -1.81 30.49 10.30
N GLY C 131 -1.10 31.12 11.21
CA GLY C 131 -1.46 32.43 11.73
C GLY C 131 -0.79 33.57 11.01
N GLU C 132 -0.17 33.24 9.89
CA GLU C 132 0.54 34.17 9.03
C GLU C 132 0.82 33.44 7.73
N ALA C 133 1.33 34.14 6.72
CA ALA C 133 1.55 33.52 5.43
C ALA C 133 2.51 32.35 5.50
N LEU C 134 2.21 31.31 4.73
CA LEU C 134 3.14 30.18 4.55
C LEU C 134 4.47 30.70 4.03
N GLU C 135 5.56 30.24 4.63
CA GLU C 135 6.89 30.61 4.21
C GLU C 135 7.44 29.56 3.25
N LEU C 136 7.99 30.03 2.13
CA LEU C 136 8.40 29.18 1.02
C LEU C 136 9.92 29.20 0.81
N GLN C 137 10.44 28.06 0.36
CA GLN C 137 11.82 27.92 -0.08
C GLN C 137 11.79 27.49 -1.55
N GLY C 138 12.58 28.13 -2.38
CA GLY C 138 12.62 27.77 -3.80
C GLY C 138 13.61 26.65 -4.10
N VAL C 139 13.18 25.69 -4.91
CA VAL C 139 14.05 24.63 -5.45
C VAL C 139 13.62 24.41 -6.90
N LEU C 140 14.58 24.46 -7.81
CA LEU C 140 14.31 24.36 -9.23
C LEU C 140 14.75 23.02 -9.80
N PHE C 141 13.90 22.42 -10.62
CA PHE C 141 14.30 21.23 -11.33
C PHE C 141 15.50 21.54 -12.24
N ASN C 142 15.43 22.69 -12.92
CA ASN C 142 16.40 23.12 -13.93
C ASN C 142 16.59 24.62 -13.74
N TYR C 143 17.76 25.05 -13.30
CA TYR C 143 17.95 26.46 -12.91
C TYR C 143 17.88 27.41 -14.10
N ARG C 144 18.02 26.86 -15.31
CA ARG C 144 17.97 27.65 -16.53
C ARG C 144 16.56 27.82 -17.10
N THR C 145 15.57 27.20 -16.45
CA THR C 145 14.17 27.45 -16.79
C THR C 145 13.87 28.95 -16.73
N LYS C 146 13.28 29.46 -17.80
CA LYS C 146 12.80 30.84 -17.85
C LYS C 146 11.35 30.84 -17.39
N TYR C 147 11.11 31.34 -16.18
CA TYR C 147 9.75 31.42 -15.64
C TYR C 147 9.07 32.69 -16.16
N PRO C 148 7.75 32.63 -16.38
CA PRO C 148 7.10 33.66 -17.17
C PRO C 148 6.61 34.86 -16.38
N ASP C 149 6.42 35.96 -17.09
CA ASP C 149 5.80 37.13 -16.49
C ASP C 149 4.45 36.80 -15.85
N GLY C 150 4.20 37.38 -14.68
CA GLY C 150 2.97 37.11 -13.91
C GLY C 150 3.15 36.04 -12.85
N THR C 151 4.27 35.33 -12.88
CA THR C 151 4.62 34.43 -11.78
C THR C 151 5.72 35.03 -10.92
N ILE C 152 5.77 34.55 -9.68
CA ILE C 152 6.80 34.91 -8.72
C ILE C 152 7.64 33.65 -8.50
N PHE C 153 8.91 33.73 -8.90
CA PHE C 153 9.78 32.59 -9.00
C PHE C 153 11.13 32.94 -8.36
N PRO C 154 11.93 31.92 -8.02
CA PRO C 154 13.27 32.15 -7.51
C PRO C 154 14.11 33.03 -8.41
N LYS C 155 14.64 34.12 -7.83
CA LYS C 155 15.44 35.09 -8.57
C LYS C 155 16.91 34.86 -8.36
N ASN C 156 17.72 35.31 -9.31
CA ASN C 156 19.16 35.07 -9.28
C ASN C 156 19.49 33.58 -9.18
N ALA C 157 18.73 32.76 -9.90
CA ALA C 157 18.97 31.31 -9.90
C ALA C 157 20.40 31.00 -10.34
N THR C 158 21.00 30.02 -9.68
CA THR C 158 22.32 29.50 -10.05
C THR C 158 22.18 27.99 -10.12
N VAL C 159 23.22 27.30 -10.53
CA VAL C 159 23.15 25.83 -10.57
C VAL C 159 22.84 25.24 -9.19
N GLN C 160 23.25 25.94 -8.13
CA GLN C 160 22.95 25.48 -6.75
C GLN C 160 21.46 25.49 -6.42
N SER C 161 20.69 26.32 -7.11
CA SER C 161 19.24 26.37 -6.96
C SER C 161 18.57 25.04 -7.26
N GLN C 162 19.27 24.16 -7.97
CA GLN C 162 18.77 22.82 -8.29
C GLN C 162 18.76 21.89 -7.09
N VAL C 163 19.53 22.25 -6.05
CA VAL C 163 19.54 21.45 -4.81
C VAL C 163 19.21 22.26 -3.56
N MET C 164 19.84 23.42 -3.38
CA MET C 164 19.48 24.32 -2.27
CA MET C 164 19.51 24.31 -2.25
C MET C 164 20.26 25.63 -2.39
N ASN C 165 19.51 26.70 -2.61
CA ASN C 165 20.07 28.03 -2.62
C ASN C 165 19.21 28.82 -1.63
N THR C 166 19.81 29.15 -0.48
CA THR C 166 19.08 29.78 0.62
C THR C 166 18.63 31.22 0.31
N GLU C 167 19.06 31.79 -0.81
CA GLU C 167 18.52 33.08 -1.25
C GLU C 167 17.04 33.01 -1.60
N HIS C 168 16.54 31.84 -1.99
CA HIS C 168 15.16 31.75 -2.53
C HIS C 168 14.13 31.60 -1.44
N LYS C 169 13.85 32.70 -0.74
CA LYS C 169 12.85 32.76 0.31
C LYS C 169 11.67 33.61 -0.15
N ALA C 170 10.46 33.21 0.20
CA ALA C 170 9.28 33.97 -0.14
C ALA C 170 8.14 33.67 0.83
N TYR C 171 7.10 34.50 0.74
CA TYR C 171 5.87 34.30 1.48
C TYR C 171 4.79 33.99 0.45
N LEU C 172 3.95 33.01 0.74
CA LEU C 172 2.77 32.74 -0.10
C LEU C 172 1.71 33.79 0.24
N ASP C 173 1.83 34.94 -0.42
CA ASP C 173 1.03 36.14 -0.10
C ASP C 173 0.21 36.65 -1.29
N LYS C 174 0.10 35.83 -2.34
CA LYS C 174 -0.63 36.20 -3.55
C LYS C 174 -1.10 34.93 -4.25
N ASN C 175 -2.34 34.96 -4.71
CA ASN C 175 -2.92 33.86 -5.50
CA ASN C 175 -2.94 33.85 -5.45
C ASN C 175 -2.51 33.93 -6.94
N LYS C 176 -2.57 32.79 -7.62
CA LYS C 176 -2.25 32.67 -9.06
C LYS C 176 -0.85 33.18 -9.36
N ALA C 177 0.09 32.98 -8.44
CA ALA C 177 1.39 33.62 -8.60
C ALA C 177 2.61 32.73 -8.38
N TYR C 178 2.58 31.90 -7.35
CA TYR C 178 3.75 31.13 -6.94
C TYR C 178 3.65 29.74 -7.57
N PRO C 179 4.45 29.44 -8.62
CA PRO C 179 4.26 28.12 -9.24
C PRO C 179 4.59 26.95 -8.31
N VAL C 180 3.78 25.91 -8.36
CA VAL C 180 4.00 24.74 -7.52
C VAL C 180 5.41 24.15 -7.73
N GLU C 181 5.87 24.07 -8.98
CA GLU C 181 7.12 23.37 -9.27
C GLU C 181 8.40 24.09 -8.76
N CYS C 182 8.28 25.39 -8.43
CA CYS C 182 9.40 26.23 -7.98
C CYS C 182 9.57 26.31 -6.46
N TRP C 183 8.51 26.00 -5.72
CA TRP C 183 8.45 26.36 -4.30
C TRP C 183 7.93 25.25 -3.44
N VAL C 184 8.47 25.15 -2.23
CA VAL C 184 7.98 24.26 -1.21
C VAL C 184 7.93 25.01 0.12
N PRO C 185 7.16 24.47 1.07
CA PRO C 185 7.23 25.03 2.41
C PRO C 185 8.66 25.01 2.94
N ASP C 186 9.09 26.11 3.56
CA ASP C 186 10.43 26.24 4.10
C ASP C 186 10.47 25.57 5.47
N PRO C 187 11.15 24.42 5.60
CA PRO C 187 11.14 23.75 6.91
C PRO C 187 11.99 24.48 7.98
N THR C 188 12.80 25.45 7.57
CA THR C 188 13.57 26.24 8.54
C THR C 188 12.75 27.36 9.14
N ARG C 189 11.54 27.57 8.63
CA ARG C 189 10.64 28.58 9.16
C ARG C 189 9.29 27.92 9.49
N ASN C 190 8.19 28.63 9.27
CA ASN C 190 6.85 28.07 9.49
C ASN C 190 6.56 27.57 10.91
N GLU C 191 7.16 28.21 11.90
CA GLU C 191 6.89 27.87 13.31
C GLU C 191 5.42 28.09 13.67
N ASN C 192 4.77 29.04 13.00
CA ASN C 192 3.37 29.40 13.27
C ASN C 192 2.37 28.86 12.22
N THR C 193 2.75 27.78 11.55
CA THR C 193 1.95 27.12 10.54
C THR C 193 2.11 25.61 10.69
N ARG C 194 1.05 24.86 10.37
CA ARG C 194 1.12 23.42 10.25
C ARG C 194 0.86 23.08 8.79
N TYR C 195 1.78 22.36 8.18
CA TYR C 195 1.63 22.01 6.75
C TYR C 195 1.81 20.52 6.52
N PHE C 196 1.16 20.03 5.46
CA PHE C 196 1.10 18.62 5.12
C PHE C 196 1.00 18.50 3.60
N GLY C 197 1.88 17.69 3.01
CA GLY C 197 1.81 17.45 1.57
C GLY C 197 2.38 16.12 1.12
N THR C 198 1.86 15.64 -0.01
CA THR C 198 2.36 14.45 -0.65
C THR C 198 2.47 14.66 -2.14
N LEU C 199 3.67 14.45 -2.66
CA LEU C 199 3.91 14.31 -4.10
C LEU C 199 3.90 12.83 -4.44
N THR C 200 3.06 12.46 -5.40
CA THR C 200 3.09 11.13 -5.98
C THR C 200 3.39 11.27 -7.49
N GLY C 201 4.58 10.88 -7.92
CA GLY C 201 5.03 11.12 -9.31
C GLY C 201 4.94 9.91 -10.23
N GLY C 202 4.72 10.11 -11.52
CA GLY C 202 4.66 8.97 -12.44
C GLY C 202 3.45 9.14 -13.31
N GLU C 203 3.61 8.88 -14.62
CA GLU C 203 2.53 9.20 -15.55
C GLU C 203 1.32 8.32 -15.39
N ASN C 204 1.44 7.18 -14.73
CA ASN C 204 0.29 6.28 -14.59
C ASN C 204 -0.23 6.14 -13.16
N VAL C 205 0.25 6.98 -12.27
CA VAL C 205 -0.23 6.98 -10.89
C VAL C 205 -1.74 7.20 -10.83
N PRO C 206 -2.48 6.35 -10.10
CA PRO C 206 -3.93 6.55 -9.93
C PRO C 206 -4.29 7.54 -8.83
N PRO C 207 -5.23 8.47 -9.10
CA PRO C 207 -5.72 9.26 -7.98
C PRO C 207 -6.38 8.34 -6.93
N VAL C 208 -6.05 8.58 -5.67
CA VAL C 208 -6.72 7.89 -4.57
C VAL C 208 -7.16 9.00 -3.63
N LEU C 209 -8.46 9.27 -3.62
CA LEU C 209 -8.99 10.46 -2.97
C LEU C 209 -10.10 10.02 -2.01
N HIS C 210 -9.89 10.28 -0.72
CA HIS C 210 -10.84 9.89 0.33
C HIS C 210 -11.62 11.09 0.81
N ILE C 211 -12.90 10.89 1.05
CA ILE C 211 -13.74 11.92 1.62
C ILE C 211 -14.43 11.36 2.87
N THR C 212 -14.57 12.21 3.87
CA THR C 212 -15.36 11.86 5.03
C THR C 212 -15.48 13.10 5.92
N ASN C 213 -16.62 13.24 6.58
CA ASN C 213 -16.81 14.34 7.54
C ASN C 213 -16.51 13.91 8.98
N THR C 214 -15.82 12.78 9.16
CA THR C 214 -15.56 12.22 10.47
C THR C 214 -14.11 12.27 10.91
N ALA C 215 -13.24 12.86 10.10
CA ALA C 215 -11.81 12.88 10.33
C ALA C 215 -11.36 14.29 10.68
N THR C 216 -10.64 14.41 11.80
CA THR C 216 -10.17 15.72 12.29
C THR C 216 -8.66 15.65 12.51
N THR C 217 -7.95 16.67 12.07
CA THR C 217 -6.53 16.83 12.36
C THR C 217 -6.36 17.88 13.46
N VAL C 218 -5.57 17.57 14.48
CA VAL C 218 -5.32 18.49 15.59
C VAL C 218 -4.09 19.32 15.22
N LEU C 219 -4.17 20.64 15.38
CA LEU C 219 -3.13 21.55 14.93
C LEU C 219 -2.20 21.98 16.05
N LEU C 220 -2.40 21.43 17.24
CA LEU C 220 -1.60 21.80 18.39
C LEU C 220 -0.22 21.18 18.25
N ASP C 221 0.80 21.94 18.66
CA ASP C 221 2.16 21.41 18.72
C ASP C 221 2.35 20.57 19.98
N GLU C 222 3.59 20.14 20.23
CA GLU C 222 3.88 19.27 21.38
C GLU C 222 3.70 19.98 22.73
N PHE C 223 3.63 21.31 22.70
CA PHE C 223 3.35 22.11 23.89
C PHE C 223 1.87 22.44 24.04
N GLY C 224 1.03 21.93 23.14
CA GLY C 224 -0.41 22.15 23.20
C GLY C 224 -0.82 23.50 22.62
N VAL C 225 0.02 24.09 21.78
CA VAL C 225 -0.27 25.40 21.19
C VAL C 225 -0.44 25.29 19.68
N GLY C 226 -1.54 25.83 19.18
CA GLY C 226 -1.82 25.86 17.76
C GLY C 226 -1.33 27.16 17.12
N PRO C 227 -1.51 27.29 15.80
CA PRO C 227 -1.15 28.56 15.16
C PRO C 227 -1.92 29.74 15.78
N LEU C 228 -1.22 30.83 16.01
CA LEU C 228 -1.76 32.03 16.64
C LEU C 228 -1.93 33.10 15.56
N CYS C 229 -3.14 33.62 15.42
CA CYS C 229 -3.50 34.39 14.21
C CYS C 229 -3.17 35.87 14.36
N LYS C 230 -2.05 36.27 13.77
CA LYS C 230 -1.58 37.65 13.86
C LYS C 230 -2.53 38.58 13.11
N GLY C 231 -2.88 39.68 13.75
CA GLY C 231 -3.85 40.63 13.19
C GLY C 231 -5.23 40.06 12.95
N ASP C 232 -5.57 38.99 13.65
CA ASP C 232 -6.90 38.35 13.51
C ASP C 232 -7.17 37.86 12.09
N ASN C 233 -6.13 37.28 11.47
CA ASN C 233 -6.23 36.68 10.16
C ASN C 233 -5.73 35.23 10.21
N LEU C 234 -6.48 34.35 9.56
CA LEU C 234 -6.12 32.95 9.40
C LEU C 234 -5.70 32.69 7.96
N TYR C 235 -4.55 32.05 7.78
CA TYR C 235 -4.04 31.73 6.46
C TYR C 235 -4.23 30.28 6.10
N LEU C 236 -4.97 30.03 5.01
CA LEU C 236 -5.16 28.69 4.46
C LEU C 236 -4.48 28.59 3.11
N SER C 237 -3.72 27.52 2.89
CA SER C 237 -3.03 27.34 1.62
C SER C 237 -3.25 25.93 1.14
N ALA C 238 -3.25 25.74 -0.18
CA ALA C 238 -3.51 24.42 -0.72
C ALA C 238 -2.94 24.26 -2.11
N VAL C 239 -2.66 23.01 -2.44
CA VAL C 239 -2.50 22.57 -3.81
C VAL C 239 -3.13 21.20 -3.95
N ASP C 240 -3.98 21.02 -4.96
CA ASP C 240 -4.52 19.72 -5.29
C ASP C 240 -4.51 19.49 -6.79
N VAL C 241 -3.30 19.30 -7.30
CA VAL C 241 -3.08 18.83 -8.64
C VAL C 241 -3.38 17.33 -8.61
N CYS C 242 -4.46 16.91 -9.25
CA CYS C 242 -4.92 15.53 -9.17
C CYS C 242 -4.24 14.58 -10.16
N GLY C 243 -3.63 15.14 -11.19
CA GLY C 243 -3.04 14.39 -12.28
C GLY C 243 -3.26 15.18 -13.56
N MET C 244 -3.18 14.48 -14.68
CA MET C 244 -3.42 15.07 -15.99
C MET C 244 -4.57 14.42 -16.70
N PHE C 245 -5.30 15.25 -17.45
CA PHE C 245 -6.30 14.82 -18.39
C PHE C 245 -5.63 14.70 -19.74
N THR C 246 -5.88 13.59 -20.41
CA THR C 246 -5.34 13.36 -21.74
C THR C 246 -6.46 13.56 -22.77
N ASN C 247 -6.27 14.55 -23.64
CA ASN C 247 -7.21 14.74 -24.75
C ASN C 247 -7.11 13.67 -25.83
N ARG C 248 -8.15 13.56 -26.66
CA ARG C 248 -8.12 12.65 -27.80
C ARG C 248 -6.80 12.73 -28.58
N SER C 249 -6.29 13.93 -28.78
CA SER C 249 -5.09 14.13 -29.60
C SER C 249 -3.81 13.61 -28.94
N GLY C 250 -3.89 13.36 -27.63
CA GLY C 250 -2.72 12.97 -26.85
C GLY C 250 -2.16 14.08 -25.99
N SER C 251 -2.54 15.33 -26.28
CA SER C 251 -2.12 16.46 -25.45
C SER C 251 -2.64 16.29 -24.00
N GLN C 252 -1.88 16.78 -23.04
CA GLN C 252 -2.19 16.59 -21.63
C GLN C 252 -2.21 17.89 -20.86
N GLN C 253 -3.19 18.01 -19.97
CA GLN C 253 -3.40 19.21 -19.16
C GLN C 253 -3.50 18.79 -17.70
N TRP C 254 -2.84 19.53 -16.82
CA TRP C 254 -3.10 19.34 -15.38
C TRP C 254 -4.55 19.59 -15.07
N ARG C 255 -5.11 18.85 -14.12
CA ARG C 255 -6.47 19.09 -13.62
C ARG C 255 -6.41 19.18 -12.09
N GLY C 256 -6.96 20.25 -11.53
CA GLY C 256 -7.01 20.44 -10.08
C GLY C 256 -8.45 20.46 -9.58
N LEU C 257 -8.61 20.34 -8.28
CA LEU C 257 -9.89 20.46 -7.63
C LEU C 257 -9.76 21.31 -6.39
N SER C 258 -10.89 21.83 -5.94
CA SER C 258 -10.97 22.69 -4.77
C SER C 258 -10.78 21.87 -3.50
N ARG C 259 -10.37 22.57 -2.44
CA ARG C 259 -10.22 21.97 -1.13
C ARG C 259 -11.07 22.70 -0.08
N TYR C 260 -11.82 21.91 0.68
CA TYR C 260 -12.61 22.37 1.81
C TYR C 260 -11.75 22.44 3.04
N PHE C 261 -11.93 23.51 3.80
CA PHE C 261 -11.32 23.69 5.13
C PHE C 261 -12.41 24.03 6.15
N LYS C 262 -12.37 23.38 7.30
CA LYS C 262 -13.09 23.85 8.49
C LYS C 262 -12.11 23.88 9.61
N VAL C 263 -11.92 25.07 10.18
CA VAL C 263 -10.97 25.26 11.28
C VAL C 263 -11.70 25.75 12.51
N GLN C 264 -11.46 25.11 13.66
CA GLN C 264 -11.99 25.59 14.93
CA GLN C 264 -11.98 25.55 14.96
C GLN C 264 -10.89 26.37 15.65
N LEU C 265 -11.26 27.53 16.15
CA LEU C 265 -10.32 28.40 16.84
C LEU C 265 -10.83 28.79 18.23
N ARG C 266 -9.89 29.07 19.12
CA ARG C 266 -10.23 29.52 20.47
C ARG C 266 -9.38 30.72 20.83
N LYS C 267 -9.86 31.53 21.78
CA LYS C 267 -9.14 32.72 22.24
C LYS C 267 -8.06 32.34 23.23
N ARG C 268 -6.84 32.78 22.95
CA ARG C 268 -5.70 32.51 23.78
C ARG C 268 -5.10 33.83 24.24
N ARG C 269 -4.82 33.98 25.53
CA ARG C 269 -4.10 35.16 26.01
C ARG C 269 -2.60 35.00 25.82
N VAL C 270 -1.96 36.09 25.38
CA VAL C 270 -0.51 36.11 25.19
C VAL C 270 0.08 37.40 25.80
N LYS C 271 1.37 37.36 26.13
CA LYS C 271 2.04 38.47 26.84
C LYS C 271 3.13 39.13 26.00
N VAL D 7 -31.94 22.26 19.03
CA VAL D 7 -32.40 21.19 19.96
C VAL D 7 -31.30 20.80 20.94
N GLU D 8 -31.64 20.76 22.24
CA GLU D 8 -30.70 20.30 23.27
C GLU D 8 -30.74 18.78 23.28
N VAL D 9 -29.57 18.13 23.26
CA VAL D 9 -29.48 16.68 23.34
C VAL D 9 -29.33 16.25 24.79
N LEU D 10 -30.28 15.48 25.30
CA LEU D 10 -30.29 15.07 26.70
C LEU D 10 -29.92 13.58 26.80
N GLU D 11 -30.53 12.84 27.73
CA GLU D 11 -30.05 11.48 28.02
C GLU D 11 -30.58 10.42 27.07
N VAL D 12 -29.85 9.31 27.00
CA VAL D 12 -30.28 8.14 26.26
C VAL D 12 -31.25 7.37 27.14
N LYS D 13 -32.33 6.90 26.52
CA LYS D 13 -33.31 6.05 27.20
C LYS D 13 -32.80 4.63 27.26
N THR D 14 -32.98 3.96 28.40
CA THR D 14 -32.57 2.56 28.54
C THR D 14 -33.79 1.68 28.68
N GLY D 15 -33.58 0.38 28.80
CA GLY D 15 -34.67 -0.60 28.87
C GLY D 15 -34.69 -1.41 27.61
N VAL D 16 -35.36 -2.55 27.64
CA VAL D 16 -35.42 -3.45 26.46
C VAL D 16 -35.97 -2.74 25.22
N ASP D 17 -36.97 -1.87 25.46
CA ASP D 17 -37.69 -1.15 24.42
C ASP D 17 -36.88 -0.06 23.71
N SER D 18 -35.68 0.21 24.20
CA SER D 18 -34.98 1.44 23.87
C SER D 18 -34.01 1.33 22.69
N ILE D 19 -33.87 0.14 22.12
CA ILE D 19 -32.98 -0.05 20.97
C ILE D 19 -33.71 -0.68 19.79
N THR D 20 -33.21 -0.40 18.60
CA THR D 20 -33.73 -1.05 17.42
C THR D 20 -32.62 -1.17 16.39
N GLU D 21 -32.88 -1.98 15.38
CA GLU D 21 -31.88 -2.27 14.37
C GLU D 21 -32.51 -2.19 12.98
N VAL D 22 -31.76 -1.67 12.03
CA VAL D 22 -32.19 -1.65 10.63
C VAL D 22 -31.19 -2.47 9.84
N GLU D 23 -31.70 -3.35 8.98
CA GLU D 23 -30.86 -4.17 8.14
C GLU D 23 -31.45 -4.13 6.74
N CYS D 24 -30.63 -3.83 5.75
CA CYS D 24 -31.11 -3.78 4.38
C CYS D 24 -29.98 -3.78 3.39
N PHE D 25 -30.35 -3.83 2.12
CA PHE D 25 -29.36 -3.68 1.06
C PHE D 25 -29.85 -2.63 0.09
N LEU D 26 -28.90 -1.88 -0.42
CA LEU D 26 -29.13 -0.88 -1.44
C LEU D 26 -28.57 -1.43 -2.74
N THR D 27 -29.38 -1.50 -3.78
CA THR D 27 -28.91 -1.97 -5.08
C THR D 27 -28.24 -0.82 -5.83
N PRO D 28 -27.27 -1.13 -6.70
CA PRO D 28 -26.57 -0.12 -7.45
C PRO D 28 -27.44 0.37 -8.61
N GLU D 29 -27.21 1.61 -9.03
CA GLU D 29 -27.93 2.20 -10.15
C GLU D 29 -26.93 2.71 -11.18
N MET D 30 -26.48 1.78 -12.01
CA MET D 30 -25.39 2.04 -12.95
C MET D 30 -25.84 2.54 -14.30
N GLY D 31 -27.15 2.45 -14.57
CA GLY D 31 -27.72 2.88 -15.85
C GLY D 31 -28.72 1.91 -16.45
N ASP D 32 -28.45 0.61 -16.28
CA ASP D 32 -29.34 -0.48 -16.70
C ASP D 32 -29.86 -0.32 -18.15
N PRO D 33 -28.97 -0.41 -19.15
CA PRO D 33 -29.29 -0.06 -20.56
C PRO D 33 -30.35 -0.96 -21.21
N ASP D 34 -30.54 -2.17 -20.71
CA ASP D 34 -31.65 -3.02 -21.17
C ASP D 34 -32.09 -4.01 -20.10
N GLU D 35 -33.05 -4.87 -20.48
CA GLU D 35 -33.69 -5.79 -19.54
CA GLU D 35 -33.69 -5.79 -19.52
C GLU D 35 -32.78 -6.90 -19.01
N HIS D 36 -31.57 -7.04 -19.57
CA HIS D 36 -30.62 -8.06 -19.16
C HIS D 36 -29.43 -7.51 -18.39
N LEU D 37 -29.34 -6.20 -18.23
CA LEU D 37 -28.08 -5.56 -17.81
C LEU D 37 -28.18 -4.74 -16.53
N ARG D 38 -29.08 -5.14 -15.65
CA ARG D 38 -29.13 -4.61 -14.31
C ARG D 38 -27.74 -4.73 -13.66
N GLY D 39 -27.25 -3.63 -13.11
CA GLY D 39 -25.92 -3.58 -12.51
C GLY D 39 -24.82 -3.08 -13.43
N PHE D 40 -25.12 -2.90 -14.71
CA PHE D 40 -24.16 -2.37 -15.68
C PHE D 40 -24.67 -1.04 -16.23
N SER D 41 -23.76 -0.20 -16.71
CA SER D 41 -24.14 0.96 -17.50
C SER D 41 -24.19 0.59 -18.99
N LYS D 42 -24.72 1.50 -19.79
CA LYS D 42 -24.53 1.44 -21.22
C LYS D 42 -23.03 1.51 -21.50
N SER D 43 -22.56 0.95 -22.62
CA SER D 43 -21.17 1.10 -22.97
CA SER D 43 -21.16 1.10 -22.94
C SER D 43 -20.84 2.59 -23.14
N ILE D 44 -19.63 2.96 -22.75
CA ILE D 44 -19.21 4.35 -22.77
C ILE D 44 -18.82 4.78 -24.19
N SER D 45 -19.38 5.88 -24.65
CA SER D 45 -18.96 6.50 -25.89
CA SER D 45 -18.99 6.53 -25.89
C SER D 45 -18.30 7.84 -25.55
N ILE D 46 -17.39 8.28 -26.41
CA ILE D 46 -16.62 9.51 -26.19
C ILE D 46 -17.07 10.58 -27.17
N SER D 47 -17.35 11.79 -26.67
CA SER D 47 -17.75 12.92 -27.54
C SER D 47 -16.62 13.27 -28.53
N ASP D 48 -16.99 13.82 -29.70
CA ASP D 48 -16.01 14.16 -30.75
C ASP D 48 -15.26 15.43 -30.46
N THR D 49 -15.83 16.27 -29.58
CA THR D 49 -15.20 17.49 -29.13
C THR D 49 -15.48 17.64 -27.66
N PHE D 50 -14.67 18.45 -26.99
CA PHE D 50 -14.87 18.64 -25.55
C PHE D 50 -16.20 19.32 -25.26
N GLU D 51 -16.55 20.32 -26.08
CA GLU D 51 -17.77 21.11 -25.94
C GLU D 51 -19.05 20.29 -26.10
N SER D 52 -18.97 19.21 -26.88
CA SER D 52 -20.18 18.44 -27.25
C SER D 52 -20.45 17.22 -26.38
N ASP D 53 -19.73 17.10 -25.26
CA ASP D 53 -19.99 16.04 -24.29
C ASP D 53 -21.49 15.99 -23.94
N SER D 54 -22.09 14.83 -24.13
CA SER D 54 -23.52 14.70 -24.01
C SER D 54 -23.87 13.26 -23.65
N PRO D 55 -23.59 12.86 -22.42
CA PRO D 55 -23.76 11.47 -22.05
C PRO D 55 -25.23 11.10 -21.97
N ASN D 56 -25.55 9.90 -22.46
CA ASN D 56 -26.89 9.39 -22.32
C ASN D 56 -27.17 8.97 -20.90
N ARG D 57 -28.45 9.04 -20.52
CA ARG D 57 -28.82 8.74 -19.13
C ARG D 57 -28.35 7.36 -18.69
N ASP D 58 -28.48 6.38 -19.57
CA ASP D 58 -28.16 5.01 -19.18
C ASP D 58 -26.65 4.75 -19.17
N MET D 59 -25.85 5.77 -19.48
CA MET D 59 -24.39 5.70 -19.39
C MET D 59 -23.86 6.28 -18.07
N LEU D 60 -24.76 6.82 -17.26
CA LEU D 60 -24.37 7.53 -16.01
C LEU D 60 -24.77 6.82 -14.73
N PRO D 61 -23.80 6.24 -14.01
CA PRO D 61 -24.13 5.76 -12.68
C PRO D 61 -24.66 6.89 -11.78
N CYS D 62 -25.59 6.53 -10.89
CA CYS D 62 -26.22 7.47 -9.98
C CYS D 62 -26.05 7.02 -8.54
N TYR D 63 -26.19 7.97 -7.62
CA TYR D 63 -26.22 7.66 -6.20
C TYR D 63 -27.46 6.81 -5.87
N SER D 64 -27.28 5.84 -4.99
CA SER D 64 -28.40 5.07 -4.43
C SER D 64 -28.77 5.65 -3.07
N VAL D 65 -30.07 5.63 -2.76
CA VAL D 65 -30.59 6.09 -1.46
C VAL D 65 -31.79 5.27 -1.04
N ALA D 66 -31.89 5.01 0.27
CA ALA D 66 -33.08 4.41 0.86
C ALA D 66 -33.41 5.19 2.11
N ARG D 67 -34.69 5.52 2.25
CA ARG D 67 -35.24 6.12 3.45
C ARG D 67 -35.98 5.02 4.17
N ILE D 68 -35.58 4.72 5.40
CA ILE D 68 -36.11 3.57 6.13
C ILE D 68 -36.94 4.07 7.31
N PRO D 69 -38.25 3.78 7.34
CA PRO D 69 -39.04 4.21 8.50
C PRO D 69 -38.70 3.41 9.75
N LEU D 70 -38.66 4.09 10.89
CA LEU D 70 -38.30 3.49 12.15
C LEU D 70 -39.55 3.42 13.02
N PRO D 71 -39.49 2.64 14.11
CA PRO D 71 -40.65 2.60 14.99
C PRO D 71 -41.07 3.99 15.44
N ASN D 72 -42.37 4.24 15.36
CA ASN D 72 -42.92 5.56 15.57
C ASN D 72 -42.73 5.98 17.03
N LEU D 73 -42.16 7.16 17.25
CA LEU D 73 -41.98 7.70 18.59
C LEU D 73 -42.95 8.87 18.78
N ILE D 82 -39.67 14.99 23.73
CA ILE D 82 -39.33 14.45 22.41
C ILE D 82 -38.21 13.40 22.44
N LEU D 83 -38.50 12.23 21.89
CA LEU D 83 -37.50 11.19 21.67
C LEU D 83 -37.21 11.07 20.19
N MET D 84 -35.94 10.83 19.86
CA MET D 84 -35.51 10.55 18.49
C MET D 84 -34.63 9.33 18.51
N TRP D 85 -34.67 8.57 17.41
CA TRP D 85 -33.75 7.47 17.21
C TRP D 85 -32.41 8.03 16.84
N GLU D 86 -31.37 7.55 17.51
CA GLU D 86 -30.00 7.99 17.31
C GLU D 86 -29.24 6.80 16.72
N ALA D 87 -28.62 6.99 15.56
CA ALA D 87 -27.82 5.93 14.93
C ALA D 87 -26.46 5.89 15.60
N VAL D 88 -26.07 4.71 16.08
CA VAL D 88 -24.87 4.55 16.88
C VAL D 88 -23.76 3.77 16.18
N THR D 89 -24.12 2.67 15.52
CA THR D 89 -23.15 1.82 14.82
C THR D 89 -23.64 1.40 13.45
N LEU D 90 -22.67 1.07 12.61
CA LEU D 90 -22.88 0.57 11.24
C LEU D 90 -21.97 -0.63 10.98
N LYS D 91 -22.54 -1.69 10.39
CA LYS D 91 -21.76 -2.68 9.67
C LYS D 91 -22.21 -2.59 8.22
N THR D 92 -21.25 -2.65 7.31
CA THR D 92 -21.54 -2.52 5.87
C THR D 92 -20.53 -3.32 5.07
N GLU D 93 -20.97 -3.85 3.94
CA GLU D 93 -20.03 -4.40 2.98
C GLU D 93 -20.69 -4.52 1.64
N VAL D 94 -19.84 -4.70 0.65
CA VAL D 94 -20.28 -4.84 -0.72
C VAL D 94 -20.71 -6.30 -0.91
N ILE D 95 -21.86 -6.52 -1.54
CA ILE D 95 -22.44 -7.87 -1.66
C ILE D 95 -22.20 -8.39 -3.07
N GLY D 96 -21.59 -9.59 -3.15
CA GLY D 96 -21.33 -10.26 -4.42
C GLY D 96 -19.96 -10.02 -5.01
N VAL D 97 -18.98 -9.77 -4.15
CA VAL D 97 -17.62 -9.48 -4.63
C VAL D 97 -17.05 -10.57 -5.54
N THR D 98 -17.41 -11.83 -5.31
CA THR D 98 -16.86 -12.92 -6.07
C THR D 98 -17.39 -13.01 -7.49
N SER D 99 -18.51 -12.35 -7.76
CA SER D 99 -19.04 -12.33 -9.13
C SER D 99 -18.00 -11.75 -10.11
N LEU D 100 -17.07 -10.93 -9.60
CA LEU D 100 -16.04 -10.35 -10.43
C LEU D 100 -14.99 -11.36 -10.90
N MET D 101 -15.10 -12.61 -10.45
CA MET D 101 -14.25 -13.68 -10.92
C MET D 101 -14.77 -14.32 -12.20
N ASN D 102 -15.94 -13.88 -12.67
CA ASN D 102 -16.41 -14.33 -13.98
C ASN D 102 -15.62 -13.65 -15.11
N VAL D 103 -14.60 -14.34 -15.58
CA VAL D 103 -13.69 -13.85 -16.61
C VAL D 103 -13.91 -14.65 -17.90
N HIS D 104 -15.08 -15.29 -18.00
CA HIS D 104 -15.39 -16.19 -19.11
C HIS D 104 -16.62 -15.82 -19.91
N SER D 105 -17.24 -14.67 -19.59
CA SER D 105 -18.52 -14.24 -20.17
C SER D 105 -18.30 -13.10 -21.19
N ASN D 106 -17.90 -13.48 -22.38
CA ASN D 106 -17.72 -12.57 -23.50
C ASN D 106 -16.92 -11.31 -23.23
N GLY D 107 -15.85 -11.48 -22.45
CA GLY D 107 -14.92 -10.38 -22.20
C GLY D 107 -13.83 -10.35 -23.25
N GLN D 108 -12.90 -9.42 -23.06
CA GLN D 108 -11.78 -9.21 -23.94
C GLN D 108 -10.59 -9.92 -23.34
N ALA D 109 -10.06 -10.89 -24.05
CA ALA D 109 -8.91 -11.66 -23.61
C ALA D 109 -7.76 -10.71 -23.31
N THR D 110 -7.05 -10.98 -22.22
CA THR D 110 -5.94 -10.12 -21.81
C THR D 110 -4.76 -10.25 -22.75
N HIS D 111 -4.62 -11.41 -23.39
CA HIS D 111 -3.63 -11.69 -24.43
C HIS D 111 -4.09 -12.92 -25.18
N ASP D 112 -3.40 -13.29 -26.26
CA ASP D 112 -3.83 -14.44 -27.08
CA ASP D 112 -3.81 -14.43 -27.08
C ASP D 112 -3.94 -15.71 -26.25
N ASN D 113 -5.13 -16.30 -26.27
CA ASN D 113 -5.49 -17.51 -25.54
C ASN D 113 -5.75 -17.28 -24.06
N GLY D 114 -5.64 -16.04 -23.60
CA GLY D 114 -5.80 -15.73 -22.18
C GLY D 114 -7.25 -15.63 -21.74
N ALA D 115 -7.43 -15.53 -20.43
CA ALA D 115 -8.74 -15.31 -19.85
C ALA D 115 -9.21 -13.88 -20.12
N GLY D 116 -10.50 -13.64 -19.89
CA GLY D 116 -11.06 -12.31 -20.07
C GLY D 116 -10.56 -11.31 -19.05
N LYS D 117 -10.47 -10.05 -19.43
CA LYS D 117 -10.09 -9.01 -18.46
C LYS D 117 -11.14 -8.88 -17.38
N PRO D 118 -10.71 -8.87 -16.10
CA PRO D 118 -11.69 -8.68 -15.04
C PRO D 118 -12.13 -7.22 -14.98
N VAL D 119 -13.23 -6.99 -14.28
CA VAL D 119 -13.66 -5.63 -13.97
C VAL D 119 -12.52 -4.95 -13.25
N GLN D 120 -12.20 -3.75 -13.68
CA GLN D 120 -11.07 -3.00 -13.15
CA GLN D 120 -11.09 -2.99 -13.12
C GLN D 120 -11.18 -1.55 -13.61
N GLY D 121 -10.28 -0.72 -13.12
CA GLY D 121 -10.26 0.69 -13.44
C GLY D 121 -11.04 1.53 -12.46
N THR D 122 -11.36 2.74 -12.88
CA THR D 122 -11.90 3.75 -11.99
C THR D 122 -13.08 3.23 -11.14
N SER D 123 -12.98 3.43 -9.81
CA SER D 123 -14.01 2.99 -8.88
C SER D 123 -14.36 4.10 -7.90
N PHE D 124 -15.59 4.05 -7.41
CA PHE D 124 -16.04 4.94 -6.33
C PHE D 124 -16.87 4.12 -5.36
N HIS D 125 -16.39 4.02 -4.13
CA HIS D 125 -17.07 3.31 -3.08
C HIS D 125 -17.40 4.29 -1.99
N PHE D 126 -18.68 4.39 -1.70
CA PHE D 126 -19.22 5.44 -0.87
C PHE D 126 -20.41 4.94 -0.08
N PHE D 127 -20.49 5.37 1.17
CA PHE D 127 -21.70 5.13 1.94
C PHE D 127 -21.90 6.20 3.00
N SER D 128 -23.16 6.43 3.35
CA SER D 128 -23.48 7.38 4.40
C SER D 128 -24.71 6.90 5.17
N VAL D 129 -24.79 7.37 6.41
CA VAL D 129 -25.91 7.12 7.31
C VAL D 129 -26.25 8.46 7.93
N GLY D 130 -27.52 8.85 7.85
CA GLY D 130 -27.94 10.13 8.43
C GLY D 130 -29.36 10.15 8.90
N GLY D 131 -29.73 11.21 9.60
CA GLY D 131 -31.07 11.34 10.12
C GLY D 131 -31.93 12.22 9.25
N GLU D 132 -31.41 12.48 8.04
CA GLU D 132 -32.08 13.26 7.01
C GLU D 132 -31.30 13.02 5.71
N ALA D 133 -31.82 13.50 4.59
CA ALA D 133 -31.18 13.24 3.31
C ALA D 133 -29.76 13.75 3.25
N LEU D 134 -28.91 13.01 2.55
CA LEU D 134 -27.54 13.44 2.28
C LEU D 134 -27.57 14.74 1.51
N GLU D 135 -26.77 15.71 1.93
CA GLU D 135 -26.69 16.98 1.24
C GLU D 135 -25.53 16.99 0.26
N LEU D 136 -25.81 17.43 -0.96
CA LEU D 136 -24.88 17.35 -2.06
C LEU D 136 -24.41 18.72 -2.56
N GLN D 137 -23.20 18.72 -3.08
CA GLN D 137 -22.61 19.88 -3.74
C GLN D 137 -22.20 19.44 -5.12
N GLY D 138 -22.51 20.24 -6.13
CA GLY D 138 -22.15 19.91 -7.49
C GLY D 138 -20.78 20.38 -7.91
N VAL D 139 -20.04 19.51 -8.58
CA VAL D 139 -18.80 19.87 -9.25
C VAL D 139 -18.77 19.13 -10.59
N LEU D 140 -18.49 19.89 -11.64
CA LEU D 140 -18.51 19.35 -13.01
C LEU D 140 -17.11 19.25 -13.58
N PHE D 141 -16.83 18.11 -14.20
CA PHE D 141 -15.57 17.97 -14.93
C PHE D 141 -15.49 18.99 -16.06
N ASN D 142 -16.60 19.16 -16.75
CA ASN D 142 -16.72 19.98 -17.95
C ASN D 142 -18.06 20.71 -17.85
N TYR D 143 -18.05 22.04 -17.70
CA TYR D 143 -19.31 22.75 -17.43
C TYR D 143 -20.22 22.78 -18.65
N ARG D 144 -19.66 22.51 -19.81
CA ARG D 144 -20.43 22.47 -21.07
C ARG D 144 -21.02 21.09 -21.38
N THR D 145 -20.78 20.11 -20.52
CA THR D 145 -21.46 18.82 -20.61
C THR D 145 -22.97 19.01 -20.60
N LYS D 146 -23.65 18.39 -21.55
CA LYS D 146 -25.11 18.37 -21.56
C LYS D 146 -25.58 17.14 -20.84
N TYR D 147 -26.13 17.32 -19.65
CA TYR D 147 -26.60 16.19 -18.86
C TYR D 147 -28.00 15.86 -19.35
N PRO D 148 -28.36 14.56 -19.30
CA PRO D 148 -29.56 14.11 -19.99
C PRO D 148 -30.83 14.28 -19.19
N ASP D 149 -31.94 14.38 -19.92
CA ASP D 149 -33.24 14.40 -19.28
C ASP D 149 -33.41 13.16 -18.41
N GLY D 150 -34.02 13.34 -17.24
CA GLY D 150 -34.26 12.25 -16.31
C GLY D 150 -33.22 12.21 -15.22
N THR D 151 -32.13 12.97 -15.40
CA THR D 151 -31.18 13.13 -14.32
C THR D 151 -31.35 14.51 -13.66
N ILE D 152 -30.92 14.59 -12.41
CA ILE D 152 -30.90 15.84 -11.67
C ILE D 152 -29.43 16.25 -11.54
N PHE D 153 -29.10 17.36 -12.16
CA PHE D 153 -27.71 17.79 -12.34
C PHE D 153 -27.60 19.26 -12.02
N PRO D 154 -26.38 19.73 -11.78
CA PRO D 154 -26.18 21.14 -11.52
C PRO D 154 -26.70 22.01 -12.67
N LYS D 155 -27.58 22.94 -12.33
CA LYS D 155 -28.23 23.83 -13.28
C LYS D 155 -27.54 25.19 -13.32
N ASN D 156 -27.74 25.91 -14.42
CA ASN D 156 -27.09 27.20 -14.63
C ASN D 156 -25.59 27.09 -14.48
N ALA D 157 -25.03 26.00 -15.01
CA ALA D 157 -23.60 25.75 -14.94
C ALA D 157 -22.80 26.88 -15.61
N THR D 158 -21.70 27.26 -14.98
CA THR D 158 -20.77 28.23 -15.54
C THR D 158 -19.37 27.63 -15.48
N VAL D 159 -18.37 28.33 -16.00
CA VAL D 159 -17.02 27.78 -15.94
C VAL D 159 -16.55 27.57 -14.49
N GLN D 160 -17.03 28.43 -13.57
CA GLN D 160 -16.72 28.22 -12.14
C GLN D 160 -17.21 26.86 -11.60
N SER D 161 -18.26 26.32 -12.21
CA SER D 161 -18.78 25.01 -11.82
C SER D 161 -17.75 23.91 -11.94
N GLN D 162 -16.71 24.12 -12.74
CA GLN D 162 -15.61 23.16 -12.86
C GLN D 162 -14.71 23.09 -11.63
N VAL D 163 -14.82 24.08 -10.74
CA VAL D 163 -14.03 24.06 -9.49
C VAL D 163 -14.88 24.27 -8.23
N MET D 164 -15.77 25.28 -8.24
CA MET D 164 -16.72 25.45 -7.14
C MET D 164 -17.72 26.54 -7.47
N ASN D 165 -18.97 26.14 -7.60
CA ASN D 165 -20.09 27.05 -7.77
C ASN D 165 -21.10 26.70 -6.70
N THR D 166 -21.19 27.56 -5.68
CA THR D 166 -22.00 27.29 -4.52
C THR D 166 -23.50 27.30 -4.79
N GLU D 167 -23.92 27.70 -6.00
CA GLU D 167 -25.32 27.55 -6.40
C GLU D 167 -25.73 26.08 -6.45
N HIS D 168 -24.78 25.16 -6.72
CA HIS D 168 -25.13 23.77 -6.96
C HIS D 168 -25.30 22.97 -5.68
N LYS D 169 -26.44 23.18 -5.03
CA LYS D 169 -26.83 22.48 -3.80
C LYS D 169 -28.02 21.59 -4.07
N ALA D 170 -28.02 20.41 -3.49
CA ALA D 170 -29.15 19.49 -3.66
C ALA D 170 -29.20 18.55 -2.48
N TYR D 171 -30.32 17.84 -2.38
CA TYR D 171 -30.52 16.74 -1.44
C TYR D 171 -30.60 15.46 -2.22
N LEU D 172 -29.97 14.40 -1.71
CA LEU D 172 -30.09 13.07 -2.31
C LEU D 172 -31.43 12.49 -1.86
N ASP D 173 -32.48 12.85 -2.59
CA ASP D 173 -33.87 12.58 -2.20
C ASP D 173 -34.63 11.72 -3.22
N LYS D 174 -33.91 11.21 -4.22
CA LYS D 174 -34.50 10.43 -5.30
C LYS D 174 -33.47 9.41 -5.83
N ASN D 175 -33.93 8.20 -6.13
CA ASN D 175 -33.08 7.17 -6.75
CA ASN D 175 -33.10 7.14 -6.72
C ASN D 175 -33.05 7.28 -8.25
N LYS D 176 -31.99 6.73 -8.86
CA LYS D 176 -31.79 6.71 -10.31
C LYS D 176 -31.75 8.12 -10.88
N ALA D 177 -31.28 9.09 -10.10
CA ALA D 177 -31.47 10.50 -10.49
C ALA D 177 -30.22 11.37 -10.46
N TYR D 178 -29.42 11.22 -9.40
CA TYR D 178 -28.28 12.10 -9.15
C TYR D 178 -27.01 11.43 -9.68
N PRO D 179 -26.49 11.91 -10.84
CA PRO D 179 -25.32 11.24 -11.39
C PRO D 179 -24.11 11.35 -10.49
N VAL D 180 -23.41 10.23 -10.32
CA VAL D 180 -22.24 10.20 -9.46
C VAL D 180 -21.21 11.26 -9.89
N GLU D 181 -21.01 11.42 -11.20
CA GLU D 181 -19.93 12.29 -11.66
C GLU D 181 -20.18 13.77 -11.43
N CYS D 182 -21.43 14.16 -11.14
CA CYS D 182 -21.84 15.56 -10.94
C CYS D 182 -21.82 16.05 -9.50
N TRP D 183 -21.88 15.13 -8.55
CA TRP D 183 -22.23 15.46 -7.18
C TRP D 183 -21.35 14.79 -6.19
N VAL D 184 -21.04 15.50 -5.11
CA VAL D 184 -20.38 14.93 -3.95
C VAL D 184 -21.09 15.37 -2.68
N PRO D 185 -20.85 14.66 -1.59
CA PRO D 185 -21.34 15.18 -0.31
C PRO D 185 -20.83 16.59 -0.06
N ASP D 186 -21.72 17.46 0.42
CA ASP D 186 -21.40 18.85 0.74
C ASP D 186 -20.77 18.92 2.12
N PRO D 187 -19.45 19.19 2.19
CA PRO D 187 -18.78 19.24 3.48
C PRO D 187 -19.20 20.45 4.35
N THR D 188 -19.83 21.46 3.74
CA THR D 188 -20.32 22.63 4.50
C THR D 188 -21.65 22.37 5.17
N ARG D 189 -22.28 21.22 4.88
CA ARG D 189 -23.53 20.82 5.51
C ARG D 189 -23.36 19.43 6.13
N ASN D 190 -24.39 18.57 6.08
CA ASN D 190 -24.28 17.20 6.59
C ASN D 190 -23.86 17.05 8.05
N GLU D 191 -24.27 18.00 8.90
CA GLU D 191 -24.07 17.93 10.34
C GLU D 191 -24.70 16.67 10.95
N ASN D 192 -25.79 16.20 10.34
CA ASN D 192 -26.59 15.08 10.86
C ASN D 192 -26.45 13.79 10.04
N THR D 193 -25.32 13.68 9.35
CA THR D 193 -24.98 12.53 8.54
C THR D 193 -23.50 12.20 8.75
N ARG D 194 -23.15 10.93 8.64
CA ARG D 194 -21.76 10.51 8.61
C ARG D 194 -21.54 9.88 7.23
N TYR D 195 -20.56 10.38 6.49
CA TYR D 195 -20.30 9.87 5.14
C TYR D 195 -18.84 9.51 4.95
N PHE D 196 -18.60 8.55 4.05
CA PHE D 196 -17.29 7.95 3.83
C PHE D 196 -17.20 7.54 2.37
N GLY D 197 -16.13 7.93 1.69
CA GLY D 197 -15.98 7.55 0.30
C GLY D 197 -14.55 7.54 -0.18
N THR D 198 -14.28 6.71 -1.17
CA THR D 198 -12.99 6.68 -1.83
C THR D 198 -13.14 6.58 -3.33
N LEU D 199 -12.54 7.54 -4.02
CA LEU D 199 -12.35 7.50 -5.46
C LEU D 199 -10.98 6.93 -5.72
N THR D 200 -10.93 5.83 -6.48
CA THR D 200 -9.68 5.29 -6.98
C THR D 200 -9.70 5.36 -8.52
N GLY D 201 -8.94 6.27 -9.11
CA GLY D 201 -9.01 6.50 -10.57
C GLY D 201 -7.87 5.90 -11.40
N GLY D 202 -8.15 5.49 -12.62
CA GLY D 202 -7.10 4.94 -13.47
C GLY D 202 -7.69 3.77 -14.15
N GLU D 203 -7.35 3.58 -15.43
CA GLU D 203 -8.01 2.53 -16.21
CA GLU D 203 -7.92 2.53 -16.29
C GLU D 203 -7.63 1.13 -15.79
N ASN D 204 -6.50 0.96 -15.10
CA ASN D 204 -6.08 -0.38 -14.70
C ASN D 204 -6.11 -0.67 -13.21
N VAL D 205 -6.69 0.22 -12.40
CA VAL D 205 -6.68 -0.03 -10.98
CA VAL D 205 -6.79 0.03 -10.96
C VAL D 205 -7.46 -1.29 -10.65
N PRO D 206 -6.86 -2.16 -9.80
CA PRO D 206 -7.51 -3.40 -9.40
C PRO D 206 -8.56 -3.19 -8.31
N PRO D 207 -9.75 -3.80 -8.46
CA PRO D 207 -10.66 -3.75 -7.31
C PRO D 207 -10.00 -4.46 -6.12
N VAL D 208 -10.08 -3.88 -4.93
CA VAL D 208 -9.68 -4.55 -3.69
C VAL D 208 -10.87 -4.45 -2.75
N LEU D 209 -11.59 -5.55 -2.58
CA LEU D 209 -12.86 -5.54 -1.90
C LEU D 209 -12.80 -6.51 -0.73
N HIS D 210 -12.96 -5.98 0.47
CA HIS D 210 -12.91 -6.79 1.69
C HIS D 210 -14.28 -7.05 2.21
N ILE D 211 -14.51 -8.27 2.69
CA ILE D 211 -15.75 -8.59 3.35
C ILE D 211 -15.46 -9.19 4.73
N THR D 212 -16.29 -8.87 5.69
CA THR D 212 -16.23 -9.50 7.00
C THR D 212 -17.43 -9.07 7.81
N ASN D 213 -17.92 -9.94 8.67
CA ASN D 213 -19.01 -9.57 9.57
C ASN D 213 -18.51 -9.16 10.96
N THR D 214 -17.23 -8.84 11.09
CA THR D 214 -16.63 -8.52 12.36
C THR D 214 -16.25 -7.05 12.53
N ALA D 215 -16.55 -6.21 11.55
CA ALA D 215 -16.09 -4.82 11.53
C ALA D 215 -17.27 -3.90 11.76
N THR D 216 -17.14 -3.00 12.73
CA THR D 216 -18.19 -2.02 13.04
C THR D 216 -17.61 -0.61 12.93
N THR D 217 -18.38 0.30 12.35
CA THR D 217 -18.09 1.72 12.37
C THR D 217 -19.00 2.41 13.40
N VAL D 218 -18.41 3.14 14.31
CA VAL D 218 -19.16 3.90 15.30
C VAL D 218 -19.52 5.26 14.69
N LEU D 219 -20.79 5.65 14.78
CA LEU D 219 -21.31 6.86 14.11
C LEU D 219 -21.40 8.08 15.01
N LEU D 220 -20.94 7.95 16.23
CA LEU D 220 -21.02 9.03 17.19
C LEU D 220 -19.97 10.08 16.84
N ASP D 221 -20.33 11.35 17.02
CA ASP D 221 -19.39 12.45 16.83
C ASP D 221 -18.52 12.62 18.08
N GLU D 222 -17.70 13.67 18.10
CA GLU D 222 -16.76 13.88 19.23
C GLU D 222 -17.47 14.15 20.56
N PHE D 223 -18.75 14.54 20.50
CA PHE D 223 -19.56 14.73 21.70
C PHE D 223 -20.39 13.52 22.09
N GLY D 224 -20.14 12.38 21.44
CA GLY D 224 -20.87 11.15 21.73
C GLY D 224 -22.29 11.12 21.16
N VAL D 225 -22.56 11.89 20.11
CA VAL D 225 -23.92 11.95 19.55
C VAL D 225 -23.90 11.45 18.11
N GLY D 226 -24.81 10.53 17.80
CA GLY D 226 -24.94 9.99 16.46
C GLY D 226 -26.00 10.75 15.69
N PRO D 227 -26.18 10.42 14.41
CA PRO D 227 -27.26 11.02 13.62
C PRO D 227 -28.61 10.81 14.31
N LEU D 228 -29.44 11.85 14.32
CA LEU D 228 -30.72 11.84 14.98
C LEU D 228 -31.80 11.87 13.89
N CYS D 229 -32.73 10.91 13.96
CA CYS D 229 -33.56 10.60 12.79
C CYS D 229 -34.82 11.45 12.81
N LYS D 230 -34.83 12.47 11.95
CA LYS D 230 -35.96 13.39 11.91
C LYS D 230 -37.17 12.66 11.30
N GLY D 231 -38.33 12.81 11.93
CA GLY D 231 -39.55 12.13 11.51
C GLY D 231 -39.48 10.61 11.60
N ASP D 232 -38.56 10.08 12.40
CA ASP D 232 -38.38 8.64 12.55
C ASP D 232 -38.03 7.95 11.22
N ASN D 233 -37.18 8.59 10.43
CA ASN D 233 -36.64 8.05 9.20
C ASN D 233 -35.13 8.02 9.23
N LEU D 234 -34.57 6.91 8.78
CA LEU D 234 -33.15 6.76 8.64
C LEU D 234 -32.80 6.82 7.16
N TYR D 235 -31.80 7.60 6.81
CA TYR D 235 -31.33 7.73 5.43
C TYR D 235 -30.01 7.01 5.21
N LEU D 236 -30.04 6.07 4.28
CA LEU D 236 -28.87 5.34 3.86
C LEU D 236 -28.57 5.65 2.40
N SER D 237 -27.30 5.91 2.07
CA SER D 237 -26.88 6.24 0.72
C SER D 237 -25.63 5.47 0.35
N ALA D 238 -25.44 5.22 -0.94
CA ALA D 238 -24.32 4.38 -1.38
C ALA D 238 -24.00 4.58 -2.84
N VAL D 239 -22.72 4.41 -3.16
CA VAL D 239 -22.26 4.19 -4.51
C VAL D 239 -21.19 3.12 -4.44
N ASP D 240 -21.32 2.11 -5.29
CA ASP D 240 -20.26 1.11 -5.42
C ASP D 240 -20.03 0.80 -6.88
N VAL D 241 -19.41 1.75 -7.56
CA VAL D 241 -18.96 1.57 -8.93
C VAL D 241 -17.64 0.82 -8.76
N CYS D 242 -17.62 -0.43 -9.17
CA CYS D 242 -16.47 -1.27 -8.92
C CYS D 242 -15.37 -1.12 -9.93
N GLY D 243 -15.70 -0.58 -11.09
CA GLY D 243 -14.78 -0.48 -12.21
C GLY D 243 -15.59 -0.67 -13.48
N MET D 244 -14.89 -1.02 -14.54
CA MET D 244 -15.48 -1.24 -15.85
C MET D 244 -15.24 -2.65 -16.29
N PHE D 245 -16.29 -3.21 -16.90
CA PHE D 245 -16.20 -4.45 -17.64
C PHE D 245 -15.87 -4.15 -19.09
N THR D 246 -14.91 -4.87 -19.66
CA THR D 246 -14.56 -4.72 -21.07
C THR D 246 -15.13 -5.88 -21.86
N ASN D 247 -15.98 -5.54 -22.83
CA ASN D 247 -16.53 -6.54 -23.73
C ASN D 247 -15.48 -6.97 -24.74
N ARG D 248 -15.74 -8.12 -25.33
CA ARG D 248 -14.92 -8.64 -26.40
C ARG D 248 -14.58 -7.59 -27.47
N SER D 249 -15.53 -6.73 -27.80
CA SER D 249 -15.30 -5.70 -28.83
C SER D 249 -14.38 -4.58 -28.40
N GLY D 250 -14.13 -4.49 -27.09
CA GLY D 250 -13.37 -3.42 -26.51
C GLY D 250 -14.25 -2.39 -25.82
N SER D 251 -15.57 -2.44 -26.07
CA SER D 251 -16.47 -1.49 -25.41
C SER D 251 -16.51 -1.72 -23.90
N GLN D 252 -16.69 -0.66 -23.16
CA GLN D 252 -16.62 -0.75 -21.69
C GLN D 252 -17.85 -0.23 -21.01
N GLN D 253 -18.25 -0.95 -19.96
CA GLN D 253 -19.44 -0.63 -19.19
C GLN D 253 -19.08 -0.59 -17.72
N TRP D 254 -19.56 0.42 -17.01
CA TRP D 254 -19.47 0.41 -15.54
C TRP D 254 -20.19 -0.78 -14.97
N ARG D 255 -19.63 -1.36 -13.90
CA ARG D 255 -20.27 -2.47 -13.19
C ARG D 255 -20.32 -2.09 -11.71
N GLY D 256 -21.50 -2.21 -11.13
CA GLY D 256 -21.73 -1.91 -9.72
C GLY D 256 -22.24 -3.11 -8.95
N LEU D 257 -22.17 -3.03 -7.63
CA LEU D 257 -22.68 -4.05 -6.75
C LEU D 257 -23.47 -3.41 -5.62
N SER D 258 -24.36 -4.20 -5.04
CA SER D 258 -25.17 -3.82 -3.90
C SER D 258 -24.35 -3.67 -2.62
N ARG D 259 -24.88 -2.88 -1.69
CA ARG D 259 -24.26 -2.68 -0.41
C ARG D 259 -25.22 -3.02 0.71
N TYR D 260 -24.72 -3.83 1.64
CA TYR D 260 -25.43 -4.18 2.88
C TYR D 260 -25.18 -3.12 3.95
N PHE D 261 -26.25 -2.80 4.70
CA PHE D 261 -26.20 -1.91 5.86
C PHE D 261 -26.90 -2.60 7.03
N LYS D 262 -26.25 -2.58 8.19
CA LYS D 262 -26.93 -2.88 9.44
C LYS D 262 -26.61 -1.75 10.39
N VAL D 263 -27.65 -1.09 10.89
CA VAL D 263 -27.49 0.07 11.76
C VAL D 263 -28.18 -0.21 13.08
N GLN D 264 -27.47 0.06 14.18
CA GLN D 264 -28.06 -0.04 15.50
C GLN D 264 -28.41 1.36 16.00
N LEU D 265 -29.61 1.49 16.51
CA LEU D 265 -30.11 2.78 16.96
C LEU D 265 -30.63 2.72 18.39
N ARG D 266 -30.59 3.86 19.08
CA ARG D 266 -31.09 3.94 20.44
C ARG D 266 -31.96 5.19 20.60
N LYS D 267 -32.88 5.18 21.54
CA LYS D 267 -33.72 6.35 21.80
C LYS D 267 -32.99 7.42 22.62
N ARG D 268 -33.05 8.65 22.13
CA ARG D 268 -32.38 9.79 22.76
C ARG D 268 -33.42 10.85 23.02
N ARG D 269 -33.44 11.40 24.22
CA ARG D 269 -34.35 12.51 24.52
C ARG D 269 -33.69 13.82 24.10
N VAL D 270 -34.48 14.66 23.45
CA VAL D 270 -34.06 16.00 23.01
C VAL D 270 -35.14 17.01 23.41
N LYS D 271 -34.76 18.29 23.51
CA LYS D 271 -35.71 19.37 23.89
C LYS D 271 -35.69 20.55 22.92
N VAL E 7 -30.80 -18.25 22.54
CA VAL E 7 -30.27 -18.88 23.79
C VAL E 7 -29.65 -17.87 24.74
N GLU E 8 -29.70 -18.18 26.03
CA GLU E 8 -29.06 -17.38 27.06
C GLU E 8 -27.64 -17.93 27.24
N VAL E 9 -26.63 -17.09 27.00
CA VAL E 9 -25.23 -17.47 27.18
C VAL E 9 -24.84 -17.15 28.62
N LEU E 10 -24.41 -18.16 29.36
CA LEU E 10 -24.04 -18.02 30.77
C LEU E 10 -22.54 -18.11 30.92
N GLU E 11 -22.02 -18.69 32.01
CA GLU E 11 -20.58 -18.63 32.28
C GLU E 11 -19.75 -19.66 31.50
N VAL E 12 -18.49 -19.31 31.32
CA VAL E 12 -17.47 -20.19 30.77
C VAL E 12 -17.05 -21.18 31.85
N LYS E 13 -16.86 -22.44 31.47
CA LYS E 13 -16.29 -23.43 32.37
C LYS E 13 -14.78 -23.26 32.44
N THR E 14 -14.23 -23.54 33.60
CA THR E 14 -12.78 -23.53 33.78
C THR E 14 -12.33 -24.92 34.22
N GLY E 15 -11.02 -25.10 34.36
CA GLY E 15 -10.45 -26.40 34.72
C GLY E 15 -9.74 -26.93 33.50
N VAL E 16 -8.78 -27.83 33.75
CA VAL E 16 -7.87 -28.34 32.72
C VAL E 16 -8.57 -28.79 31.43
N ASP E 17 -9.69 -29.50 31.56
CA ASP E 17 -10.38 -30.10 30.40
C ASP E 17 -11.58 -29.26 29.90
N SER E 18 -11.58 -27.98 30.27
CA SER E 18 -12.58 -27.05 29.76
C SER E 18 -12.18 -26.48 28.40
N ILE E 19 -11.03 -26.86 27.87
CA ILE E 19 -10.56 -26.32 26.60
C ILE E 19 -10.20 -27.45 25.62
N THR E 20 -10.38 -27.21 24.33
CA THR E 20 -9.93 -28.15 23.31
C THR E 20 -9.43 -27.38 22.11
N GLU E 21 -8.67 -28.05 21.24
CA GLU E 21 -8.15 -27.43 20.01
CA GLU E 21 -8.22 -27.40 20.01
C GLU E 21 -8.44 -28.30 18.79
N VAL E 22 -8.70 -27.63 17.66
CA VAL E 22 -8.91 -28.28 16.38
C VAL E 22 -7.81 -27.76 15.47
N GLU E 23 -7.11 -28.69 14.83
CA GLU E 23 -6.09 -28.33 13.86
C GLU E 23 -6.34 -29.15 12.62
N CYS E 24 -6.34 -28.50 11.45
CA CYS E 24 -6.51 -29.21 10.21
C CYS E 24 -6.15 -28.32 9.05
N PHE E 25 -6.25 -28.88 7.85
CA PHE E 25 -6.08 -28.10 6.65
C PHE E 25 -7.24 -28.41 5.72
N LEU E 26 -7.63 -27.40 4.96
CA LEU E 26 -8.62 -27.54 3.90
C LEU E 26 -7.89 -27.44 2.58
N THR E 27 -8.08 -28.42 1.71
CA THR E 27 -7.52 -28.36 0.37
C THR E 27 -8.38 -27.51 -0.57
N PRO E 28 -7.76 -26.93 -1.59
CA PRO E 28 -8.51 -26.14 -2.55
C PRO E 28 -9.23 -27.01 -3.56
N GLU E 29 -10.35 -26.51 -4.08
CA GLU E 29 -11.13 -27.18 -5.10
C GLU E 29 -11.29 -26.25 -6.30
N MET E 30 -10.26 -26.28 -7.14
CA MET E 30 -10.14 -25.36 -8.27
C MET E 30 -10.76 -25.87 -9.56
N GLY E 31 -11.07 -27.16 -9.62
CA GLY E 31 -11.65 -27.79 -10.82
C GLY E 31 -11.04 -29.13 -11.14
N ASP E 32 -9.72 -29.25 -10.94
CA ASP E 32 -9.00 -30.51 -11.07
C ASP E 32 -9.29 -31.22 -12.42
N PRO E 33 -8.88 -30.60 -13.52
CA PRO E 33 -9.34 -31.04 -14.84
C PRO E 33 -8.82 -32.40 -15.32
N ASP E 34 -7.71 -32.85 -14.75
CA ASP E 34 -7.24 -34.21 -14.98
C ASP E 34 -6.45 -34.73 -13.78
N GLU E 35 -6.02 -35.99 -13.89
CA GLU E 35 -5.36 -36.68 -12.80
C GLU E 35 -4.02 -36.06 -12.38
N HIS E 36 -3.51 -35.08 -13.12
CA HIS E 36 -2.22 -34.46 -12.82
C HIS E 36 -2.33 -33.03 -12.36
N LEU E 37 -3.55 -32.50 -12.29
CA LEU E 37 -3.76 -31.06 -12.16
C LEU E 37 -4.56 -30.66 -10.91
N ARG E 38 -4.45 -31.47 -9.87
CA ARG E 38 -5.00 -31.10 -8.57
C ARG E 38 -4.45 -29.73 -8.17
N GLY E 39 -5.34 -28.83 -7.78
CA GLY E 39 -4.97 -27.47 -7.38
C GLY E 39 -5.08 -26.45 -8.49
N PHE E 40 -5.34 -26.91 -9.72
CA PHE E 40 -5.53 -26.05 -10.88
C PHE E 40 -6.97 -26.22 -11.40
N SER E 41 -7.47 -25.19 -12.10
CA SER E 41 -8.67 -25.34 -12.91
C SER E 41 -8.31 -25.74 -14.33
N LYS E 42 -9.35 -26.08 -15.08
CA LYS E 42 -9.25 -26.16 -16.51
C LYS E 42 -8.82 -24.79 -17.06
N SER E 43 -8.13 -24.79 -18.20
CA SER E 43 -7.87 -23.55 -18.91
C SER E 43 -9.16 -22.76 -19.08
N ILE E 44 -9.03 -21.45 -18.98
CA ILE E 44 -10.19 -20.57 -19.02
C ILE E 44 -10.50 -20.21 -20.47
N SER E 45 -11.75 -20.40 -20.88
CA SER E 45 -12.17 -20.00 -22.21
C SER E 45 -13.25 -18.95 -22.03
N ILE E 46 -13.61 -18.31 -23.13
CA ILE E 46 -14.53 -17.18 -23.13
C ILE E 46 -15.67 -17.38 -24.11
N SER E 47 -16.91 -17.25 -23.63
CA SER E 47 -18.08 -17.35 -24.49
C SER E 47 -18.09 -16.26 -25.55
N ASP E 48 -18.81 -16.54 -26.63
CA ASP E 48 -18.90 -15.61 -27.75
C ASP E 48 -19.93 -14.54 -27.53
N THR E 49 -20.83 -14.79 -26.58
CA THR E 49 -21.85 -13.83 -26.21
C THR E 49 -22.12 -13.92 -24.75
N PHE E 50 -22.68 -12.84 -24.24
CA PHE E 50 -23.04 -12.79 -22.86
C PHE E 50 -24.04 -13.91 -22.55
N GLU E 51 -25.02 -14.06 -23.44
CA GLU E 51 -26.07 -15.02 -23.27
C GLU E 51 -25.60 -16.49 -23.34
N SER E 52 -24.46 -16.76 -23.99
CA SER E 52 -24.01 -18.13 -24.19
C SER E 52 -23.00 -18.59 -23.14
N ASP E 53 -22.79 -17.77 -22.11
CA ASP E 53 -21.83 -18.12 -21.07
C ASP E 53 -22.22 -19.46 -20.45
N SER E 54 -21.31 -20.43 -20.53
CA SER E 54 -21.62 -21.80 -20.14
C SER E 54 -20.38 -22.53 -19.59
N PRO E 55 -19.89 -22.10 -18.41
CA PRO E 55 -18.61 -22.63 -17.91
C PRO E 55 -18.66 -24.14 -17.58
N ASN E 56 -17.60 -24.86 -17.94
CA ASN E 56 -17.42 -26.24 -17.52
C ASN E 56 -17.29 -26.31 -16.01
N ARG E 57 -17.74 -27.44 -15.45
CA ARG E 57 -17.54 -27.65 -14.02
C ARG E 57 -16.06 -27.55 -13.63
N ASP E 58 -15.19 -28.11 -14.47
CA ASP E 58 -13.77 -28.15 -14.13
C ASP E 58 -13.05 -26.80 -14.29
N MET E 59 -13.77 -25.79 -14.76
CA MET E 59 -13.22 -24.45 -14.89
C MET E 59 -13.64 -23.53 -13.73
N LEU E 60 -14.44 -24.06 -12.81
CA LEU E 60 -15.03 -23.25 -11.72
C LEU E 60 -14.52 -23.65 -10.33
N PRO E 61 -13.66 -22.81 -9.77
CA PRO E 61 -13.30 -22.98 -8.36
C PRO E 61 -14.54 -22.97 -7.45
N CYS E 62 -14.51 -23.77 -6.38
CA CYS E 62 -15.60 -23.85 -5.43
C CYS E 62 -15.12 -23.55 -4.03
N TYR E 63 -16.06 -23.20 -3.15
CA TYR E 63 -15.78 -23.05 -1.71
C TYR E 63 -15.38 -24.40 -1.13
N SER E 64 -14.39 -24.39 -0.24
CA SER E 64 -14.04 -25.57 0.55
C SER E 64 -14.70 -25.49 1.93
N VAL E 65 -15.12 -26.64 2.45
CA VAL E 65 -15.72 -26.69 3.77
C VAL E 65 -15.30 -27.96 4.49
N ALA E 66 -15.10 -27.85 5.80
CA ALA E 66 -14.95 -29.04 6.64
C ALA E 66 -15.83 -28.92 7.88
N ARG E 67 -16.56 -29.98 8.19
CA ARG E 67 -17.34 -30.06 9.40
C ARG E 67 -16.53 -30.94 10.33
N ILE E 68 -16.12 -30.39 11.46
CA ILE E 68 -15.23 -31.08 12.38
C ILE E 68 -15.97 -31.46 13.67
N PRO E 69 -16.13 -32.77 13.94
CA PRO E 69 -16.78 -33.15 15.20
C PRO E 69 -15.89 -32.84 16.38
N LEU E 70 -16.51 -32.32 17.44
CA LEU E 70 -15.83 -31.94 18.65
C LEU E 70 -16.16 -32.94 19.75
N PRO E 71 -15.38 -32.90 20.84
CA PRO E 71 -15.74 -33.80 21.94
C PRO E 71 -17.18 -33.64 22.42
N ASN E 72 -17.86 -34.77 22.63
CA ASN E 72 -19.26 -34.77 23.01
C ASN E 72 -19.47 -34.05 24.34
N LEU E 73 -20.46 -33.15 24.41
CA LEU E 73 -20.67 -32.39 25.66
C LEU E 73 -21.85 -32.80 26.53
N ASN E 74 -22.99 -33.05 25.91
CA ASN E 74 -24.18 -33.38 26.67
C ASN E 74 -24.66 -34.78 26.33
N ILE E 82 -26.78 -27.44 29.96
CA ILE E 82 -26.37 -27.52 28.57
C ILE E 82 -25.05 -26.77 28.30
N LEU E 83 -24.02 -27.51 27.87
CA LEU E 83 -22.74 -26.94 27.50
C LEU E 83 -22.56 -26.96 25.99
N MET E 84 -21.85 -25.95 25.49
CA MET E 84 -21.49 -25.85 24.07
C MET E 84 -20.04 -25.41 23.95
N TRP E 85 -19.35 -25.93 22.94
CA TRP E 85 -18.02 -25.44 22.61
C TRP E 85 -18.12 -24.08 21.97
N GLU E 86 -17.31 -23.15 22.47
CA GLU E 86 -17.27 -21.78 21.98
C GLU E 86 -15.91 -21.56 21.33
N ALA E 87 -15.90 -21.17 20.06
CA ALA E 87 -14.64 -20.93 19.36
C ALA E 87 -14.11 -19.54 19.74
N VAL E 88 -12.88 -19.49 20.24
CA VAL E 88 -12.32 -18.27 20.83
C VAL E 88 -11.24 -17.63 19.98
N THR E 89 -10.32 -18.45 19.46
CA THR E 89 -9.23 -17.94 18.65
C THR E 89 -8.98 -18.79 17.41
N LEU E 90 -8.34 -18.16 16.43
CA LEU E 90 -7.98 -18.77 15.16
C LEU E 90 -6.57 -18.36 14.78
N LYS E 91 -5.75 -19.34 14.43
CA LYS E 91 -4.54 -19.11 13.63
C LYS E 91 -4.78 -19.76 12.25
N THR E 92 -4.45 -19.03 11.20
CA THR E 92 -4.65 -19.56 9.87
C THR E 92 -3.54 -19.09 8.94
N GLU E 93 -3.29 -19.89 7.92
CA GLU E 93 -2.19 -19.66 7.02
C GLU E 93 -2.41 -20.39 5.70
N VAL E 94 -2.03 -19.74 4.60
CA VAL E 94 -2.00 -20.43 3.29
C VAL E 94 -0.74 -21.31 3.24
N ILE E 95 -0.92 -22.58 2.84
CA ILE E 95 0.15 -23.57 2.85
C ILE E 95 0.73 -23.75 1.44
N GLY E 96 2.03 -23.53 1.32
CA GLY E 96 2.75 -23.77 0.07
C GLY E 96 3.01 -22.53 -0.75
N VAL E 97 3.09 -21.38 -0.09
CA VAL E 97 3.25 -20.12 -0.82
C VAL E 97 4.48 -20.08 -1.73
N THR E 98 5.58 -20.73 -1.32
CA THR E 98 6.79 -20.74 -2.13
C THR E 98 6.68 -21.57 -3.43
N SER E 99 5.67 -22.43 -3.55
CA SER E 99 5.49 -23.22 -4.78
C SER E 99 5.35 -22.29 -5.99
N LEU E 100 4.89 -21.07 -5.74
CA LEU E 100 4.68 -20.08 -6.80
C LEU E 100 6.00 -19.54 -7.36
N MET E 101 7.11 -19.94 -6.78
CA MET E 101 8.43 -19.63 -7.31
C MET E 101 8.88 -20.60 -8.40
N ASN E 102 8.04 -21.59 -8.71
CA ASN E 102 8.33 -22.42 -9.87
C ASN E 102 7.91 -21.70 -11.14
N VAL E 103 8.89 -21.01 -11.73
CA VAL E 103 8.71 -20.23 -12.96
C VAL E 103 9.48 -20.90 -14.11
N HIS E 104 9.63 -22.22 -14.01
CA HIS E 104 10.41 -22.97 -15.00
C HIS E 104 9.67 -24.17 -15.57
N SER E 105 8.36 -24.24 -15.33
CA SER E 105 7.57 -25.42 -15.66
C SER E 105 6.47 -25.06 -16.64
N ASN E 106 6.76 -25.19 -17.92
CA ASN E 106 5.80 -24.90 -19.00
C ASN E 106 5.09 -23.56 -18.88
N GLY E 107 5.82 -22.54 -18.45
CA GLY E 107 5.24 -21.21 -18.33
C GLY E 107 5.49 -20.40 -19.58
N GLN E 108 4.78 -19.30 -19.73
CA GLN E 108 5.00 -18.39 -20.84
C GLN E 108 6.08 -17.43 -20.41
N ALA E 109 7.13 -17.33 -21.21
CA ALA E 109 8.24 -16.43 -20.88
C ALA E 109 7.76 -14.97 -20.84
N THR E 110 8.26 -14.24 -19.84
CA THR E 110 7.90 -12.84 -19.67
C THR E 110 8.32 -11.99 -20.86
N HIS E 111 9.43 -12.36 -21.49
CA HIS E 111 9.95 -11.76 -22.73
C HIS E 111 10.95 -12.73 -23.32
N ASP E 112 11.51 -12.44 -24.48
CA ASP E 112 12.49 -13.35 -25.12
C ASP E 112 13.64 -13.76 -24.19
N ASN E 113 13.80 -15.07 -23.99
CA ASN E 113 14.84 -15.64 -23.14
C ASN E 113 14.58 -15.48 -21.66
N GLY E 114 13.46 -14.89 -21.30
CA GLY E 114 13.14 -14.64 -19.88
C GLY E 114 12.58 -15.83 -19.15
N ALA E 115 12.39 -15.67 -17.85
CA ALA E 115 11.78 -16.69 -17.02
C ALA E 115 10.27 -16.78 -17.27
N GLY E 116 9.65 -17.85 -16.77
CA GLY E 116 8.22 -18.01 -16.90
C GLY E 116 7.45 -17.00 -16.07
N LYS E 117 6.30 -16.60 -16.54
CA LYS E 117 5.41 -15.73 -15.76
C LYS E 117 4.91 -16.42 -14.51
N PRO E 118 4.98 -15.74 -13.36
CA PRO E 118 4.45 -16.40 -12.17
C PRO E 118 2.94 -16.31 -12.13
N VAL E 119 2.36 -17.10 -11.25
CA VAL E 119 0.94 -16.99 -10.90
C VAL E 119 0.66 -15.54 -10.47
N GLN E 120 -0.37 -14.96 -11.06
CA GLN E 120 -0.76 -13.59 -10.76
CA GLN E 120 -0.76 -13.60 -10.77
C GLN E 120 -2.17 -13.36 -11.30
N GLY E 121 -2.70 -12.18 -11.04
CA GLY E 121 -4.06 -11.86 -11.45
C GLY E 121 -5.08 -12.08 -10.35
N THR E 122 -6.33 -12.07 -10.73
CA THR E 122 -7.45 -12.06 -9.78
C THR E 122 -7.29 -13.13 -8.72
N SER E 123 -7.44 -12.73 -7.46
CA SER E 123 -7.36 -13.63 -6.34
C SER E 123 -8.56 -13.46 -5.39
N PHE E 124 -8.88 -14.52 -4.69
CA PHE E 124 -9.88 -14.46 -3.62
C PHE E 124 -9.39 -15.31 -2.48
N HIS E 125 -9.14 -14.67 -1.34
CA HIS E 125 -8.69 -15.32 -0.12
C HIS E 125 -9.72 -15.09 0.94
N PHE E 126 -10.23 -16.19 1.46
CA PHE E 126 -11.41 -16.20 2.32
C PHE E 126 -11.30 -17.31 3.34
N PHE E 127 -11.71 -17.02 4.57
CA PHE E 127 -11.86 -18.08 5.55
C PHE E 127 -12.95 -17.73 6.55
N SER E 128 -13.57 -18.75 7.12
CA SER E 128 -14.60 -18.57 8.13
C SER E 128 -14.55 -19.69 9.15
N VAL E 129 -15.02 -19.35 10.34
CA VAL E 129 -15.15 -20.28 11.46
C VAL E 129 -16.53 -20.05 12.07
N GLY E 130 -17.32 -21.10 12.15
CA GLY E 130 -18.64 -20.97 12.75
C GLY E 130 -19.14 -22.21 13.46
N GLY E 131 -20.22 -22.04 14.21
CA GLY E 131 -20.84 -23.13 14.95
C GLY E 131 -21.95 -23.81 14.20
N GLU E 132 -22.00 -23.54 12.90
CA GLU E 132 -22.95 -24.11 11.97
C GLU E 132 -22.46 -23.77 10.56
N ALA E 133 -23.11 -24.31 9.53
CA ALA E 133 -22.65 -24.07 8.16
C ALA E 133 -22.69 -22.59 7.79
N LEU E 134 -21.71 -22.16 7.02
CA LEU E 134 -21.66 -20.81 6.46
C LEU E 134 -22.91 -20.58 5.61
N GLU E 135 -23.55 -19.44 5.83
CA GLU E 135 -24.75 -19.11 5.08
C GLU E 135 -24.39 -18.24 3.88
N LEU E 136 -24.89 -18.63 2.71
CA LEU E 136 -24.51 -18.03 1.44
C LEU E 136 -25.67 -17.27 0.80
N GLN E 137 -25.29 -16.20 0.09
CA GLN E 137 -26.20 -15.44 -0.73
C GLN E 137 -25.66 -15.49 -2.14
N GLY E 138 -26.52 -15.76 -3.10
CA GLY E 138 -26.10 -15.81 -4.51
C GLY E 138 -26.11 -14.44 -5.17
N VAL E 139 -25.06 -14.14 -5.90
CA VAL E 139 -24.99 -12.93 -6.77
C VAL E 139 -24.27 -13.37 -8.04
N LEU E 140 -24.88 -13.07 -9.20
CA LEU E 140 -24.38 -13.54 -10.49
C LEU E 140 -23.80 -12.38 -11.28
N PHE E 141 -22.63 -12.58 -11.86
CA PHE E 141 -22.11 -11.58 -12.76
C PHE E 141 -23.06 -11.36 -13.94
N ASN E 142 -23.60 -12.47 -14.43
CA ASN E 142 -24.42 -12.55 -15.63
C ASN E 142 -25.53 -13.57 -15.34
N TYR E 143 -26.77 -13.12 -15.22
CA TYR E 143 -27.84 -14.01 -14.77
C TYR E 143 -28.17 -15.10 -15.80
N ARG E 144 -27.74 -14.90 -17.06
CA ARG E 144 -27.95 -15.90 -18.11
C ARG E 144 -26.83 -16.96 -18.19
N THR E 145 -25.82 -16.86 -17.33
CA THR E 145 -24.80 -17.90 -17.25
C THR E 145 -25.44 -19.25 -16.94
N LYS E 146 -25.08 -20.26 -17.72
CA LYS E 146 -25.57 -21.61 -17.51
C LYS E 146 -24.55 -22.32 -16.64
N TYR E 147 -24.88 -22.56 -15.37
CA TYR E 147 -23.96 -23.27 -14.47
C TYR E 147 -24.11 -24.79 -14.68
N PRO E 148 -23.01 -25.52 -14.55
CA PRO E 148 -22.97 -26.89 -15.03
C PRO E 148 -23.50 -27.92 -14.04
N ASP E 149 -23.96 -29.06 -14.57
CA ASP E 149 -24.37 -30.19 -13.75
CA ASP E 149 -24.38 -30.20 -13.76
C ASP E 149 -23.26 -30.57 -12.78
N GLY E 150 -23.65 -30.85 -11.53
CA GLY E 150 -22.65 -31.17 -10.50
C GLY E 150 -22.32 -30.00 -9.60
N THR E 151 -22.70 -28.78 -10.00
CA THR E 151 -22.57 -27.63 -9.11
C THR E 151 -23.94 -27.27 -8.52
N ILE E 152 -23.89 -26.55 -7.41
CA ILE E 152 -25.07 -26.02 -6.75
C ILE E 152 -25.00 -24.51 -6.92
N PHE E 153 -25.99 -23.95 -7.60
CA PHE E 153 -25.95 -22.55 -8.07
C PHE E 153 -27.28 -21.89 -7.85
N PRO E 154 -27.33 -20.55 -7.94
CA PRO E 154 -28.59 -19.85 -7.79
C PRO E 154 -29.62 -20.29 -8.82
N LYS E 155 -30.76 -20.75 -8.35
CA LYS E 155 -31.83 -21.27 -9.21
C LYS E 155 -32.84 -20.19 -9.46
N ASN E 156 -33.57 -20.30 -10.57
CA ASN E 156 -34.58 -19.32 -10.93
C ASN E 156 -33.99 -17.91 -11.05
N ALA E 157 -32.82 -17.83 -11.67
CA ALA E 157 -32.12 -16.57 -11.81
C ALA E 157 -32.92 -15.62 -12.67
N THR E 158 -32.86 -14.33 -12.33
CA THR E 158 -33.50 -13.27 -13.10
C THR E 158 -32.47 -12.17 -13.26
N VAL E 159 -32.79 -11.14 -14.03
CA VAL E 159 -31.85 -10.03 -14.16
C VAL E 159 -31.50 -9.41 -12.79
N GLN E 160 -32.44 -9.41 -11.87
CA GLN E 160 -32.18 -8.90 -10.52
C GLN E 160 -31.10 -9.66 -9.75
N SER E 161 -30.87 -10.93 -10.13
CA SER E 161 -29.82 -11.74 -9.54
C SER E 161 -28.43 -11.16 -9.79
N GLN E 162 -28.31 -10.27 -10.77
CA GLN E 162 -27.06 -9.58 -11.05
C GLN E 162 -26.69 -8.53 -9.99
N VAL E 163 -27.65 -8.14 -9.15
CA VAL E 163 -27.39 -7.17 -8.06
C VAL E 163 -27.87 -7.67 -6.69
N MET E 164 -29.09 -8.18 -6.59
CA MET E 164 -29.56 -8.81 -5.36
C MET E 164 -30.93 -9.46 -5.56
N ASN E 165 -30.96 -10.77 -5.43
CA ASN E 165 -32.19 -11.54 -5.46
C ASN E 165 -32.20 -12.41 -4.22
N THR E 166 -33.09 -12.08 -3.29
CA THR E 166 -33.08 -12.70 -1.98
C THR E 166 -33.56 -14.14 -1.99
N GLU E 167 -34.04 -14.63 -3.14
CA GLU E 167 -34.34 -16.06 -3.25
C GLU E 167 -33.08 -16.93 -3.14
N HIS E 168 -31.92 -16.38 -3.50
CA HIS E 168 -30.69 -17.19 -3.60
C HIS E 168 -29.97 -17.35 -2.28
N LYS E 169 -30.53 -18.19 -1.43
CA LYS E 169 -29.98 -18.53 -0.12
C LYS E 169 -29.55 -19.98 -0.14
N ALA E 170 -28.39 -20.25 0.46
CA ALA E 170 -27.90 -21.61 0.60
C ALA E 170 -27.00 -21.76 1.82
N TYR E 171 -26.74 -23.02 2.18
CA TYR E 171 -25.72 -23.37 3.16
C TYR E 171 -24.52 -23.97 2.46
N LEU E 172 -23.32 -23.58 2.89
CA LEU E 172 -22.11 -24.24 2.43
C LEU E 172 -21.96 -25.58 3.16
N ASP E 173 -22.61 -26.58 2.60
CA ASP E 173 -22.78 -27.89 3.25
C ASP E 173 -22.25 -29.07 2.41
N LYS E 174 -21.50 -28.78 1.36
CA LYS E 174 -20.95 -29.81 0.48
C LYS E 174 -19.71 -29.29 -0.22
N ASN E 175 -18.73 -30.17 -0.43
CA ASN E 175 -17.51 -29.83 -1.19
C ASN E 175 -17.64 -30.07 -2.66
N LYS E 176 -16.75 -29.43 -3.42
CA LYS E 176 -16.73 -29.48 -4.89
C LYS E 176 -18.10 -29.13 -5.48
N ALA E 177 -18.84 -28.24 -4.82
CA ALA E 177 -20.21 -28.00 -5.23
C ALA E 177 -20.60 -26.53 -5.45
N TYR E 178 -20.17 -25.63 -4.57
CA TYR E 178 -20.63 -24.25 -4.59
C TYR E 178 -19.60 -23.37 -5.28
N PRO E 179 -19.88 -22.92 -6.51
CA PRO E 179 -18.86 -22.14 -7.17
C PRO E 179 -18.59 -20.79 -6.51
N VAL E 180 -17.33 -20.43 -6.43
CA VAL E 180 -16.91 -19.20 -5.79
C VAL E 180 -17.60 -18.01 -6.43
N GLU E 181 -17.70 -18.01 -7.76
CA GLU E 181 -18.14 -16.82 -8.48
C GLU E 181 -19.62 -16.52 -8.32
N CYS E 182 -20.44 -17.47 -7.87
CA CYS E 182 -21.84 -17.13 -7.74
C CYS E 182 -22.37 -17.04 -6.32
N TRP E 183 -21.50 -17.20 -5.32
CA TRP E 183 -21.92 -17.17 -3.92
C TRP E 183 -21.01 -16.35 -3.08
N VAL E 184 -21.59 -15.65 -2.12
CA VAL E 184 -20.82 -14.96 -1.09
C VAL E 184 -21.42 -15.24 0.28
N PRO E 185 -20.65 -15.01 1.34
CA PRO E 185 -21.31 -15.03 2.67
C PRO E 185 -22.48 -14.07 2.73
N ASP E 186 -23.59 -14.53 3.32
CA ASP E 186 -24.80 -13.73 3.44
C ASP E 186 -24.67 -12.81 4.67
N PRO E 187 -24.47 -11.49 4.44
CA PRO E 187 -24.28 -10.63 5.61
C PRO E 187 -25.56 -10.44 6.43
N THR E 188 -26.71 -10.83 5.89
CA THR E 188 -27.97 -10.75 6.61
C THR E 188 -28.15 -11.91 7.58
N ARG E 189 -27.29 -12.90 7.51
CA ARG E 189 -27.37 -14.05 8.41
C ARG E 189 -25.99 -14.21 9.06
N ASN E 190 -25.52 -15.45 9.25
CA ASN E 190 -24.19 -15.69 9.80
C ASN E 190 -23.88 -15.10 11.18
N GLU E 191 -24.88 -14.98 12.04
CA GLU E 191 -24.65 -14.49 13.40
C GLU E 191 -23.71 -15.40 14.20
N ASN E 192 -23.69 -16.68 13.85
CA ASN E 192 -22.91 -17.70 14.58
C ASN E 192 -21.64 -18.16 13.85
N THR E 193 -21.14 -17.28 12.98
CA THR E 193 -19.93 -17.50 12.20
C THR E 193 -19.14 -16.19 12.19
N ARG E 194 -17.83 -16.29 12.07
CA ARG E 194 -16.97 -15.15 11.78
C ARG E 194 -16.33 -15.41 10.44
N TYR E 195 -16.51 -14.49 9.49
CA TYR E 195 -15.93 -14.66 8.15
C TYR E 195 -15.09 -13.47 7.74
N PHE E 196 -14.11 -13.75 6.90
CA PHE E 196 -13.13 -12.75 6.44
C PHE E 196 -12.74 -13.08 5.00
N GLY E 197 -12.83 -12.10 4.10
CA GLY E 197 -12.40 -12.34 2.72
C GLY E 197 -11.91 -11.09 2.01
N THR E 198 -11.03 -11.30 1.03
CA THR E 198 -10.58 -10.21 0.18
C THR E 198 -10.54 -10.68 -1.26
N LEU E 199 -11.24 -9.94 -2.11
CA LEU E 199 -11.13 -10.08 -3.55
C LEU E 199 -10.17 -9.01 -4.06
N THR E 200 -9.11 -9.45 -4.77
CA THR E 200 -8.20 -8.52 -5.43
C THR E 200 -8.25 -8.82 -6.93
N GLY E 201 -8.84 -7.93 -7.71
CA GLY E 201 -9.15 -8.19 -9.12
C GLY E 201 -8.23 -7.49 -10.10
N GLY E 202 -7.94 -8.09 -11.23
CA GLY E 202 -7.08 -7.45 -12.20
C GLY E 202 -6.10 -8.47 -12.69
N GLU E 203 -5.81 -8.45 -13.99
CA GLU E 203 -5.01 -9.53 -14.58
C GLU E 203 -3.56 -9.52 -14.19
N ASN E 204 -3.04 -8.41 -13.70
CA ASN E 204 -1.62 -8.35 -13.34
C ASN E 204 -1.38 -8.22 -11.85
N VAL E 205 -2.43 -8.36 -11.04
CA VAL E 205 -2.29 -8.24 -9.59
C VAL E 205 -1.25 -9.24 -9.07
N PRO E 206 -0.27 -8.76 -8.25
CA PRO E 206 0.70 -9.67 -7.65
C PRO E 206 0.18 -10.37 -6.41
N PRO E 207 0.37 -11.70 -6.30
CA PRO E 207 0.06 -12.31 -4.99
C PRO E 207 0.96 -11.71 -3.92
N VAL E 208 0.37 -11.43 -2.76
CA VAL E 208 1.14 -10.99 -1.62
C VAL E 208 0.68 -11.89 -0.49
N LEU E 209 1.50 -12.87 -0.16
CA LEU E 209 1.09 -13.93 0.75
C LEU E 209 2.03 -13.93 1.93
N HIS E 210 1.47 -13.67 3.12
CA HIS E 210 2.25 -13.60 4.35
C HIS E 210 2.06 -14.88 5.12
N ILE E 211 3.15 -15.36 5.72
CA ILE E 211 3.08 -16.53 6.61
C ILE E 211 3.74 -16.18 7.95
N THR E 212 3.15 -16.65 9.04
CA THR E 212 3.75 -16.54 10.36
C THR E 212 2.95 -17.39 11.33
N ASN E 213 3.61 -17.95 12.33
CA ASN E 213 2.91 -18.67 13.40
C ASN E 213 2.72 -17.81 14.66
N THR E 214 2.82 -16.49 14.52
CA THR E 214 2.75 -15.56 15.62
C THR E 214 1.47 -14.71 15.63
N ALA E 215 0.58 -14.93 14.66
CA ALA E 215 -0.61 -14.10 14.46
C ALA E 215 -1.87 -14.86 14.87
N THR E 216 -2.66 -14.28 15.75
CA THR E 216 -3.93 -14.88 16.20
C THR E 216 -5.11 -13.95 15.93
N THR E 217 -6.20 -14.50 15.41
CA THR E 217 -7.46 -13.76 15.32
C THR E 217 -8.41 -14.19 16.45
N VAL E 218 -8.91 -13.20 17.19
CA VAL E 218 -9.88 -13.45 18.27
C VAL E 218 -11.27 -13.53 17.65
N LEU E 219 -12.06 -14.54 18.01
CA LEU E 219 -13.35 -14.79 17.36
C LEU E 219 -14.57 -14.30 18.16
N LEU E 220 -14.30 -13.68 19.29
CA LEU E 220 -15.33 -13.16 20.17
C LEU E 220 -16.00 -11.93 19.55
N ASP E 221 -17.31 -11.87 19.69
CA ASP E 221 -18.04 -10.66 19.29
C ASP E 221 -17.92 -9.54 20.35
N GLU E 222 -18.65 -8.44 20.15
CA GLU E 222 -18.55 -7.30 21.06
C GLU E 222 -19.06 -7.64 22.46
N PHE E 223 -19.80 -8.73 22.60
CA PHE E 223 -20.27 -9.20 23.91
C PHE E 223 -19.36 -10.25 24.56
N GLY E 224 -18.22 -10.54 23.91
CA GLY E 224 -17.27 -11.51 24.42
C GLY E 224 -17.68 -12.96 24.11
N VAL E 225 -18.55 -13.14 23.11
CA VAL E 225 -19.05 -14.47 22.78
C VAL E 225 -18.59 -14.90 21.37
N GLY E 226 -17.94 -16.06 21.31
CA GLY E 226 -17.52 -16.66 20.06
C GLY E 226 -18.60 -17.54 19.47
N PRO E 227 -18.35 -18.06 18.24
CA PRO E 227 -19.30 -19.02 17.64
C PRO E 227 -19.56 -20.19 18.60
N LEU E 228 -20.81 -20.61 18.71
CA LEU E 228 -21.23 -21.67 19.62
C LEU E 228 -21.59 -22.87 18.75
N CYS E 229 -20.93 -24.01 18.99
CA CYS E 229 -20.94 -25.14 18.07
C CYS E 229 -22.14 -26.04 18.27
N LYS E 230 -23.14 -25.86 17.43
CA LYS E 230 -24.39 -26.63 17.53
C LYS E 230 -24.14 -28.11 17.21
N GLY E 231 -24.65 -28.98 18.07
CA GLY E 231 -24.42 -30.42 17.91
C GLY E 231 -22.96 -30.83 18.02
N ASP E 232 -22.13 -30.01 18.67
CA ASP E 232 -20.70 -30.27 18.81
C ASP E 232 -19.99 -30.42 17.46
N ASN E 233 -20.36 -29.56 16.51
CA ASN E 233 -19.69 -29.50 15.22
C ASN E 233 -19.12 -28.13 15.00
N LEU E 234 -17.87 -28.08 14.54
CA LEU E 234 -17.23 -26.84 14.12
C LEU E 234 -17.17 -26.80 12.58
N TYR E 235 -17.52 -25.66 11.99
CA TYR E 235 -17.48 -25.49 10.54
C TYR E 235 -16.37 -24.54 10.13
N LEU E 236 -15.47 -25.05 9.29
CA LEU E 236 -14.39 -24.27 8.70
C LEU E 236 -14.62 -24.20 7.21
N SER E 237 -14.52 -22.99 6.65
CA SER E 237 -14.67 -22.78 5.22
C SER E 237 -13.52 -21.93 4.69
N ALA E 238 -13.17 -22.12 3.42
CA ALA E 238 -12.04 -21.39 2.82
C ALA E 238 -12.15 -21.32 1.33
N VAL E 239 -11.55 -20.26 0.78
CA VAL E 239 -11.21 -20.18 -0.63
C VAL E 239 -9.85 -19.49 -0.69
N ASP E 240 -8.93 -20.04 -1.46
CA ASP E 240 -7.64 -19.42 -1.70
C ASP E 240 -7.25 -19.57 -3.15
N VAL E 241 -7.94 -18.82 -3.99
CA VAL E 241 -7.60 -18.73 -5.40
C VAL E 241 -6.49 -17.70 -5.45
N CYS E 242 -5.28 -18.13 -5.79
CA CYS E 242 -4.11 -17.27 -5.65
C CYS E 242 -3.88 -16.37 -6.86
N GLY E 243 -4.47 -16.74 -7.98
CA GLY E 243 -4.22 -16.06 -9.25
C GLY E 243 -4.36 -17.08 -10.35
N MET E 244 -3.84 -16.74 -11.52
CA MET E 244 -3.82 -17.63 -12.64
C MET E 244 -2.40 -17.98 -13.04
N PHE E 245 -2.24 -19.23 -13.45
CA PHE E 245 -1.03 -19.73 -14.09
C PHE E 245 -1.20 -19.66 -15.59
N THR E 246 -0.22 -19.04 -16.26
CA THR E 246 -0.23 -18.93 -17.72
C THR E 246 0.75 -19.92 -18.32
N ASN E 247 0.28 -20.82 -19.18
CA ASN E 247 1.23 -21.75 -19.77
C ASN E 247 1.81 -21.21 -21.06
N ARG E 248 2.72 -21.98 -21.67
CA ARG E 248 3.48 -21.54 -22.82
C ARG E 248 2.57 -20.97 -23.93
N SER E 249 1.38 -21.55 -24.09
CA SER E 249 0.49 -21.15 -25.19
C SER E 249 -0.24 -19.83 -24.90
N GLY E 250 -0.19 -19.36 -23.65
CA GLY E 250 -0.93 -18.17 -23.26
C GLY E 250 -2.20 -18.53 -22.52
N SER E 251 -2.57 -19.81 -22.54
CA SER E 251 -3.79 -20.22 -21.86
CA SER E 251 -3.76 -20.28 -21.87
C SER E 251 -3.59 -20.13 -20.34
N GLN E 252 -4.68 -19.82 -19.63
CA GLN E 252 -4.60 -19.54 -18.19
C GLN E 252 -5.51 -20.45 -17.36
N GLN E 253 -5.02 -20.86 -16.19
CA GLN E 253 -5.75 -21.71 -15.26
C GLN E 253 -5.68 -21.07 -13.89
N TRP E 254 -6.76 -21.15 -13.14
CA TRP E 254 -6.72 -20.77 -11.73
C TRP E 254 -5.79 -21.71 -10.98
N ARG E 255 -5.03 -21.18 -10.01
CA ARG E 255 -4.22 -21.99 -9.10
C ARG E 255 -4.61 -21.64 -7.66
N GLY E 256 -4.91 -22.67 -6.89
CA GLY E 256 -5.23 -22.55 -5.47
C GLY E 256 -4.24 -23.24 -4.58
N LEU E 257 -4.29 -22.89 -3.30
CA LEU E 257 -3.49 -23.53 -2.28
C LEU E 257 -4.38 -23.87 -1.09
N SER E 258 -3.91 -24.84 -0.33
CA SER E 258 -4.55 -25.25 0.93
C SER E 258 -4.45 -24.19 2.04
N ARG E 259 -5.37 -24.28 3.00
CA ARG E 259 -5.34 -23.39 4.17
C ARG E 259 -5.35 -24.18 5.46
N TYR E 260 -4.40 -23.82 6.31
CA TYR E 260 -4.30 -24.33 7.69
C TYR E 260 -5.23 -23.56 8.61
N PHE E 261 -5.85 -24.28 9.54
CA PHE E 261 -6.64 -23.71 10.62
C PHE E 261 -6.23 -24.34 11.95
N LYS E 262 -6.02 -23.49 12.96
CA LYS E 262 -5.99 -23.93 14.36
C LYS E 262 -6.96 -23.09 15.15
N VAL E 263 -7.93 -23.76 15.76
CA VAL E 263 -8.98 -23.10 16.52
C VAL E 263 -8.94 -23.59 17.96
N GLN E 264 -8.93 -22.63 18.90
CA GLN E 264 -9.04 -22.95 20.32
C GLN E 264 -10.49 -22.73 20.77
N LEU E 265 -11.04 -23.70 21.48
CA LEU E 265 -12.41 -23.63 21.94
C LEU E 265 -12.47 -23.85 23.45
N ARG E 266 -13.51 -23.29 24.06
CA ARG E 266 -13.76 -23.46 25.49
C ARG E 266 -15.22 -23.84 25.70
N LYS E 267 -15.51 -24.48 26.83
CA LYS E 267 -16.88 -24.84 27.18
C LYS E 267 -17.64 -23.68 27.78
N ARG E 268 -18.82 -23.44 27.23
CA ARG E 268 -19.70 -22.38 27.68
C ARG E 268 -21.04 -22.96 28.08
N ARG E 269 -21.57 -22.58 29.25
CA ARG E 269 -22.92 -22.98 29.63
C ARG E 269 -23.94 -22.07 28.95
N VAL E 270 -25.03 -22.66 28.45
CA VAL E 270 -26.14 -21.92 27.86
C VAL E 270 -27.47 -22.45 28.41
N LYS E 271 -28.55 -21.68 28.26
CA LYS E 271 -29.90 -22.18 28.65
C LYS E 271 -30.92 -22.06 27.51
C1 SIA F . -2.27 24.77 -30.40
C2 SIA F . -2.85 24.32 -31.74
C3 SIA F . -1.83 23.60 -32.61
C4 SIA F . -1.41 22.25 -32.02
C5 SIA F . -2.60 21.38 -31.64
C6 SIA F . -3.62 22.19 -30.85
C7 SIA F . -4.92 21.42 -30.65
C8 SIA F . -5.77 22.05 -29.55
C9 SIA F . -6.03 23.55 -29.70
C10 SIA F . -2.37 18.96 -31.19
C11 SIA F . -1.87 17.95 -30.19
N5 SIA F . -2.14 20.24 -30.85
O1A SIA F . -1.06 25.09 -30.37
O1B SIA F . -2.99 24.80 -29.38
O2 SIA F . -3.35 25.46 -32.44
O4 SIA F . -0.65 21.51 -32.98
O6 SIA F . -3.94 23.41 -31.53
O7 SIA F . -5.68 21.32 -31.87
O8 SIA F . -7.01 21.32 -29.51
O9 SIA F . -7.31 23.73 -30.25
O10 SIA F . -2.94 18.60 -32.21
C1 SIA F . -6.09 19.59 -28.07
C2 SIA F . -7.21 20.61 -28.25
C3 SIA F . -8.58 19.93 -28.28
C4 SIA F . -8.98 19.40 -26.90
C5 SIA F . -8.86 20.52 -25.86
C6 SIA F . -7.45 21.10 -25.89
C7 SIA F . -7.16 22.27 -24.97
C8 SIA F . -5.78 22.89 -25.21
C9 SIA F . -5.33 23.69 -23.99
C10 SIA F . -9.79 20.80 -23.59
C11 SIA F . -10.04 20.13 -22.27
N5 SIA F . -9.18 20.05 -24.50
O1A SIA F . -6.20 18.46 -28.58
O1B SIA F . -5.05 19.92 -27.44
O4 SIA F . -10.31 18.89 -26.96
O6 SIA F . -7.20 21.60 -27.22
O7 SIA F . -8.16 23.28 -25.08
O8 SIA F . -4.78 21.89 -25.48
O9 SIA F . -3.99 24.18 -24.17
O10 SIA F . -10.14 21.96 -23.78
C1 SIA G . -24.49 0.26 -30.60
C2 SIA G . -24.32 -0.72 -31.75
C3 SIA G . -23.35 -0.18 -32.81
C4 SIA G . -21.91 -0.12 -32.27
C5 SIA G . -21.46 -1.43 -31.64
C6 SIA G . -22.51 -1.98 -30.69
C7 SIA G . -22.18 -3.40 -30.26
C8 SIA G . -23.10 -3.87 -29.13
C9 SIA G . -24.58 -3.80 -29.50
C10 SIA G . -19.08 -1.90 -31.18
C11 SIA G . -17.88 -1.56 -30.35
N5 SIA G . -20.19 -1.21 -30.93
O1A SIA G . -24.37 1.49 -30.79
O1B SIA G . -24.76 -0.21 -29.47
O2 SIA G . -25.60 -0.96 -32.35
O4 SIA G . -21.02 0.18 -33.34
O6 SIA G . -23.81 -1.98 -31.31
O7 SIA G . -22.32 -4.31 -31.36
O8 SIA G . -22.72 -5.22 -28.79
O9 SIA G . -25.30 -4.83 -28.84
O10 SIA G . -19.03 -2.79 -32.02
C1 SIA G . -20.84 -4.57 -27.45
C2 SIA G . -22.17 -5.34 -27.46
C3 SIA G . -22.00 -6.84 -27.19
C4 SIA G . -21.71 -7.13 -25.72
C5 SIA G . -22.72 -6.47 -24.80
C6 SIA G . -22.76 -4.98 -25.12
C7 SIA G . -23.74 -4.17 -24.28
C8 SIA G . -23.84 -2.73 -24.81
C9 SIA G . -24.54 -1.86 -23.79
C10 SIA G . -23.17 -6.90 -22.44
C11 SIA G . -22.58 -7.14 -21.07
N5 SIA G . -22.31 -6.71 -23.43
O1A SIA G . -19.82 -5.10 -27.93
O1B SIA G . -20.82 -3.41 -26.96
O4 SIA G . -21.70 -8.55 -25.47
O6 SIA G . -23.09 -4.81 -26.50
O7 SIA G . -25.04 -4.78 -24.29
O8 SIA G . -22.55 -2.18 -25.14
O9 SIA G . -24.48 -0.49 -24.19
O10 SIA G . -24.36 -6.88 -22.63
C1 GOL H . 6.31 -22.34 23.14
O1 GOL H . 5.84 -21.11 22.58
C2 GOL H . 7.67 -22.08 23.77
O2 GOL H . 8.65 -21.72 22.78
C3 GOL H . 8.12 -23.34 24.49
O3 GOL H . 8.71 -24.24 23.53
C1 GOL I . 8.66 -9.56 4.98
O1 GOL I . 9.79 -8.89 4.41
C2 GOL I . 9.03 -10.16 6.32
O2 GOL I . 9.57 -11.46 6.11
C3 GOL I . 7.82 -10.32 7.22
O3 GOL I . 6.93 -11.26 6.62
C1 EDO J . 8.34 -9.06 12.64
O1 EDO J . 7.86 -8.14 13.63
C2 EDO J . 7.34 -9.11 11.49
O2 EDO J . 8.08 -9.16 10.27
C1 GOL K . 9.39 -7.08 -0.90
O1 GOL K . 10.50 -6.40 -1.53
C2 GOL K . 9.28 -6.70 0.57
O2 GOL K . 10.51 -6.95 1.26
C3 GOL K . 8.19 -7.53 1.26
O3 GOL K . 8.72 -8.74 1.79
C1 GOL L . 15.14 -27.30 -18.07
O1 GOL L . 14.96 -27.91 -19.34
C2 GOL L . 13.76 -27.15 -17.47
O2 GOL L . 13.29 -28.44 -17.10
C3 GOL L . 13.77 -26.15 -16.31
O3 GOL L . 13.45 -26.79 -15.08
K K M . 0.39 -28.02 16.27
C1 SIA N . 21.27 13.44 -23.87
C2 SIA N . 21.88 14.84 -23.82
C3 SIA N . 20.82 15.95 -23.96
C4 SIA N . 19.98 16.16 -22.70
C5 SIA N . 20.88 16.35 -21.47
C6 SIA N . 21.83 15.16 -21.37
C7 SIA N . 22.81 15.23 -20.19
C8 SIA N . 23.90 14.15 -20.28
C9 SIA N . 24.61 13.96 -18.94
C10 SIA N . 20.37 17.19 -19.21
C11 SIA N . 19.42 17.14 -18.06
N5 SIA N . 20.05 16.44 -20.27
O1A SIA N . 20.25 13.22 -24.56
O1B SIA N . 21.83 12.52 -23.21
O2 SIA N . 22.82 14.95 -24.90
O4 SIA N . 19.07 17.26 -22.89
O6 SIA N . 22.61 15.03 -22.58
O7 SIA N . 23.46 16.51 -20.16
O8 SIA N . 23.33 12.92 -20.73
O9 SIA N . 25.49 12.83 -19.00
O10 SIA N . 21.37 17.88 -19.18
C1 EDO O . 13.29 6.58 4.72
O1 EDO O . 12.26 7.11 3.87
C2 EDO O . 12.70 5.90 5.95
O2 EDO O . 13.13 4.54 5.97
C1 EDO P . 11.19 6.53 10.29
O1 EDO P . 11.46 6.91 8.94
C2 EDO P . 11.46 7.74 11.17
O2 EDO P . 10.79 7.55 12.42
C1 GOL Q . 9.19 6.41 -2.48
O1 GOL Q . 9.63 7.58 -3.21
C2 GOL Q . 9.25 6.62 -0.96
O2 GOL Q . 10.00 7.80 -0.64
C3 GOL Q . 9.90 5.43 -0.25
O3 GOL Q . 11.00 5.84 0.57
C1 GOL R . 30.19 1.76 -19.35
O1 GOL R . 31.50 1.93 -19.94
C2 GOL R . 30.48 1.46 -17.89
O2 GOL R . 31.05 0.15 -17.80
C3 GOL R . 29.20 1.48 -17.06
O3 GOL R . 29.60 1.34 -15.70
C1 EDO S . -6.53 13.88 -0.20
O1 EDO S . -5.40 14.13 -1.06
C2 EDO S . -7.23 12.61 -0.69
O2 EDO S . -7.45 11.63 0.34
C1 GOL T . 3.92 27.03 17.61
O1 GOL T . 5.19 27.68 17.64
C2 GOL T . 2.75 27.93 17.99
O2 GOL T . 1.88 28.09 16.86
C3 GOL T . 3.16 29.33 18.48
O3 GOL T . 3.21 30.29 17.42
C1 EDO U . -2.26 14.38 7.54
O1 EDO U . -2.82 14.46 6.23
C2 EDO U . -3.09 15.25 8.48
O2 EDO U . -3.60 14.45 9.55
C1 GOL V . -3.06 14.42 1.52
O1 GOL V . -2.95 13.76 0.25
C2 GOL V . -1.70 14.97 1.92
O2 GOL V . -1.85 16.29 2.43
C3 GOL V . -1.07 14.15 3.03
O3 GOL V . 0.27 14.61 3.17
C1 GOL W . -1.87 11.22 -2.70
O1 GOL W . -2.01 12.24 -1.70
C2 GOL W . -3.19 10.51 -2.99
O2 GOL W . -4.27 11.42 -2.71
C3 GOL W . -3.19 10.02 -4.46
O3 GOL W . -4.12 10.71 -5.29
C1 GOL X . 8.31 24.54 -24.45
O1 GOL X . 7.83 25.44 -25.46
C2 GOL X . 8.59 25.35 -23.18
O2 GOL X . 9.98 25.63 -23.13
C3 GOL X . 8.24 24.58 -21.90
O3 GOL X . 6.85 24.24 -21.98
C1 GOL Y . -24.51 15.94 15.36
O1 GOL Y . -23.25 15.26 15.30
C2 GOL Y . -25.62 14.92 15.64
O2 GOL Y . -25.88 14.12 14.50
C3 GOL Y . -26.90 15.65 16.00
O3 GOL Y . -27.25 16.55 14.94
C1 GOL Z . -13.65 4.02 2.45
O1 GOL Z . -13.58 5.45 2.37
C2 GOL Z . -14.65 3.55 1.42
O2 GOL Z . -15.94 4.01 1.83
C3 GOL Z . -14.65 2.04 1.27
O3 GOL Z . -13.89 1.70 0.11
C1 EDO AA . -15.18 3.34 8.29
O1 EDO AA . -14.74 3.50 9.64
C2 EDO AA . -14.06 3.82 7.37
O2 EDO AA . -14.46 3.59 6.02
C1 GOL BA . -20.93 10.81 -26.87
O1 GOL BA . -21.84 10.94 -27.98
C2 GOL BA . -21.41 11.72 -25.75
O2 GOL BA . -21.10 13.05 -26.10
C3 GOL BA . -20.73 11.42 -24.42
O3 GOL BA . -21.06 10.07 -24.04
K K CA . -29.10 -10.40 10.58
C1 GOL DA . -17.18 -31.47 5.08
O1 GOL DA . -16.70 -32.14 6.26
C2 GOL DA . -18.66 -31.65 4.83
O2 GOL DA . -18.82 -32.04 3.47
C3 GOL DA . -19.45 -30.35 5.07
O3 GOL DA . -20.76 -30.60 5.58
C1 EDO EA . -8.13 -10.32 9.30
O1 EDO EA . -7.68 -11.24 8.31
C2 EDO EA . -8.76 -11.10 10.45
O2 EDO EA . -7.99 -10.96 11.64
C1 GOL FA . -8.62 -11.68 5.00
O1 GOL FA . -9.58 -10.84 4.33
C2 GOL FA . -7.89 -12.56 3.99
O2 GOL FA . -6.78 -13.18 4.63
C3 GOL FA . -7.35 -11.77 2.82
O3 GOL FA . -6.06 -12.26 2.44
C1 GOL GA . -3.04 -10.93 -2.30
O1 GOL GA . -2.39 -12.15 -2.69
C2 GOL GA . -3.43 -10.88 -0.81
O2 GOL GA . -3.46 -12.19 -0.19
C3 GOL GA . -4.80 -10.21 -0.63
O3 GOL GA . -5.77 -11.05 0.00
C1 GOL HA . -17.17 -21.77 -22.88
O1 GOL HA . -16.38 -22.77 -22.22
C2 GOL HA . -18.04 -21.09 -21.84
O2 GOL HA . -19.10 -20.36 -22.45
C3 GOL HA . -17.19 -20.16 -20.96
O3 GOL HA . -17.77 -20.14 -19.66
#